data_1QVR
#
_entry.id   1QVR
#
_cell.length_a   107.747
_cell.length_b   138.482
_cell.length_c   212.215
_cell.angle_alpha   90.00
_cell.angle_beta   90.00
_cell.angle_gamma   90.00
#
_symmetry.space_group_name_H-M   'P 21 21 21'
#
loop_
_entity.id
_entity.type
_entity.pdbx_description
1 polymer 'ClpB protein'
2 non-polymer 'PLATINUM (II) ION'
3 non-polymer 'PHOSPHOAMINOPHOSPHONIC ACID-ADENYLATE ESTER'
#
_entity_poly.entity_id   1
_entity_poly.type   'polypeptide(L)'
_entity_poly.pdbx_seq_one_letter_code
;MNLERWTQAAREALAQAQVLAQRMKHQAIDLPHLWAVLLKDERSLAWRLLEKAGADPKALKELQERELARLPKVEGAEVG
QYLTSRLSGALNRAEGLMEELKDRYVAVDTLVLALAEATPGLPGLEALKGALKELRGGRTVQTEHAESTYNALEQYGIDL
TRLAAEGKLDPVIGRDEEIRRVIQILLRRTKNNPVLIGEPGVGKTAIVEGLAQRIVKGDVPEGLKGKRIVSLQMGSLLAG
AKYRGEFEERLKAVIQEVVQSQGEVILFIDELHTVVGAGKAEGAVDAGNMLKPALARGELRLIGATTLDEYREIEKDPAL
ERRFQPVYVDEPTVEETISILRGLKEKYEVHHGVRISDSAIIAAATLSHRYITERRLPDKAIDLIDEAAARLRMALESAP
EEIDALERKKLQLEIEREALKKEKDPDSQERLKAIEAEIAKLTEEIAKLRAEWEREREILRKLREAQHRLDEVRREIELA
ERQYDLNRAAELRYGELPKLEAEVEALSEKLRGARFVRLEVTEEDIAEIVSRWTGIPVSKLLEGEREKLLRLEEELHKRV
VGQDEAIRAVADAIRRARAGLKDPNRPIGSFLFLGPTGVGKTELAKTLAATLFDTEEAMIRIDMTEYMEKHAVSRLIGAP
PGYVGYEEGGQLTEAVRRRPYSVILFDEIEKAHPDVFNILLQILDDGRLTDSHGRTVDFRNTVIILTSNLGSPLILEGLQ
KGWPYERIRDEVFKVLQQHFRPEFLNRLDEIVVFRPLTKEQIRQIVEIQLSYLRARLAEKRISLELTEAAKDFLAERGYD
PVFGARPLRRVIQRELETPLAQKILAGEVKEGDRVQVDVGPAGLVFAVPARVEA
;
_entity_poly.pdbx_strand_id   A,B,C
#
loop_
_chem_comp.id
_chem_comp.type
_chem_comp.name
_chem_comp.formula
ANP non-polymer 'PHOSPHOAMINOPHOSPHONIC ACID-ADENYLATE ESTER' 'C10 H17 N6 O12 P3'
PT non-polymer 'PLATINUM (II) ION' 'Pt 2'
#
# COMPACT_ATOMS: atom_id res chain seq x y z
N GLU A 4 -56.98 13.69 -30.39
CA GLU A 4 -56.77 13.37 -28.95
C GLU A 4 -58.04 12.83 -28.30
N ARG A 5 -57.90 11.73 -27.55
CA ARG A 5 -59.05 11.09 -26.88
C ARG A 5 -58.68 9.76 -26.19
N TRP A 6 -57.81 8.98 -26.83
CA TRP A 6 -57.35 7.69 -26.32
C TRP A 6 -55.91 7.84 -25.84
N THR A 7 -55.47 6.96 -24.95
CA THR A 7 -54.10 7.03 -24.47
C THR A 7 -53.13 6.81 -25.62
N GLN A 8 -51.91 7.32 -25.49
CA GLN A 8 -50.91 7.16 -26.54
C GLN A 8 -50.63 5.68 -26.75
N ALA A 9 -50.68 4.90 -25.67
CA ALA A 9 -50.43 3.48 -25.75
C ALA A 9 -51.36 2.84 -26.79
N ALA A 10 -52.62 2.72 -26.45
CA ALA A 10 -53.62 2.13 -27.33
C ALA A 10 -53.60 2.84 -28.69
N ARG A 11 -53.40 4.15 -28.65
CA ARG A 11 -53.36 4.97 -29.86
C ARG A 11 -52.31 4.38 -30.81
N GLU A 12 -51.09 4.20 -30.31
CA GLU A 12 -50.01 3.65 -31.10
C GLU A 12 -50.35 2.23 -31.57
N ALA A 13 -51.00 1.47 -30.69
CA ALA A 13 -51.40 0.11 -31.01
C ALA A 13 -52.24 0.07 -32.29
N LEU A 14 -53.16 1.01 -32.40
CA LEU A 14 -54.04 1.10 -33.57
C LEU A 14 -53.22 1.40 -34.81
N ALA A 15 -52.40 2.44 -34.74
CA ALA A 15 -51.55 2.82 -35.88
C ALA A 15 -50.74 1.61 -36.32
N GLN A 16 -50.20 0.89 -35.34
CA GLN A 16 -49.40 -0.31 -35.58
C GLN A 16 -50.17 -1.29 -36.45
N ALA A 17 -51.37 -1.64 -35.99
CA ALA A 17 -52.25 -2.56 -36.68
C ALA A 17 -52.54 -2.05 -38.09
N GLN A 18 -52.78 -0.75 -38.19
CA GLN A 18 -53.07 -0.13 -39.47
C GLN A 18 -51.91 -0.31 -40.44
N VAL A 19 -50.71 0.05 -39.98
CA VAL A 19 -49.51 -0.08 -40.82
C VAL A 19 -49.28 -1.54 -41.22
N LEU A 20 -49.65 -2.46 -40.33
CA LEU A 20 -49.51 -3.88 -40.62
C LEU A 20 -50.39 -4.23 -41.80
N ALA A 21 -51.64 -3.78 -41.72
CA ALA A 21 -52.60 -4.03 -42.79
C ALA A 21 -51.97 -3.65 -44.12
N GLN A 22 -51.38 -2.45 -44.14
CA GLN A 22 -50.72 -1.95 -45.33
C GLN A 22 -49.58 -2.87 -45.77
N ARG A 23 -48.62 -3.09 -44.87
CA ARG A 23 -47.48 -3.95 -45.18
C ARG A 23 -47.89 -5.23 -45.92
N MET A 24 -48.80 -5.99 -45.32
CA MET A 24 -49.27 -7.25 -45.91
C MET A 24 -50.24 -7.02 -47.07
N LYS A 25 -50.41 -5.76 -47.45
CA LYS A 25 -51.29 -5.37 -48.56
C LYS A 25 -52.74 -5.82 -48.38
N HIS A 26 -53.34 -5.49 -47.23
CA HIS A 26 -54.72 -5.85 -46.97
C HIS A 26 -55.65 -4.68 -47.23
N GLN A 27 -56.94 -4.95 -47.28
CA GLN A 27 -57.92 -3.90 -47.54
C GLN A 27 -58.69 -3.51 -46.29
N ALA A 28 -59.08 -4.50 -45.49
CA ALA A 28 -59.85 -4.25 -44.29
C ALA A 28 -59.02 -4.44 -43.02
N ILE A 29 -58.84 -3.36 -42.25
CA ILE A 29 -58.09 -3.46 -41.00
C ILE A 29 -58.97 -4.21 -40.02
N ASP A 30 -58.76 -5.51 -39.93
CA ASP A 30 -59.55 -6.38 -39.06
C ASP A 30 -58.89 -6.61 -37.71
N LEU A 31 -59.56 -7.38 -36.86
CA LEU A 31 -59.07 -7.71 -35.51
C LEU A 31 -57.70 -8.39 -35.54
N PRO A 32 -57.52 -9.40 -36.40
CA PRO A 32 -56.23 -10.09 -36.49
C PRO A 32 -55.04 -9.13 -36.53
N HIS A 33 -55.23 -7.97 -37.14
CA HIS A 33 -54.17 -6.98 -37.23
C HIS A 33 -53.85 -6.42 -35.87
N LEU A 34 -54.88 -6.03 -35.13
CA LEU A 34 -54.71 -5.46 -33.81
C LEU A 34 -54.06 -6.49 -32.88
N TRP A 35 -54.51 -7.73 -32.97
CA TRP A 35 -53.96 -8.81 -32.17
C TRP A 35 -52.47 -8.94 -32.48
N ALA A 36 -52.17 -9.20 -33.74
CA ALA A 36 -50.80 -9.37 -34.22
C ALA A 36 -49.80 -8.40 -33.61
N VAL A 37 -50.19 -7.14 -33.48
CA VAL A 37 -49.28 -6.14 -32.93
C VAL A 37 -49.32 -6.09 -31.40
N LEU A 38 -50.47 -6.39 -30.81
CA LEU A 38 -50.60 -6.37 -29.35
C LEU A 38 -49.86 -7.52 -28.69
N LEU A 39 -49.84 -8.67 -29.37
CA LEU A 39 -49.18 -9.86 -28.84
C LEU A 39 -47.79 -10.02 -29.43
N LYS A 40 -46.87 -9.15 -28.99
CA LYS A 40 -45.50 -9.20 -29.48
C LYS A 40 -44.59 -10.16 -28.70
N ASP A 41 -44.48 -9.96 -27.39
CA ASP A 41 -43.65 -10.82 -26.56
C ASP A 41 -44.45 -11.43 -25.41
N GLU A 42 -43.77 -12.17 -24.56
CA GLU A 42 -44.41 -12.78 -23.40
C GLU A 42 -44.64 -11.62 -22.44
N ARG A 43 -43.78 -10.61 -22.58
CA ARG A 43 -43.81 -9.41 -21.77
C ARG A 43 -44.94 -8.47 -22.15
N SER A 44 -45.40 -8.58 -23.40
CA SER A 44 -46.49 -7.74 -23.87
C SER A 44 -47.68 -7.77 -22.92
N LEU A 45 -48.18 -6.60 -22.54
CA LEU A 45 -49.31 -6.50 -21.63
C LEU A 45 -50.48 -7.36 -22.10
N ALA A 46 -50.79 -7.28 -23.39
CA ALA A 46 -51.88 -8.06 -23.96
C ALA A 46 -51.64 -9.54 -23.70
N TRP A 47 -50.38 -9.94 -23.71
CA TRP A 47 -50.00 -11.32 -23.48
C TRP A 47 -50.15 -11.65 -21.99
N ARG A 48 -49.55 -10.83 -21.13
CA ARG A 48 -49.62 -11.03 -19.69
C ARG A 48 -51.06 -11.18 -19.25
N LEU A 49 -51.80 -10.07 -19.34
CA LEU A 49 -53.21 -10.01 -18.96
C LEU A 49 -54.00 -11.20 -19.47
N LEU A 50 -53.75 -11.59 -20.71
CA LEU A 50 -54.45 -12.71 -21.33
C LEU A 50 -54.05 -14.06 -20.75
N GLU A 51 -52.76 -14.24 -20.47
CA GLU A 51 -52.27 -15.50 -19.91
C GLU A 51 -52.67 -15.62 -18.45
N LYS A 52 -52.77 -14.47 -17.78
CA LYS A 52 -53.14 -14.45 -16.38
C LYS A 52 -54.64 -14.65 -16.25
N ALA A 53 -55.34 -14.61 -17.37
CA ALA A 53 -56.80 -14.80 -17.35
C ALA A 53 -57.15 -16.25 -17.69
N GLY A 54 -56.31 -16.89 -18.49
CA GLY A 54 -56.54 -18.27 -18.88
C GLY A 54 -56.02 -18.57 -20.26
N ALA A 55 -56.68 -18.01 -21.28
CA ALA A 55 -56.31 -18.22 -22.68
C ALA A 55 -54.83 -18.00 -22.94
N ASP A 56 -54.16 -19.00 -23.52
CA ASP A 56 -52.76 -18.86 -23.82
C ASP A 56 -52.60 -17.99 -25.08
N PRO A 57 -52.05 -16.77 -24.90
CA PRO A 57 -51.83 -15.79 -25.95
C PRO A 57 -51.15 -16.33 -27.22
N LYS A 58 -50.11 -17.14 -27.03
CA LYS A 58 -49.39 -17.68 -28.16
C LYS A 58 -50.33 -18.34 -29.17
N ALA A 59 -51.18 -19.24 -28.71
CA ALA A 59 -52.13 -19.91 -29.60
C ALA A 59 -53.00 -18.86 -30.29
N LEU A 60 -53.44 -17.86 -29.53
CA LEU A 60 -54.27 -16.79 -30.08
C LEU A 60 -53.52 -16.09 -31.20
N LYS A 61 -52.34 -15.56 -30.88
CA LYS A 61 -51.52 -14.87 -31.86
C LYS A 61 -51.27 -15.79 -33.04
N GLU A 62 -50.95 -17.03 -32.72
CA GLU A 62 -50.67 -18.05 -33.73
C GLU A 62 -51.81 -18.17 -34.73
N LEU A 63 -53.01 -18.40 -34.22
CA LEU A 63 -54.21 -18.55 -35.05
C LEU A 63 -54.64 -17.26 -35.74
N GLN A 64 -54.43 -16.14 -35.05
CA GLN A 64 -54.81 -14.84 -35.59
C GLN A 64 -54.01 -14.49 -36.84
N GLU A 65 -52.71 -14.75 -36.81
CA GLU A 65 -51.86 -14.46 -37.95
C GLU A 65 -52.23 -15.37 -39.12
N ARG A 66 -52.80 -16.52 -38.79
CA ARG A 66 -53.21 -17.49 -39.79
C ARG A 66 -54.29 -16.84 -40.65
N GLU A 67 -55.22 -16.15 -40.00
CA GLU A 67 -56.31 -15.48 -40.69
C GLU A 67 -55.75 -14.41 -41.61
N LEU A 68 -54.85 -13.58 -41.08
CA LEU A 68 -54.22 -12.52 -41.85
C LEU A 68 -53.58 -13.10 -43.12
N ALA A 69 -52.99 -14.27 -42.98
CA ALA A 69 -52.34 -14.96 -44.10
C ALA A 69 -53.36 -15.48 -45.10
N ARG A 70 -54.60 -15.68 -44.65
CA ARG A 70 -55.68 -16.17 -45.51
C ARG A 70 -56.56 -15.02 -46.04
N LEU A 71 -55.99 -13.82 -46.11
CA LEU A 71 -56.73 -12.65 -46.60
C LEU A 71 -56.27 -12.25 -48.01
N PRO A 72 -57.08 -11.47 -48.75
CA PRO A 72 -56.76 -11.04 -50.12
C PRO A 72 -55.66 -9.96 -50.27
N LYS A 73 -54.96 -9.96 -51.41
CA LYS A 73 -53.93 -8.97 -51.69
C LYS A 73 -54.48 -7.90 -52.66
N VAL A 74 -54.84 -6.74 -52.13
CA VAL A 74 -55.38 -5.67 -52.97
C VAL A 74 -54.24 -4.84 -53.57
N GLU A 75 -54.45 -3.52 -53.66
CA GLU A 75 -53.45 -2.62 -54.21
C GLU A 75 -53.51 -1.19 -53.69
N GLY A 76 -52.75 -0.31 -54.34
CA GLY A 76 -52.70 1.10 -53.97
C GLY A 76 -53.69 1.70 -53.01
N ALA A 77 -54.68 2.40 -53.54
CA ALA A 77 -55.71 3.07 -52.74
C ALA A 77 -56.66 2.14 -51.98
N GLU A 78 -56.46 0.83 -52.13
CA GLU A 78 -57.32 -0.13 -51.43
C GLU A 78 -56.63 -0.71 -50.20
N VAL A 79 -55.33 -0.45 -50.06
CA VAL A 79 -54.57 -0.93 -48.92
C VAL A 79 -54.92 -0.17 -47.66
N GLY A 80 -55.29 -0.89 -46.61
CA GLY A 80 -55.66 -0.24 -45.36
C GLY A 80 -56.79 0.74 -45.62
N GLN A 81 -57.64 0.36 -46.57
CA GLN A 81 -58.77 1.17 -46.98
C GLN A 81 -59.78 1.51 -45.87
N TYR A 82 -60.05 0.58 -44.98
CA TYR A 82 -61.01 0.83 -43.91
C TYR A 82 -60.93 -0.14 -42.75
N LEU A 83 -61.78 0.09 -41.75
CA LEU A 83 -61.85 -0.76 -40.57
C LEU A 83 -63.05 -1.67 -40.60
N THR A 84 -62.80 -2.97 -40.45
CA THR A 84 -63.85 -3.98 -40.42
C THR A 84 -64.90 -3.59 -39.38
N SER A 85 -66.14 -3.98 -39.61
CA SER A 85 -67.22 -3.67 -38.68
C SER A 85 -66.89 -4.20 -37.30
N ARG A 86 -66.37 -5.43 -37.25
CA ARG A 86 -66.01 -6.08 -35.99
C ARG A 86 -65.05 -5.25 -35.18
N LEU A 87 -63.94 -4.87 -35.80
CA LEU A 87 -62.93 -4.05 -35.14
C LEU A 87 -63.53 -2.76 -34.59
N SER A 88 -64.12 -1.95 -35.47
CA SER A 88 -64.74 -0.70 -35.07
C SER A 88 -65.68 -0.94 -33.88
N GLY A 89 -66.50 -1.98 -33.98
CA GLY A 89 -67.41 -2.31 -32.91
C GLY A 89 -66.67 -2.53 -31.61
N ALA A 90 -65.62 -3.34 -31.65
CA ALA A 90 -64.82 -3.61 -30.46
C ALA A 90 -64.18 -2.33 -29.95
N LEU A 91 -63.60 -1.56 -30.87
CA LEU A 91 -62.95 -0.30 -30.52
C LEU A 91 -63.90 0.61 -29.74
N ASN A 92 -65.13 0.73 -30.22
CA ASN A 92 -66.13 1.56 -29.55
C ASN A 92 -66.61 0.89 -28.27
N ARG A 93 -66.51 -0.42 -28.20
CA ARG A 93 -66.94 -1.15 -27.02
C ARG A 93 -65.89 -0.97 -25.93
N ALA A 94 -64.66 -0.70 -26.36
CA ALA A 94 -63.55 -0.49 -25.44
C ALA A 94 -63.78 0.79 -24.64
N GLU A 95 -64.45 1.76 -25.28
CA GLU A 95 -64.74 3.04 -24.64
C GLU A 95 -65.84 2.84 -23.59
N GLY A 96 -66.79 1.96 -23.90
CA GLY A 96 -67.85 1.69 -22.95
C GLY A 96 -67.29 1.01 -21.72
N LEU A 97 -66.21 0.25 -21.92
CA LEU A 97 -65.56 -0.47 -20.83
C LEU A 97 -64.65 0.42 -19.99
N MET A 98 -64.19 1.53 -20.55
CA MET A 98 -63.32 2.44 -19.81
C MET A 98 -64.16 3.30 -18.86
N GLU A 99 -65.40 3.56 -19.26
CA GLU A 99 -66.31 4.35 -18.44
C GLU A 99 -66.78 3.52 -17.26
N GLU A 100 -66.81 2.20 -17.46
CA GLU A 100 -67.22 1.26 -16.43
C GLU A 100 -66.07 0.99 -15.46
N LEU A 101 -65.01 1.79 -15.57
CA LEU A 101 -63.83 1.61 -14.71
C LEU A 101 -63.32 2.90 -14.12
N LYS A 102 -63.75 4.02 -14.69
CA LYS A 102 -63.35 5.36 -14.26
C LYS A 102 -62.09 5.87 -14.96
N ASP A 103 -61.51 5.06 -15.83
CA ASP A 103 -60.31 5.47 -16.56
C ASP A 103 -60.67 6.62 -17.50
N ARG A 104 -60.05 7.77 -17.30
CA ARG A 104 -60.32 8.94 -18.12
C ARG A 104 -60.04 8.70 -19.59
N TYR A 105 -59.32 7.63 -19.89
CA TYR A 105 -58.97 7.30 -21.27
C TYR A 105 -59.07 5.81 -21.54
N VAL A 106 -58.87 5.43 -22.79
CA VAL A 106 -58.91 4.04 -23.20
C VAL A 106 -57.48 3.49 -23.26
N ALA A 107 -57.10 2.71 -22.25
CA ALA A 107 -55.76 2.13 -22.21
C ALA A 107 -55.70 0.85 -23.04
N VAL A 108 -54.49 0.31 -23.20
CA VAL A 108 -54.32 -0.91 -23.97
C VAL A 108 -54.99 -2.13 -23.34
N ASP A 109 -55.02 -2.17 -22.01
CA ASP A 109 -55.64 -3.30 -21.31
C ASP A 109 -57.16 -3.28 -21.46
N THR A 110 -57.74 -2.08 -21.39
CA THR A 110 -59.18 -1.95 -21.54
C THR A 110 -59.53 -2.31 -22.98
N LEU A 111 -58.55 -2.17 -23.86
CA LEU A 111 -58.71 -2.49 -25.27
C LEU A 111 -58.67 -4.00 -25.49
N VAL A 112 -57.91 -4.70 -24.66
CA VAL A 112 -57.81 -6.16 -24.76
C VAL A 112 -59.14 -6.79 -24.41
N LEU A 113 -59.81 -6.25 -23.40
CA LEU A 113 -61.13 -6.76 -23.00
C LEU A 113 -62.05 -6.73 -24.20
N ALA A 114 -62.22 -5.54 -24.78
CA ALA A 114 -63.07 -5.33 -25.94
C ALA A 114 -62.82 -6.39 -27.01
N LEU A 115 -61.57 -6.55 -27.41
CA LEU A 115 -61.20 -7.54 -28.42
C LEU A 115 -61.46 -8.94 -27.89
N ALA A 116 -61.15 -9.15 -26.62
CA ALA A 116 -61.36 -10.44 -25.98
C ALA A 116 -62.84 -10.79 -26.06
N GLU A 117 -63.66 -9.77 -26.27
CA GLU A 117 -65.10 -9.97 -26.41
C GLU A 117 -65.39 -10.29 -27.87
N ALA A 118 -64.76 -9.54 -28.77
CA ALA A 118 -64.97 -9.74 -30.20
C ALA A 118 -64.29 -11.01 -30.70
N THR A 119 -63.69 -11.76 -29.78
CA THR A 119 -63.00 -12.99 -30.14
C THR A 119 -63.53 -14.19 -29.37
N PRO A 120 -64.30 -15.06 -30.04
CA PRO A 120 -64.88 -16.26 -29.42
C PRO A 120 -63.86 -17.36 -29.15
N GLY A 121 -63.75 -17.77 -27.89
CA GLY A 121 -62.80 -18.82 -27.56
C GLY A 121 -61.99 -18.53 -26.31
N LEU A 122 -61.92 -17.27 -25.91
CA LEU A 122 -61.16 -16.88 -24.72
C LEU A 122 -61.98 -16.12 -23.68
N PRO A 123 -61.58 -16.19 -22.40
CA PRO A 123 -62.17 -15.57 -21.22
C PRO A 123 -63.12 -14.39 -21.41
N GLY A 124 -64.15 -14.31 -20.56
CA GLY A 124 -65.13 -13.25 -20.64
C GLY A 124 -64.82 -12.12 -19.68
N LEU A 125 -65.55 -11.01 -19.79
CA LEU A 125 -65.34 -9.85 -18.94
C LEU A 125 -65.08 -10.20 -17.49
N GLU A 126 -65.94 -11.01 -16.90
CA GLU A 126 -65.79 -11.40 -15.51
C GLU A 126 -64.35 -11.85 -15.21
N ALA A 127 -63.88 -12.84 -15.95
CA ALA A 127 -62.52 -13.35 -15.76
C ALA A 127 -61.46 -12.32 -16.16
N LEU A 128 -61.68 -11.68 -17.31
CA LEU A 128 -60.77 -10.68 -17.84
C LEU A 128 -60.66 -9.42 -16.99
N LYS A 129 -61.79 -8.86 -16.55
CA LYS A 129 -61.78 -7.65 -15.71
C LYS A 129 -61.03 -7.94 -14.41
N GLY A 130 -61.16 -9.17 -13.93
CA GLY A 130 -60.48 -9.56 -12.70
C GLY A 130 -58.97 -9.61 -12.87
N ALA A 131 -58.52 -10.13 -14.00
CA ALA A 131 -57.09 -10.22 -14.29
C ALA A 131 -56.53 -8.82 -14.54
N LEU A 132 -57.22 -8.05 -15.38
CA LEU A 132 -56.79 -6.69 -15.67
C LEU A 132 -56.73 -5.89 -14.37
N LYS A 133 -57.75 -6.09 -13.52
CA LYS A 133 -57.82 -5.41 -12.23
C LYS A 133 -56.60 -5.78 -11.39
N GLU A 134 -55.97 -6.91 -11.73
CA GLU A 134 -54.79 -7.36 -10.99
C GLU A 134 -53.57 -6.57 -11.46
N LEU A 135 -53.63 -5.26 -11.23
CA LEU A 135 -52.58 -4.31 -11.57
C LEU A 135 -52.94 -3.04 -10.80
N ARG A 136 -53.48 -3.26 -9.60
CA ARG A 136 -53.94 -2.23 -8.65
C ARG A 136 -53.98 -0.75 -9.04
N GLY A 137 -55.08 -0.37 -9.71
CA GLY A 137 -55.32 1.00 -10.13
C GLY A 137 -54.24 1.84 -10.77
N GLY A 138 -54.62 3.06 -11.13
CA GLY A 138 -53.68 3.98 -11.75
C GLY A 138 -53.82 4.05 -13.25
N ARG A 139 -55.05 3.98 -13.76
CA ARG A 139 -55.30 4.03 -15.20
C ARG A 139 -56.09 5.26 -15.63
N THR A 140 -56.53 6.04 -14.64
CA THR A 140 -57.29 7.25 -14.91
C THR A 140 -56.35 8.43 -15.07
N VAL A 141 -55.06 8.11 -15.11
CA VAL A 141 -54.00 9.12 -15.24
C VAL A 141 -54.11 9.93 -16.53
N GLN A 142 -52.96 10.38 -17.04
CA GLN A 142 -52.92 11.18 -18.27
C GLN A 142 -53.10 10.36 -19.53
N THR A 143 -53.23 11.07 -20.65
CA THR A 143 -53.44 10.43 -21.95
C THR A 143 -52.13 10.29 -22.73
N GLU A 144 -51.24 11.27 -22.57
CA GLU A 144 -49.96 11.26 -23.28
C GLU A 144 -48.96 10.29 -22.66
N HIS A 145 -49.40 9.55 -21.65
CA HIS A 145 -48.52 8.58 -21.00
C HIS A 145 -49.27 7.76 -19.95
N ALA A 146 -49.54 6.50 -20.27
CA ALA A 146 -50.23 5.61 -19.35
C ALA A 146 -49.18 4.89 -18.51
N GLU A 147 -47.93 4.96 -18.96
CA GLU A 147 -46.80 4.35 -18.28
C GLU A 147 -47.00 2.86 -18.05
N SER A 148 -46.83 2.07 -19.10
CA SER A 148 -46.99 0.62 -19.00
C SER A 148 -45.62 -0.04 -19.16
N THR A 149 -44.93 -0.26 -18.03
CA THR A 149 -43.61 -0.89 -18.07
C THR A 149 -43.68 -2.40 -18.05
N TYR A 150 -43.86 -2.98 -19.23
CA TYR A 150 -43.94 -4.43 -19.35
C TYR A 150 -43.03 -4.97 -20.43
N ASN A 151 -43.10 -4.39 -21.63
CA ASN A 151 -42.29 -4.83 -22.76
C ASN A 151 -40.82 -4.46 -22.66
N ALA A 152 -39.99 -5.16 -23.44
CA ALA A 152 -38.55 -4.93 -23.46
C ALA A 152 -38.23 -3.47 -23.73
N LEU A 153 -38.87 -2.88 -24.74
CA LEU A 153 -38.63 -1.46 -25.07
C LEU A 153 -38.90 -0.56 -23.87
N GLU A 154 -40.06 -0.75 -23.24
CA GLU A 154 -40.43 0.05 -22.09
C GLU A 154 -39.56 -0.33 -20.90
N GLN A 155 -38.93 -1.50 -20.99
CA GLN A 155 -38.08 -1.99 -19.91
C GLN A 155 -36.68 -1.40 -19.95
N TYR A 156 -36.01 -1.51 -21.09
CA TYR A 156 -34.65 -1.00 -21.22
C TYR A 156 -34.51 0.19 -22.15
N GLY A 157 -35.61 0.90 -22.40
CA GLY A 157 -35.52 2.05 -23.29
C GLY A 157 -36.28 3.28 -22.84
N ILE A 158 -35.69 4.46 -23.08
CA ILE A 158 -36.31 5.73 -22.73
C ILE A 158 -37.02 6.22 -23.98
N ASP A 159 -38.27 6.64 -23.83
CA ASP A 159 -39.06 7.13 -24.93
C ASP A 159 -38.91 8.65 -24.99
N LEU A 160 -38.01 9.11 -25.86
CA LEU A 160 -37.76 10.53 -26.01
C LEU A 160 -39.00 11.29 -26.50
N THR A 161 -39.62 10.80 -27.58
CA THR A 161 -40.80 11.44 -28.13
C THR A 161 -41.87 11.65 -27.05
N ARG A 162 -41.82 10.85 -26.00
CA ARG A 162 -42.77 10.96 -24.90
C ARG A 162 -42.43 12.21 -24.12
N LEU A 163 -41.20 12.27 -23.63
CA LEU A 163 -40.72 13.42 -22.88
C LEU A 163 -40.98 14.69 -23.69
N ALA A 164 -40.65 14.65 -24.97
CA ALA A 164 -40.85 15.78 -25.85
C ALA A 164 -42.32 16.18 -25.87
N ALA A 165 -43.20 15.19 -25.72
CA ALA A 165 -44.63 15.43 -25.73
C ALA A 165 -45.06 16.21 -24.49
N GLU A 166 -44.50 15.84 -23.35
CA GLU A 166 -44.82 16.49 -22.09
C GLU A 166 -43.84 17.61 -21.73
N GLY A 167 -43.19 18.19 -22.75
CA GLY A 167 -42.24 19.27 -22.54
C GLY A 167 -41.15 18.95 -21.52
N LYS A 168 -40.76 17.68 -21.46
CA LYS A 168 -39.74 17.23 -20.52
C LYS A 168 -38.32 17.45 -21.05
N LEU A 169 -38.17 17.44 -22.37
CA LEU A 169 -36.85 17.63 -22.97
C LEU A 169 -36.37 19.07 -22.97
N ASP A 170 -35.06 19.24 -22.87
CA ASP A 170 -34.45 20.55 -22.87
C ASP A 170 -34.51 21.15 -24.26
N PRO A 171 -34.81 22.44 -24.35
CA PRO A 171 -34.90 23.14 -25.63
C PRO A 171 -33.60 23.04 -26.44
N VAL A 172 -33.60 22.23 -27.49
CA VAL A 172 -32.42 22.09 -28.33
C VAL A 172 -32.54 23.17 -29.40
N ILE A 173 -31.48 23.96 -29.57
CA ILE A 173 -31.55 25.04 -30.55
C ILE A 173 -30.33 25.11 -31.46
N GLY A 174 -30.54 25.63 -32.66
CA GLY A 174 -29.46 25.81 -33.61
C GLY A 174 -28.92 24.63 -34.40
N ARG A 175 -29.72 23.58 -34.62
CA ARG A 175 -29.23 22.45 -35.39
C ARG A 175 -30.25 21.93 -36.39
N ASP A 176 -30.93 22.87 -37.04
CA ASP A 176 -31.94 22.57 -38.04
C ASP A 176 -31.35 21.75 -39.18
N GLU A 177 -30.18 22.17 -39.65
CA GLU A 177 -29.52 21.49 -40.75
C GLU A 177 -29.28 20.01 -40.47
N GLU A 178 -28.72 19.70 -39.30
CA GLU A 178 -28.45 18.30 -38.95
C GLU A 178 -29.73 17.50 -38.77
N ILE A 179 -30.74 18.12 -38.19
CA ILE A 179 -32.02 17.46 -37.99
C ILE A 179 -32.60 17.11 -39.35
N ARG A 180 -32.74 18.12 -40.20
CA ARG A 180 -33.29 17.95 -41.54
C ARG A 180 -32.58 16.84 -42.30
N ARG A 181 -31.27 16.75 -42.14
CA ARG A 181 -30.47 15.71 -42.79
C ARG A 181 -30.89 14.35 -42.24
N VAL A 182 -31.06 14.26 -40.93
CA VAL A 182 -31.48 13.02 -40.29
C VAL A 182 -32.85 12.63 -40.85
N ILE A 183 -33.77 13.59 -40.86
CA ILE A 183 -35.11 13.35 -41.39
C ILE A 183 -35.00 12.75 -42.78
N GLN A 184 -34.25 13.44 -43.63
CA GLN A 184 -34.06 12.99 -45.00
C GLN A 184 -33.62 11.54 -45.08
N ILE A 185 -32.55 11.20 -44.37
CA ILE A 185 -32.02 9.85 -44.37
C ILE A 185 -33.03 8.77 -43.99
N LEU A 186 -33.88 9.04 -43.01
CA LEU A 186 -34.88 8.05 -42.60
C LEU A 186 -35.85 7.73 -43.72
N LEU A 187 -36.04 8.67 -44.63
CA LEU A 187 -36.96 8.47 -45.74
C LEU A 187 -36.33 7.70 -46.90
N ARG A 188 -35.01 7.59 -46.90
CA ARG A 188 -34.30 6.88 -47.95
C ARG A 188 -34.67 5.40 -47.93
N ARG A 189 -34.72 4.80 -49.13
CA ARG A 189 -35.07 3.40 -49.28
C ARG A 189 -33.82 2.54 -49.11
N THR A 190 -32.74 2.98 -49.75
CA THR A 190 -31.47 2.28 -49.72
C THR A 190 -30.85 2.29 -48.32
N LYS A 191 -30.51 3.49 -47.85
CA LYS A 191 -29.89 3.67 -46.54
C LYS A 191 -30.76 4.60 -45.71
N ASN A 192 -31.58 4.02 -44.83
CA ASN A 192 -32.47 4.83 -44.01
C ASN A 192 -32.06 4.90 -42.54
N ASN A 193 -30.97 4.22 -42.19
CA ASN A 193 -30.49 4.21 -40.81
C ASN A 193 -29.32 5.17 -40.66
N PRO A 194 -29.60 6.43 -40.29
CA PRO A 194 -28.55 7.45 -40.11
C PRO A 194 -27.78 7.28 -38.82
N VAL A 195 -26.46 7.42 -38.92
CA VAL A 195 -25.59 7.34 -37.75
C VAL A 195 -24.94 8.70 -37.58
N LEU A 196 -25.00 9.26 -36.38
CA LEU A 196 -24.39 10.57 -36.13
C LEU A 196 -22.93 10.37 -35.74
N ILE A 197 -22.02 10.90 -36.55
CA ILE A 197 -20.61 10.77 -36.23
C ILE A 197 -20.12 12.12 -35.74
N GLY A 198 -19.56 12.13 -34.53
CA GLY A 198 -19.07 13.37 -33.97
C GLY A 198 -18.22 13.16 -32.73
N GLU A 199 -17.57 14.22 -32.30
CA GLU A 199 -16.70 14.16 -31.12
C GLU A 199 -17.55 14.23 -29.85
N PRO A 200 -17.03 13.70 -28.74
CA PRO A 200 -17.78 13.73 -27.48
C PRO A 200 -18.05 15.14 -26.96
N GLY A 201 -19.30 15.43 -26.64
CA GLY A 201 -19.68 16.74 -26.12
C GLY A 201 -20.27 17.70 -27.15
N VAL A 202 -20.15 17.34 -28.42
CA VAL A 202 -20.64 18.17 -29.52
C VAL A 202 -22.16 18.31 -29.58
N GLY A 203 -22.88 17.35 -29.03
CA GLY A 203 -24.32 17.45 -29.05
C GLY A 203 -24.99 16.52 -30.03
N LYS A 204 -24.47 15.30 -30.15
CA LYS A 204 -25.05 14.32 -31.05
C LYS A 204 -26.43 13.92 -30.57
N THR A 205 -26.53 13.57 -29.28
CA THR A 205 -27.81 13.17 -28.69
C THR A 205 -28.84 14.29 -28.81
N ALA A 206 -28.39 15.53 -28.67
CA ALA A 206 -29.27 16.69 -28.77
C ALA A 206 -30.00 16.61 -30.10
N ILE A 207 -29.25 16.35 -31.15
CA ILE A 207 -29.81 16.23 -32.49
C ILE A 207 -31.02 15.29 -32.45
N VAL A 208 -30.81 14.11 -31.86
CA VAL A 208 -31.87 13.11 -31.77
C VAL A 208 -33.10 13.60 -31.00
N GLU A 209 -32.91 14.08 -29.78
CA GLU A 209 -34.03 14.56 -28.97
C GLU A 209 -34.64 15.81 -29.60
N GLY A 210 -33.84 16.53 -30.38
CA GLY A 210 -34.35 17.70 -31.04
C GLY A 210 -35.39 17.22 -32.05
N LEU A 211 -35.02 16.18 -32.79
CA LEU A 211 -35.90 15.57 -33.78
C LEU A 211 -37.16 15.07 -33.08
N ALA A 212 -36.96 14.51 -31.89
CA ALA A 212 -38.07 13.99 -31.10
C ALA A 212 -39.14 15.06 -30.92
N GLN A 213 -38.73 16.23 -30.49
CA GLN A 213 -39.65 17.34 -30.27
C GLN A 213 -40.43 17.70 -31.53
N ARG A 214 -39.75 17.75 -32.67
CA ARG A 214 -40.41 18.09 -33.92
C ARG A 214 -41.54 17.11 -34.23
N ILE A 215 -41.27 15.81 -34.06
CA ILE A 215 -42.28 14.78 -34.32
C ILE A 215 -43.54 15.08 -33.53
N VAL A 216 -43.37 15.37 -32.24
CA VAL A 216 -44.50 15.66 -31.36
C VAL A 216 -45.24 16.94 -31.77
N LYS A 217 -44.57 17.82 -32.49
CA LYS A 217 -45.19 19.07 -32.92
C LYS A 217 -45.69 18.98 -34.36
N GLY A 218 -45.40 17.86 -35.02
CA GLY A 218 -45.83 17.71 -36.39
C GLY A 218 -44.95 18.55 -37.29
N ASP A 219 -43.84 19.01 -36.72
CA ASP A 219 -42.88 19.84 -37.45
C ASP A 219 -42.14 18.97 -38.46
N VAL A 220 -42.22 17.66 -38.28
CA VAL A 220 -41.55 16.70 -39.16
C VAL A 220 -42.49 16.30 -40.31
N PRO A 221 -41.94 16.05 -41.51
CA PRO A 221 -42.72 15.66 -42.70
C PRO A 221 -43.60 14.43 -42.49
N GLU A 222 -44.09 13.87 -43.60
CA GLU A 222 -44.92 12.68 -43.53
C GLU A 222 -44.05 11.44 -43.45
N GLY A 223 -44.59 10.37 -42.87
CA GLY A 223 -43.84 9.15 -42.75
C GLY A 223 -43.14 9.05 -41.41
N LEU A 224 -43.07 10.17 -40.71
CA LEU A 224 -42.43 10.23 -39.39
C LEU A 224 -43.41 10.94 -38.46
N LYS A 225 -44.43 11.53 -39.07
CA LYS A 225 -45.48 12.27 -38.38
C LYS A 225 -45.97 11.63 -37.09
N GLY A 226 -46.14 10.32 -37.09
CA GLY A 226 -46.62 9.65 -35.90
C GLY A 226 -45.58 8.78 -35.23
N LYS A 227 -44.42 8.63 -35.86
CA LYS A 227 -43.33 7.82 -35.33
C LYS A 227 -43.01 8.09 -33.86
N ARG A 228 -42.34 7.13 -33.24
CA ARG A 228 -41.95 7.22 -31.83
C ARG A 228 -40.47 6.84 -31.72
N ILE A 229 -39.67 7.73 -31.14
CA ILE A 229 -38.23 7.48 -30.99
C ILE A 229 -37.90 6.94 -29.60
N VAL A 230 -37.28 5.77 -29.57
CA VAL A 230 -36.90 5.15 -28.30
C VAL A 230 -35.39 5.00 -28.18
N SER A 231 -34.84 5.57 -27.12
CA SER A 231 -33.41 5.51 -26.88
C SER A 231 -33.05 4.30 -26.03
N LEU A 232 -32.30 3.38 -26.60
CA LEU A 232 -31.87 2.19 -25.88
C LEU A 232 -30.65 2.62 -25.08
N GLN A 233 -30.44 2.00 -23.92
CA GLN A 233 -29.30 2.37 -23.08
C GLN A 233 -28.52 1.21 -22.48
N MET A 234 -27.27 1.07 -22.95
CA MET A 234 -26.35 0.03 -22.48
C MET A 234 -26.55 -0.19 -20.99
N GLU A 246 -26.56 -13.36 -20.68
CA GLU A 246 -28.01 -13.16 -20.78
C GLU A 246 -28.32 -11.75 -21.29
N PHE A 247 -27.28 -10.92 -21.36
CA PHE A 247 -27.43 -9.55 -21.83
C PHE A 247 -28.17 -9.50 -23.15
N GLU A 248 -27.68 -10.25 -24.13
CA GLU A 248 -28.31 -10.28 -25.45
C GLU A 248 -29.71 -10.84 -25.44
N GLU A 249 -30.07 -11.58 -24.39
CA GLU A 249 -31.40 -12.17 -24.29
C GLU A 249 -32.45 -11.07 -24.32
N ARG A 250 -32.24 -10.05 -23.51
CA ARG A 250 -33.17 -8.92 -23.44
C ARG A 250 -32.98 -8.00 -24.64
N LEU A 251 -31.74 -7.85 -25.08
CA LEU A 251 -31.44 -7.00 -26.24
C LEU A 251 -32.29 -7.46 -27.41
N LYS A 252 -32.28 -8.77 -27.65
CA LYS A 252 -33.05 -9.34 -28.75
C LYS A 252 -34.53 -9.09 -28.50
N ALA A 253 -34.96 -9.24 -27.25
CA ALA A 253 -36.35 -9.03 -26.90
C ALA A 253 -36.78 -7.61 -27.28
N VAL A 254 -35.82 -6.71 -27.29
CA VAL A 254 -36.05 -5.31 -27.65
C VAL A 254 -36.06 -5.12 -29.15
N ILE A 255 -34.95 -5.48 -29.79
CA ILE A 255 -34.83 -5.34 -31.23
C ILE A 255 -35.96 -6.04 -31.99
N GLN A 256 -36.33 -7.24 -31.55
CA GLN A 256 -37.39 -7.99 -32.21
C GLN A 256 -38.76 -7.38 -31.94
N GLU A 257 -38.81 -6.49 -30.96
CA GLU A 257 -40.06 -5.84 -30.61
C GLU A 257 -40.24 -4.53 -31.38
N VAL A 258 -39.12 -3.96 -31.83
CA VAL A 258 -39.15 -2.72 -32.59
C VAL A 258 -39.57 -3.05 -34.02
N VAL A 259 -39.10 -4.18 -34.53
CA VAL A 259 -39.44 -4.61 -35.88
C VAL A 259 -40.92 -4.95 -35.96
N GLN A 260 -41.48 -5.49 -34.87
CA GLN A 260 -42.91 -5.84 -34.85
C GLN A 260 -43.76 -4.57 -34.83
N SER A 261 -43.12 -3.44 -34.52
CA SER A 261 -43.81 -2.17 -34.50
C SER A 261 -43.95 -1.71 -35.94
N GLN A 262 -43.12 -2.29 -36.80
CA GLN A 262 -43.13 -2.02 -38.24
C GLN A 262 -42.65 -0.62 -38.62
N GLY A 263 -41.39 -0.34 -38.32
CA GLY A 263 -40.81 0.94 -38.65
C GLY A 263 -41.52 2.14 -38.06
N GLU A 264 -42.57 1.90 -37.29
CA GLU A 264 -43.33 2.97 -36.68
C GLU A 264 -42.61 3.40 -35.40
N VAL A 265 -41.48 2.76 -35.13
CA VAL A 265 -40.68 3.07 -33.95
C VAL A 265 -39.20 3.07 -34.30
N ILE A 266 -38.59 4.26 -34.25
CA ILE A 266 -37.16 4.39 -34.56
C ILE A 266 -36.32 4.19 -33.30
N LEU A 267 -35.34 3.30 -33.37
CA LEU A 267 -34.47 3.02 -32.23
C LEU A 267 -33.24 3.89 -32.30
N PHE A 268 -32.86 4.46 -31.16
CA PHE A 268 -31.69 5.32 -31.09
C PHE A 268 -30.63 4.80 -30.12
N ILE A 269 -29.51 4.34 -30.66
CA ILE A 269 -28.42 3.83 -29.87
C ILE A 269 -27.36 4.91 -29.68
N ASP A 270 -27.15 5.35 -28.44
CA ASP A 270 -26.15 6.40 -28.21
C ASP A 270 -24.73 6.00 -28.56
N GLU A 271 -24.45 4.70 -28.58
CA GLU A 271 -23.12 4.20 -28.92
C GLU A 271 -23.16 2.82 -29.56
N LEU A 291 -28.61 -7.78 -34.42
CA LEU A 291 -28.58 -6.45 -35.02
C LEU A 291 -28.79 -6.50 -36.54
N LYS A 292 -27.73 -6.83 -37.28
CA LYS A 292 -27.81 -6.90 -38.72
C LYS A 292 -28.95 -7.78 -39.23
N PRO A 293 -29.21 -8.92 -38.56
CA PRO A 293 -30.31 -9.79 -38.99
C PRO A 293 -31.64 -9.06 -39.16
N ALA A 294 -31.98 -8.20 -38.20
CA ALA A 294 -33.23 -7.43 -38.25
C ALA A 294 -33.03 -6.18 -39.11
N LEU A 295 -31.77 -5.77 -39.22
CA LEU A 295 -31.42 -4.60 -40.01
C LEU A 295 -31.34 -4.98 -41.49
N ALA A 296 -30.35 -5.79 -41.84
CA ALA A 296 -30.14 -6.24 -43.22
C ALA A 296 -31.42 -6.76 -43.84
N ARG A 297 -32.31 -7.28 -42.98
CA ARG A 297 -33.59 -7.82 -43.41
C ARG A 297 -34.47 -6.67 -43.91
N GLY A 298 -34.13 -5.46 -43.48
CA GLY A 298 -34.88 -4.29 -43.88
C GLY A 298 -36.12 -4.07 -43.06
N GLU A 299 -36.00 -4.20 -41.74
CA GLU A 299 -37.14 -4.03 -40.85
C GLU A 299 -36.79 -3.34 -39.52
N LEU A 300 -35.51 -3.07 -39.31
CA LEU A 300 -35.05 -2.41 -38.09
C LEU A 300 -34.51 -1.01 -38.37
N ARG A 301 -35.35 0.01 -38.20
CA ARG A 301 -34.96 1.40 -38.42
C ARG A 301 -34.14 1.88 -37.23
N LEU A 302 -32.86 2.16 -37.48
CA LEU A 302 -31.95 2.60 -36.42
C LEU A 302 -31.27 3.94 -36.63
N ILE A 303 -31.01 4.64 -35.53
CA ILE A 303 -30.31 5.93 -35.54
C ILE A 303 -29.10 5.75 -34.62
N GLY A 304 -27.91 5.98 -35.15
CA GLY A 304 -26.71 5.82 -34.34
C GLY A 304 -26.04 7.11 -33.93
N ALA A 305 -24.89 6.96 -33.28
CA ALA A 305 -24.08 8.08 -32.80
C ALA A 305 -22.78 7.50 -32.27
N THR A 306 -21.65 7.97 -32.79
CA THR A 306 -20.37 7.46 -32.34
C THR A 306 -19.21 8.35 -32.78
N THR A 307 -18.00 7.96 -32.40
CA THR A 307 -16.80 8.72 -32.75
C THR A 307 -16.49 8.49 -34.22
N LEU A 308 -15.56 9.29 -34.75
CA LEU A 308 -15.16 9.17 -36.16
C LEU A 308 -14.50 7.82 -36.37
N ASP A 309 -13.39 7.60 -35.69
CA ASP A 309 -12.65 6.35 -35.80
C ASP A 309 -13.51 5.15 -35.40
N GLU A 310 -14.42 5.34 -34.46
CA GLU A 310 -15.28 4.25 -34.02
C GLU A 310 -16.24 3.86 -35.14
N TYR A 311 -16.58 4.81 -36.00
CA TYR A 311 -17.48 4.52 -37.10
C TYR A 311 -16.71 3.98 -38.30
N ARG A 312 -15.44 4.35 -38.41
CA ARG A 312 -14.62 3.87 -39.52
C ARG A 312 -14.52 2.35 -39.46
N GLU A 313 -14.41 1.81 -38.25
CA GLU A 313 -14.34 0.37 -38.07
C GLU A 313 -15.67 -0.25 -38.51
N ILE A 314 -16.75 0.43 -38.17
CA ILE A 314 -18.09 -0.03 -38.54
C ILE A 314 -18.13 -0.07 -40.06
N GLU A 315 -17.24 0.71 -40.67
CA GLU A 315 -17.14 0.76 -42.12
C GLU A 315 -16.13 -0.27 -42.59
N LYS A 316 -16.35 -1.51 -42.14
CA LYS A 316 -15.48 -2.64 -42.49
C LYS A 316 -16.38 -3.87 -42.66
N ASP A 317 -17.68 -3.67 -42.50
CA ASP A 317 -18.65 -4.75 -42.65
C ASP A 317 -19.57 -4.45 -43.83
N PRO A 318 -19.12 -4.78 -45.06
CA PRO A 318 -19.91 -4.55 -46.28
C PRO A 318 -21.41 -4.82 -46.16
N ALA A 319 -21.78 -5.75 -45.29
CA ALA A 319 -23.18 -6.10 -45.09
C ALA A 319 -23.87 -5.05 -44.22
N LEU A 320 -23.09 -4.43 -43.34
CA LEU A 320 -23.58 -3.41 -42.44
C LEU A 320 -23.22 -2.02 -42.94
N GLU A 321 -21.94 -1.82 -43.27
CA GLU A 321 -21.44 -0.54 -43.76
C GLU A 321 -22.10 -0.13 -45.08
N ARG A 322 -23.36 -0.47 -45.25
CA ARG A 322 -24.08 -0.07 -46.45
C ARG A 322 -24.29 1.43 -46.35
N ARG A 323 -23.37 2.06 -45.62
CA ARG A 323 -23.37 3.48 -45.37
C ARG A 323 -24.57 3.91 -44.54
N PHE A 324 -24.44 3.84 -43.22
CA PHE A 324 -25.51 4.23 -42.31
C PHE A 324 -25.78 5.73 -42.49
N GLN A 325 -25.44 6.26 -43.65
CA GLN A 325 -25.69 7.66 -43.93
C GLN A 325 -25.06 8.55 -42.89
N PRO A 326 -23.71 8.49 -42.77
CA PRO A 326 -23.01 9.32 -41.79
C PRO A 326 -23.51 10.77 -41.78
N VAL A 327 -23.48 11.37 -40.60
CA VAL A 327 -23.88 12.76 -40.42
C VAL A 327 -22.92 13.33 -39.38
N TYR A 328 -21.80 13.85 -39.85
CA TYR A 328 -20.78 14.39 -38.97
C TYR A 328 -21.21 15.69 -38.30
N VAL A 329 -21.50 15.62 -37.01
CA VAL A 329 -21.90 16.79 -36.26
C VAL A 329 -20.63 17.48 -35.80
N ASP A 330 -20.36 18.65 -36.35
CA ASP A 330 -19.17 19.41 -36.01
C ASP A 330 -19.42 20.28 -34.77
N GLU A 331 -18.36 20.48 -34.00
CA GLU A 331 -18.39 21.28 -32.78
C GLU A 331 -18.79 22.72 -33.04
N PRO A 332 -19.91 23.17 -32.46
CA PRO A 332 -20.45 24.53 -32.60
C PRO A 332 -19.40 25.62 -32.40
N THR A 333 -19.69 26.80 -32.95
CA THR A 333 -18.78 27.92 -32.81
C THR A 333 -19.14 28.56 -31.49
N VAL A 334 -18.32 29.50 -31.03
CA VAL A 334 -18.56 30.17 -29.77
C VAL A 334 -19.89 30.90 -29.79
N GLU A 335 -20.18 31.55 -30.91
CA GLU A 335 -21.44 32.27 -31.05
C GLU A 335 -22.61 31.30 -30.90
N GLU A 336 -22.56 30.19 -31.64
CA GLU A 336 -23.59 29.17 -31.59
C GLU A 336 -23.69 28.64 -30.16
N THR A 337 -22.56 28.26 -29.60
CA THR A 337 -22.51 27.75 -28.24
C THR A 337 -23.21 28.76 -27.32
N ILE A 338 -22.95 30.04 -27.54
CA ILE A 338 -23.55 31.11 -26.74
C ILE A 338 -25.06 31.06 -26.85
N SER A 339 -25.55 30.85 -28.07
CA SER A 339 -26.99 30.78 -28.30
C SER A 339 -27.56 29.58 -27.54
N ILE A 340 -26.89 28.45 -27.67
CA ILE A 340 -27.31 27.23 -27.00
C ILE A 340 -27.41 27.46 -25.51
N LEU A 341 -26.34 28.00 -24.92
CA LEU A 341 -26.34 28.27 -23.49
C LEU A 341 -27.52 29.17 -23.11
N ARG A 342 -27.74 30.21 -23.92
CA ARG A 342 -28.86 31.11 -23.67
C ARG A 342 -30.17 30.35 -23.75
N GLY A 343 -30.20 29.30 -24.57
CA GLY A 343 -31.39 28.50 -24.69
C GLY A 343 -31.68 27.85 -23.36
N LEU A 344 -30.77 26.99 -22.90
CA LEU A 344 -30.94 26.30 -21.63
C LEU A 344 -30.83 27.24 -20.43
N LYS A 345 -30.42 28.48 -20.68
CA LYS A 345 -30.28 29.47 -19.62
C LYS A 345 -31.36 29.29 -18.58
N GLU A 346 -32.61 29.26 -19.04
CA GLU A 346 -33.76 29.08 -18.16
C GLU A 346 -33.63 27.83 -17.30
N LYS A 347 -33.71 26.67 -17.94
CA LYS A 347 -33.60 25.39 -17.25
C LYS A 347 -32.58 25.37 -16.12
N TYR A 348 -31.31 25.54 -16.44
CA TYR A 348 -30.26 25.51 -15.43
C TYR A 348 -30.54 26.37 -14.22
N GLU A 349 -30.71 27.67 -14.43
CA GLU A 349 -30.96 28.55 -13.30
C GLU A 349 -32.26 28.22 -12.56
N VAL A 350 -33.07 27.34 -13.15
CA VAL A 350 -34.32 26.92 -12.52
C VAL A 350 -34.13 25.58 -11.82
N HIS A 351 -33.57 24.60 -12.52
CA HIS A 351 -33.33 23.27 -11.95
C HIS A 351 -32.33 23.39 -10.80
N HIS A 352 -31.61 24.52 -10.75
CA HIS A 352 -30.60 24.73 -9.71
C HIS A 352 -30.86 25.97 -8.86
N GLY A 353 -31.84 26.76 -9.25
CA GLY A 353 -32.17 27.95 -8.49
C GLY A 353 -31.06 28.97 -8.32
N VAL A 354 -30.77 29.70 -9.38
CA VAL A 354 -29.75 30.75 -9.40
C VAL A 354 -30.07 31.69 -10.54
N ARG A 355 -29.15 32.59 -10.84
CA ARG A 355 -29.34 33.53 -11.95
C ARG A 355 -28.04 33.57 -12.76
N ILE A 356 -28.10 33.02 -13.96
CA ILE A 356 -26.93 32.98 -14.83
C ILE A 356 -26.92 34.16 -15.79
N SER A 357 -26.15 35.19 -15.44
CA SER A 357 -26.05 36.39 -16.26
C SER A 357 -25.51 36.04 -17.64
N ASP A 358 -25.98 36.76 -18.64
CA ASP A 358 -25.55 36.54 -20.03
C ASP A 358 -24.04 36.73 -20.10
N SER A 359 -23.54 37.64 -19.28
CA SER A 359 -22.12 37.92 -19.23
C SER A 359 -21.38 36.61 -18.97
N ALA A 360 -21.79 35.90 -17.93
CA ALA A 360 -21.17 34.62 -17.57
C ALA A 360 -21.28 33.60 -18.70
N ILE A 361 -22.42 33.58 -19.36
CA ILE A 361 -22.63 32.67 -20.47
C ILE A 361 -21.54 32.87 -21.50
N ILE A 362 -21.39 34.09 -21.97
CA ILE A 362 -20.37 34.40 -22.96
C ILE A 362 -18.99 33.92 -22.51
N ALA A 363 -18.71 34.08 -21.22
CA ALA A 363 -17.44 33.68 -20.66
C ALA A 363 -17.24 32.16 -20.77
N ALA A 364 -18.27 31.42 -20.36
CA ALA A 364 -18.22 29.96 -20.41
C ALA A 364 -17.92 29.45 -21.81
N ALA A 365 -18.46 30.14 -22.80
CA ALA A 365 -18.25 29.73 -24.18
C ALA A 365 -16.88 30.17 -24.67
N THR A 366 -16.54 31.43 -24.45
CA THR A 366 -15.26 31.95 -24.89
C THR A 366 -14.08 31.28 -24.18
N LEU A 367 -13.99 31.50 -22.87
CA LEU A 367 -12.90 30.96 -22.07
C LEU A 367 -12.63 29.47 -22.29
N SER A 368 -13.69 28.69 -22.44
CA SER A 368 -13.54 27.24 -22.65
C SER A 368 -12.97 26.97 -24.03
N HIS A 369 -13.51 27.62 -25.04
CA HIS A 369 -13.07 27.44 -26.41
C HIS A 369 -11.65 27.93 -26.63
N ARG A 370 -11.15 28.74 -25.71
CA ARG A 370 -9.81 29.31 -25.87
C ARG A 370 -8.75 28.72 -24.93
N TYR A 371 -9.16 28.16 -23.80
CA TYR A 371 -8.19 27.60 -22.85
C TYR A 371 -8.48 26.22 -22.28
N ILE A 372 -9.53 25.56 -22.75
CA ILE A 372 -9.85 24.22 -22.26
C ILE A 372 -9.60 23.20 -23.35
N THR A 373 -8.40 22.64 -23.33
CA THR A 373 -7.97 21.66 -24.34
C THR A 373 -8.69 20.31 -24.35
N GLU A 374 -9.26 19.91 -23.22
CA GLU A 374 -9.95 18.62 -23.13
C GLU A 374 -11.22 18.47 -23.97
N ARG A 375 -12.37 18.62 -23.33
CA ARG A 375 -13.67 18.48 -24.00
C ARG A 375 -13.92 19.49 -25.11
N ARG A 376 -15.02 19.30 -25.84
CA ARG A 376 -15.37 20.20 -26.94
C ARG A 376 -16.63 21.03 -26.72
N LEU A 377 -16.47 22.31 -27.00
CA LEU A 377 -17.48 23.35 -26.83
C LEU A 377 -18.86 23.12 -26.25
N PRO A 378 -19.83 22.64 -27.05
CA PRO A 378 -21.16 22.45 -26.44
C PRO A 378 -21.07 22.03 -24.98
N ASP A 379 -20.48 20.86 -24.76
CA ASP A 379 -20.34 20.31 -23.43
C ASP A 379 -19.60 21.20 -22.45
N LYS A 380 -18.26 21.20 -22.53
CA LYS A 380 -17.43 21.99 -21.60
C LYS A 380 -17.97 23.35 -21.20
N ALA A 381 -18.54 24.10 -22.14
CA ALA A 381 -19.08 25.41 -21.83
C ALA A 381 -20.15 25.27 -20.76
N ILE A 382 -21.06 24.33 -20.98
CA ILE A 382 -22.13 24.06 -20.04
C ILE A 382 -21.56 23.57 -18.72
N ASP A 383 -20.74 22.53 -18.77
CA ASP A 383 -20.13 21.99 -17.56
C ASP A 383 -19.54 23.10 -16.72
N LEU A 384 -19.00 24.11 -17.40
CA LEU A 384 -18.41 25.26 -16.72
C LEU A 384 -19.48 26.00 -15.93
N ILE A 385 -20.55 26.39 -16.62
CA ILE A 385 -21.66 27.10 -15.98
C ILE A 385 -22.22 26.26 -14.84
N ASP A 386 -22.48 24.99 -15.14
CA ASP A 386 -23.02 24.08 -14.14
C ASP A 386 -22.06 23.89 -12.96
N GLU A 387 -20.77 23.76 -13.24
CA GLU A 387 -19.74 23.55 -12.21
C GLU A 387 -19.36 24.79 -11.41
N ALA A 388 -19.58 25.96 -11.99
CA ALA A 388 -19.26 27.20 -11.29
C ALA A 388 -20.36 27.44 -10.27
N ALA A 389 -21.57 27.05 -10.63
CA ALA A 389 -22.73 27.22 -9.75
C ALA A 389 -22.66 26.26 -8.57
N ALA A 390 -22.25 25.03 -8.82
CA ALA A 390 -22.14 24.02 -7.78
C ALA A 390 -21.48 24.60 -6.53
N ARG A 391 -20.43 25.39 -6.73
CA ARG A 391 -19.72 25.99 -5.59
C ARG A 391 -20.61 26.92 -4.78
N LEU A 392 -21.64 27.47 -5.40
CA LEU A 392 -22.56 28.34 -4.67
C LEU A 392 -23.41 27.48 -3.76
N ARG A 393 -23.64 26.23 -4.17
CA ARG A 393 -24.41 25.28 -3.36
C ARG A 393 -23.55 24.91 -2.17
N MET A 394 -22.28 24.59 -2.43
CA MET A 394 -21.32 24.24 -1.39
C MET A 394 -21.16 25.49 -0.53
N ALA A 395 -21.59 26.63 -1.07
CA ALA A 395 -21.51 27.90 -0.37
C ALA A 395 -22.71 28.15 0.52
N LEU A 396 -23.47 27.09 0.80
CA LEU A 396 -24.65 27.22 1.65
C LEU A 396 -24.21 27.19 3.11
N GLU A 397 -23.29 26.29 3.43
CA GLU A 397 -22.77 26.15 4.79
C GLU A 397 -21.90 27.33 5.18
N SER A 398 -22.33 28.53 4.81
CA SER A 398 -21.60 29.75 5.11
C SER A 398 -22.12 30.35 6.42
N ALA A 399 -23.36 30.02 6.76
CA ALA A 399 -23.96 30.53 7.98
C ALA A 399 -23.50 29.72 9.20
N PRO A 400 -23.86 28.43 9.27
CA PRO A 400 -23.45 27.61 10.40
C PRO A 400 -22.00 27.84 10.78
N GLU A 401 -21.13 27.81 9.78
CA GLU A 401 -19.71 28.03 9.96
C GLU A 401 -19.46 29.27 10.82
N GLU A 402 -19.91 30.43 10.32
CA GLU A 402 -19.71 31.70 11.01
C GLU A 402 -20.52 31.80 12.29
N ILE A 403 -21.72 31.23 12.31
CA ILE A 403 -22.56 31.25 13.50
C ILE A 403 -21.92 30.43 14.61
N ASP A 404 -21.56 29.19 14.29
CA ASP A 404 -20.93 28.32 15.26
C ASP A 404 -19.53 28.83 15.60
N ALA A 405 -18.90 29.51 14.65
CA ALA A 405 -17.55 30.06 14.88
C ALA A 405 -17.57 31.03 16.06
N LEU A 406 -18.70 31.72 16.22
CA LEU A 406 -18.86 32.68 17.30
C LEU A 406 -19.41 31.95 18.52
N GLU A 407 -20.21 30.91 18.28
CA GLU A 407 -20.79 30.10 19.34
C GLU A 407 -19.68 29.59 20.25
N ARG A 408 -18.81 28.74 19.71
CA ARG A 408 -17.71 28.19 20.48
C ARG A 408 -16.91 29.32 21.11
N LYS A 409 -16.54 30.31 20.30
CA LYS A 409 -15.76 31.44 20.78
C LYS A 409 -16.46 32.11 21.97
N LYS A 410 -17.79 32.05 21.99
CA LYS A 410 -18.57 32.63 23.07
C LYS A 410 -18.41 31.78 24.31
N LEU A 411 -18.63 30.47 24.17
CA LEU A 411 -18.51 29.55 25.30
C LEU A 411 -17.15 29.67 25.95
N GLN A 412 -16.14 30.04 25.17
CA GLN A 412 -14.78 30.20 25.67
C GLN A 412 -14.77 31.23 26.80
N LEU A 413 -15.21 32.44 26.48
CA LEU A 413 -15.26 33.53 27.44
C LEU A 413 -16.45 33.34 28.40
N GLU A 414 -17.47 32.63 27.92
CA GLU A 414 -18.66 32.37 28.72
C GLU A 414 -18.29 31.51 29.91
N ILE A 415 -17.35 30.58 29.71
CA ILE A 415 -16.91 29.69 30.77
C ILE A 415 -15.77 30.33 31.57
N GLU A 416 -15.06 31.25 30.94
CA GLU A 416 -13.96 31.96 31.57
C GLU A 416 -14.49 32.81 32.72
N ARG A 417 -15.64 33.44 32.50
CA ARG A 417 -16.24 34.29 33.53
C ARG A 417 -16.55 33.44 34.76
N GLU A 418 -17.10 32.25 34.53
CA GLU A 418 -17.46 31.34 35.61
C GLU A 418 -16.34 31.19 36.63
N ALA A 419 -15.11 31.46 36.19
CA ALA A 419 -13.94 31.36 37.06
C ALA A 419 -13.65 32.71 37.72
N LEU A 420 -13.93 33.78 36.99
CA LEU A 420 -13.69 35.12 37.49
C LEU A 420 -14.85 35.62 38.35
N LYS A 421 -15.90 34.80 38.45
CA LYS A 421 -17.07 35.17 39.26
C LYS A 421 -16.74 34.81 40.70
N LYS A 422 -15.99 33.73 40.89
CA LYS A 422 -15.55 33.31 42.22
C LYS A 422 -14.26 34.07 42.46
N GLU A 423 -14.36 35.18 43.18
CA GLU A 423 -13.20 36.02 43.44
C GLU A 423 -12.48 35.88 44.78
N LYS A 424 -11.15 35.87 44.68
CA LYS A 424 -10.27 35.79 45.84
C LYS A 424 -9.69 37.20 45.88
N ASP A 425 -9.82 37.88 44.75
CA ASP A 425 -9.35 39.26 44.57
C ASP A 425 -10.61 40.07 44.25
N PRO A 426 -11.41 40.40 45.28
CA PRO A 426 -12.65 41.17 45.12
C PRO A 426 -12.52 42.44 44.27
N ASP A 427 -11.56 43.29 44.64
CA ASP A 427 -11.36 44.53 43.91
C ASP A 427 -10.11 44.45 43.04
N SER A 428 -10.06 43.40 42.21
CA SER A 428 -8.94 43.17 41.30
C SER A 428 -9.34 42.12 40.28
N GLN A 429 -10.31 41.30 40.64
CA GLN A 429 -10.80 40.23 39.77
C GLN A 429 -12.20 40.54 39.24
N GLU A 430 -12.93 41.39 39.96
CA GLU A 430 -14.29 41.76 39.56
C GLU A 430 -14.27 42.87 38.51
N ARG A 431 -13.14 43.00 37.82
CA ARG A 431 -12.98 44.00 36.77
C ARG A 431 -13.07 43.32 35.40
N LEU A 432 -13.76 42.19 35.37
CA LEU A 432 -13.93 41.41 34.15
C LEU A 432 -15.03 41.99 33.26
N LYS A 433 -15.27 43.30 33.39
CA LYS A 433 -16.30 43.94 32.59
C LYS A 433 -15.99 43.86 31.10
N ALA A 434 -14.74 43.51 30.77
CA ALA A 434 -14.33 43.40 29.37
C ALA A 434 -14.84 42.09 28.77
N ILE A 435 -14.71 41.01 29.53
CA ILE A 435 -15.16 39.70 29.06
C ILE A 435 -16.68 39.58 29.04
N GLU A 436 -17.34 40.09 30.09
CA GLU A 436 -18.79 40.03 30.17
C GLU A 436 -19.46 40.76 29.01
N ALA A 437 -18.90 41.92 28.64
CA ALA A 437 -19.44 42.71 27.55
C ALA A 437 -19.38 41.90 26.25
N GLU A 438 -18.28 41.19 26.08
CA GLU A 438 -18.08 40.38 24.89
C GLU A 438 -19.21 39.37 24.72
N ILE A 439 -19.57 38.69 25.80
CA ILE A 439 -20.66 37.71 25.76
C ILE A 439 -21.92 38.32 25.15
N ALA A 440 -22.29 39.51 25.63
CA ALA A 440 -23.48 40.20 25.14
C ALA A 440 -23.38 40.37 23.63
N LYS A 441 -22.32 41.05 23.19
CA LYS A 441 -22.08 41.27 21.77
C LYS A 441 -22.29 40.00 20.99
N LEU A 442 -21.54 38.96 21.37
CA LEU A 442 -21.64 37.67 20.72
C LEU A 442 -23.08 37.18 20.76
N THR A 443 -23.74 37.35 21.91
CA THR A 443 -25.12 36.92 22.05
C THR A 443 -25.97 37.75 21.08
N GLU A 444 -25.45 38.92 20.73
CA GLU A 444 -26.12 39.82 19.81
C GLU A 444 -25.84 39.38 18.38
N GLU A 445 -24.57 39.36 17.99
CA GLU A 445 -24.17 38.94 16.66
C GLU A 445 -24.86 37.62 16.31
N ILE A 446 -24.88 36.70 17.27
CA ILE A 446 -25.52 35.40 17.05
C ILE A 446 -27.00 35.56 16.76
N ALA A 447 -27.71 36.29 17.62
CA ALA A 447 -29.13 36.52 17.43
C ALA A 447 -29.35 37.27 16.12
N LYS A 448 -28.34 38.04 15.73
CA LYS A 448 -28.41 38.80 14.48
C LYS A 448 -28.37 37.85 13.29
N LEU A 449 -27.18 37.38 12.97
CA LEU A 449 -26.98 36.49 11.84
C LEU A 449 -28.00 35.35 11.77
N ARG A 450 -28.21 34.64 12.87
CA ARG A 450 -29.15 33.54 12.86
C ARG A 450 -30.55 33.96 12.39
N ALA A 451 -30.95 35.17 12.75
CA ALA A 451 -32.27 35.68 12.35
C ALA A 451 -32.14 36.34 10.97
N GLU A 452 -31.01 37.02 10.77
CA GLU A 452 -30.72 37.70 9.52
C GLU A 452 -30.61 36.67 8.39
N TRP A 453 -30.05 35.52 8.72
CA TRP A 453 -29.88 34.42 7.76
C TRP A 453 -31.25 33.96 7.28
N GLU A 454 -32.21 33.93 8.20
CA GLU A 454 -33.57 33.51 7.88
C GLU A 454 -34.15 34.30 6.71
N ARG A 455 -33.73 35.56 6.59
CA ARG A 455 -34.20 36.41 5.51
C ARG A 455 -33.80 35.75 4.20
N GLU A 456 -32.49 35.70 3.93
CA GLU A 456 -31.94 35.09 2.72
C GLU A 456 -32.69 33.80 2.43
N ARG A 457 -32.71 32.91 3.41
CA ARG A 457 -33.34 31.61 3.31
C ARG A 457 -34.80 31.76 2.86
N GLU A 458 -35.52 32.67 3.49
CA GLU A 458 -36.92 32.88 3.15
C GLU A 458 -37.03 33.54 1.79
N ILE A 459 -36.34 34.67 1.61
CA ILE A 459 -36.38 35.35 0.33
C ILE A 459 -36.16 34.32 -0.77
N LEU A 460 -35.38 33.28 -0.48
CA LEU A 460 -35.13 32.25 -1.46
C LEU A 460 -36.40 31.40 -1.57
N ARG A 461 -36.95 31.03 -0.42
CA ARG A 461 -38.16 30.22 -0.34
C ARG A 461 -39.18 30.58 -1.42
N LYS A 462 -39.63 31.83 -1.40
CA LYS A 462 -40.60 32.31 -2.38
C LYS A 462 -40.03 32.27 -3.80
N LEU A 463 -38.85 32.87 -3.97
CA LEU A 463 -38.18 32.93 -5.25
C LEU A 463 -38.23 31.60 -6.00
N ARG A 464 -37.71 30.56 -5.38
CA ARG A 464 -37.70 29.24 -6.01
C ARG A 464 -39.10 28.80 -6.40
N GLU A 465 -40.09 29.22 -5.64
CA GLU A 465 -41.47 28.85 -5.93
C GLU A 465 -41.95 29.64 -7.15
N ALA A 466 -41.58 30.91 -7.20
CA ALA A 466 -41.97 31.77 -8.32
C ALA A 466 -41.40 31.22 -9.62
N GLN A 467 -40.11 30.91 -9.62
CA GLN A 467 -39.44 30.37 -10.81
C GLN A 467 -40.10 29.09 -11.27
N HIS A 468 -40.76 28.40 -10.36
CA HIS A 468 -41.41 27.16 -10.73
C HIS A 468 -42.77 27.45 -11.38
N ARG A 469 -43.54 28.34 -10.78
CA ARG A 469 -44.84 28.68 -11.36
C ARG A 469 -44.60 29.51 -12.62
N LEU A 470 -43.54 30.32 -12.61
CA LEU A 470 -43.21 31.14 -13.77
C LEU A 470 -42.85 30.21 -14.91
N ASP A 471 -42.65 28.94 -14.57
CA ASP A 471 -42.31 27.93 -15.55
C ASP A 471 -43.61 27.22 -15.95
N GLU A 472 -44.36 26.80 -14.94
CA GLU A 472 -45.64 26.11 -15.15
C GLU A 472 -46.53 26.95 -16.05
N VAL A 473 -46.27 28.25 -16.08
CA VAL A 473 -47.03 29.18 -16.90
C VAL A 473 -46.53 29.14 -18.34
N ARG A 474 -45.22 29.18 -18.51
CA ARG A 474 -44.64 29.14 -19.85
C ARG A 474 -44.94 27.80 -20.50
N ARG A 475 -45.18 26.79 -19.66
CA ARG A 475 -45.50 25.45 -20.15
C ARG A 475 -46.96 25.47 -20.58
N GLU A 476 -47.81 25.99 -19.70
CA GLU A 476 -49.25 26.11 -19.94
C GLU A 476 -49.53 26.91 -21.20
N ILE A 477 -48.84 28.03 -21.35
CA ILE A 477 -48.99 28.91 -22.50
C ILE A 477 -48.60 28.21 -23.80
N GLU A 478 -47.37 27.72 -23.88
CA GLU A 478 -46.93 27.02 -25.08
C GLU A 478 -47.95 25.94 -25.40
N LEU A 479 -48.45 25.29 -24.36
CA LEU A 479 -49.44 24.24 -24.51
C LEU A 479 -50.62 24.77 -25.31
N ALA A 480 -51.25 25.81 -24.78
CA ALA A 480 -52.38 26.43 -25.46
C ALA A 480 -52.01 26.74 -26.90
N GLU A 481 -50.90 27.43 -27.09
CA GLU A 481 -50.43 27.79 -28.41
C GLU A 481 -50.10 26.58 -29.30
N ARG A 482 -50.70 25.43 -28.96
CA ARG A 482 -50.50 24.21 -29.71
C ARG A 482 -51.87 23.60 -29.94
N GLN A 483 -52.88 24.23 -29.34
CA GLN A 483 -54.26 23.77 -29.45
C GLN A 483 -55.17 24.99 -29.57
N TYR A 484 -54.67 25.99 -30.30
CA TYR A 484 -55.37 27.26 -30.56
C TYR A 484 -56.20 27.81 -29.39
N ASP A 485 -56.09 27.21 -28.22
CA ASP A 485 -56.86 27.70 -27.09
C ASP A 485 -56.20 28.99 -26.58
N LEU A 486 -55.94 29.92 -27.51
CA LEU A 486 -55.32 31.20 -27.19
C LEU A 486 -56.13 31.97 -26.16
N ASN A 487 -57.19 31.33 -25.67
CA ASN A 487 -58.02 31.91 -24.64
C ASN A 487 -57.05 32.09 -23.49
N ARG A 488 -56.59 30.97 -22.93
CA ARG A 488 -55.64 30.98 -21.83
C ARG A 488 -54.36 31.65 -22.30
N ALA A 489 -53.88 31.25 -23.47
CA ALA A 489 -52.66 31.80 -24.04
C ALA A 489 -52.63 33.33 -23.99
N ALA A 490 -53.80 33.95 -23.86
CA ALA A 490 -53.89 35.40 -23.81
C ALA A 490 -54.04 35.90 -22.38
N GLU A 491 -54.96 35.30 -21.63
CA GLU A 491 -55.20 35.68 -20.24
C GLU A 491 -53.93 35.47 -19.42
N LEU A 492 -53.14 34.48 -19.81
CA LEU A 492 -51.91 34.17 -19.10
C LEU A 492 -50.78 35.08 -19.54
N ARG A 493 -50.50 35.09 -20.84
CA ARG A 493 -49.43 35.92 -21.37
C ARG A 493 -49.65 37.39 -20.95
N TYR A 494 -50.84 37.65 -20.42
CA TYR A 494 -51.21 38.97 -19.93
C TYR A 494 -51.46 38.87 -18.43
N GLY A 495 -51.03 39.88 -17.67
CA GLY A 495 -51.22 39.86 -16.24
C GLY A 495 -50.52 38.70 -15.55
N GLU A 496 -51.09 37.50 -15.67
CA GLU A 496 -50.51 36.29 -15.06
C GLU A 496 -49.00 36.27 -15.24
N LEU A 497 -48.55 35.81 -16.39
CA LEU A 497 -47.12 35.73 -16.68
C LEU A 497 -46.45 37.02 -16.22
N PRO A 498 -46.98 38.18 -16.63
CA PRO A 498 -46.37 39.45 -16.21
C PRO A 498 -45.97 39.46 -14.73
N LYS A 499 -46.88 39.04 -13.87
CA LYS A 499 -46.62 38.99 -12.43
C LYS A 499 -45.36 38.20 -12.12
N LEU A 500 -45.45 36.88 -12.24
CA LEU A 500 -44.31 36.01 -11.97
C LEU A 500 -43.01 36.66 -12.40
N GLU A 501 -42.89 36.93 -13.69
CA GLU A 501 -41.69 37.56 -14.26
C GLU A 501 -41.14 38.67 -13.37
N ALA A 502 -42.02 39.53 -12.88
CA ALA A 502 -41.61 40.64 -12.03
C ALA A 502 -41.48 40.18 -10.59
N GLU A 503 -42.37 39.27 -10.16
CA GLU A 503 -42.31 38.76 -8.79
C GLU A 503 -40.99 38.04 -8.60
N VAL A 504 -40.67 37.14 -9.53
CA VAL A 504 -39.43 36.38 -9.49
C VAL A 504 -38.29 37.32 -9.89
N GLU A 505 -38.62 38.58 -10.04
CA GLU A 505 -37.64 39.59 -10.40
C GLU A 505 -37.41 40.49 -9.21
N ALA A 506 -38.42 40.60 -8.37
CA ALA A 506 -38.33 41.42 -7.16
C ALA A 506 -37.58 40.62 -6.11
N LEU A 507 -37.92 39.34 -6.03
CA LEU A 507 -37.29 38.44 -5.07
C LEU A 507 -35.79 38.35 -5.32
N SER A 508 -35.39 38.43 -6.59
CA SER A 508 -33.98 38.38 -6.94
C SER A 508 -33.32 39.69 -6.53
N GLU A 509 -34.01 40.79 -6.80
CA GLU A 509 -33.51 42.12 -6.46
C GLU A 509 -33.46 42.25 -4.94
N LYS A 510 -34.20 41.38 -4.26
CA LYS A 510 -34.25 41.39 -2.81
C LYS A 510 -33.01 40.76 -2.20
N LEU A 511 -32.35 39.89 -2.97
CA LEU A 511 -31.14 39.21 -2.51
C LEU A 511 -29.89 39.85 -3.11
N ARG A 512 -29.68 41.13 -2.85
CA ARG A 512 -28.52 41.84 -3.37
C ARG A 512 -27.25 41.20 -2.87
N GLY A 513 -26.50 41.93 -2.04
CA GLY A 513 -25.25 41.41 -1.50
C GLY A 513 -25.48 40.51 -0.30
N ALA A 514 -26.55 39.71 -0.38
CA ALA A 514 -26.92 38.78 0.68
C ALA A 514 -25.70 38.05 1.22
N ARG A 515 -25.77 37.67 2.50
CA ARG A 515 -24.67 36.95 3.11
C ARG A 515 -24.58 35.58 2.46
N PHE A 516 -25.70 35.15 1.86
CA PHE A 516 -25.75 33.86 1.19
C PHE A 516 -26.13 34.06 -0.28
N VAL A 517 -25.17 34.48 -1.10
CA VAL A 517 -25.41 34.71 -2.52
C VAL A 517 -25.16 33.45 -3.35
N ARG A 518 -26.17 32.60 -3.41
CA ARG A 518 -26.10 31.39 -4.20
C ARG A 518 -27.02 31.65 -5.38
N LEU A 519 -26.90 32.84 -5.95
CA LEU A 519 -27.73 33.23 -7.07
C LEU A 519 -26.93 33.57 -8.33
N GLU A 520 -26.61 34.84 -8.50
CA GLU A 520 -25.87 35.26 -9.68
C GLU A 520 -24.58 34.49 -9.90
N VAL A 521 -24.39 34.05 -11.13
CA VAL A 521 -23.19 33.35 -11.55
C VAL A 521 -22.59 34.32 -12.56
N THR A 522 -21.39 34.80 -12.27
CA THR A 522 -20.74 35.76 -13.15
C THR A 522 -19.41 35.34 -13.73
N GLU A 523 -18.82 36.24 -14.51
CA GLU A 523 -17.54 36.00 -15.14
C GLU A 523 -16.51 35.57 -14.12
N GLU A 524 -16.32 36.39 -13.09
CA GLU A 524 -15.35 36.07 -12.05
C GLU A 524 -15.50 34.62 -11.66
N ASP A 525 -16.72 34.21 -11.36
CA ASP A 525 -17.00 32.83 -10.98
C ASP A 525 -16.48 31.88 -12.05
N ILE A 526 -16.84 32.15 -13.30
CA ILE A 526 -16.38 31.33 -14.41
C ILE A 526 -14.86 31.39 -14.50
N ALA A 527 -14.34 32.59 -14.72
CA ALA A 527 -12.90 32.82 -14.82
C ALA A 527 -12.15 32.05 -13.74
N GLU A 528 -12.72 32.03 -12.54
CA GLU A 528 -12.09 31.34 -11.42
C GLU A 528 -11.97 29.84 -11.68
N ILE A 529 -13.09 29.17 -11.91
CA ILE A 529 -13.05 27.74 -12.16
C ILE A 529 -12.17 27.47 -13.38
N VAL A 530 -12.07 28.45 -14.28
CA VAL A 530 -11.26 28.33 -15.47
C VAL A 530 -9.80 28.46 -15.07
N SER A 531 -9.54 29.44 -14.20
CA SER A 531 -8.19 29.70 -13.72
C SER A 531 -7.73 28.46 -12.95
N ARG A 532 -8.68 27.82 -12.28
CA ARG A 532 -8.39 26.61 -11.51
C ARG A 532 -7.82 25.53 -12.41
N TRP A 533 -8.14 25.60 -13.69
CA TRP A 533 -7.65 24.61 -14.65
C TRP A 533 -6.49 25.19 -15.46
N THR A 534 -6.07 26.42 -15.16
CA THR A 534 -5.00 27.05 -15.92
C THR A 534 -4.12 28.04 -15.14
N GLY A 535 -4.49 29.32 -15.16
CA GLY A 535 -3.70 30.32 -14.45
C GLY A 535 -4.11 31.77 -14.58
N ILE A 536 -4.07 32.47 -13.45
CA ILE A 536 -4.39 33.91 -13.31
C ILE A 536 -5.68 34.48 -13.91
N PRO A 537 -6.71 34.69 -13.07
CA PRO A 537 -7.99 35.26 -13.51
C PRO A 537 -7.78 36.69 -13.94
N VAL A 538 -6.72 37.30 -13.41
CA VAL A 538 -6.38 38.67 -13.72
C VAL A 538 -6.36 38.87 -15.22
N SER A 539 -5.90 37.86 -15.94
CA SER A 539 -5.84 37.93 -17.39
C SER A 539 -7.01 37.17 -18.01
N LYS A 540 -7.12 35.87 -17.69
CA LYS A 540 -8.22 35.05 -18.21
C LYS A 540 -9.44 35.94 -18.27
N LEU A 541 -9.77 36.54 -17.14
CA LEU A 541 -10.90 37.43 -17.04
C LEU A 541 -10.53 38.75 -17.69
N LEU A 542 -10.44 39.78 -16.85
CA LEU A 542 -10.10 41.14 -17.25
C LEU A 542 -9.77 41.25 -18.74
N GLU A 543 -8.48 41.07 -19.06
CA GLU A 543 -7.99 41.15 -20.41
C GLU A 543 -8.98 40.78 -21.51
N GLY A 544 -9.26 41.75 -22.39
CA GLY A 544 -10.13 41.51 -23.50
C GLY A 544 -9.21 41.47 -24.70
N GLU A 545 -9.46 40.61 -25.67
CA GLU A 545 -8.58 40.50 -26.82
C GLU A 545 -8.13 41.89 -27.28
N ARG A 546 -9.06 42.84 -27.29
CA ARG A 546 -8.79 44.20 -27.71
C ARG A 546 -7.72 44.87 -26.85
N GLU A 547 -7.95 44.89 -25.56
CA GLU A 547 -7.01 45.49 -24.62
C GLU A 547 -5.65 44.80 -24.76
N LYS A 548 -5.70 43.47 -24.83
CA LYS A 548 -4.51 42.66 -24.93
C LYS A 548 -3.70 42.93 -26.19
N LEU A 549 -4.37 43.01 -27.33
CA LEU A 549 -3.70 43.26 -28.61
C LEU A 549 -3.11 44.66 -28.71
N LEU A 550 -3.68 45.61 -27.97
CA LEU A 550 -3.19 46.97 -28.02
C LEU A 550 -1.95 47.16 -27.18
N ARG A 551 -1.88 46.48 -26.06
CA ARG A 551 -0.71 46.58 -25.19
C ARG A 551 0.34 45.54 -25.57
N LEU A 552 0.04 44.77 -26.62
CA LEU A 552 0.92 43.71 -27.08
C LEU A 552 2.41 44.04 -27.09
N GLU A 553 2.78 45.15 -27.71
CA GLU A 553 4.19 45.51 -27.78
C GLU A 553 4.80 45.76 -26.40
N GLU A 554 3.98 46.24 -25.47
CA GLU A 554 4.45 46.50 -24.11
C GLU A 554 4.79 45.16 -23.49
N GLU A 555 3.74 44.36 -23.31
CA GLU A 555 3.84 43.04 -22.73
C GLU A 555 5.06 42.29 -23.24
N LEU A 556 5.22 42.22 -24.57
CA LEU A 556 6.35 41.52 -25.16
C LEU A 556 7.69 42.07 -24.69
N HIS A 557 7.78 43.39 -24.58
CA HIS A 557 9.02 44.00 -24.15
C HIS A 557 9.31 43.77 -22.67
N LYS A 558 8.29 43.42 -21.90
CA LYS A 558 8.50 43.15 -20.49
C LYS A 558 9.40 41.95 -20.34
N ARG A 559 9.48 41.13 -21.38
CA ARG A 559 10.30 39.93 -21.33
C ARG A 559 11.36 39.88 -22.43
N VAL A 560 11.11 40.53 -23.56
CA VAL A 560 12.08 40.52 -24.65
C VAL A 560 12.75 41.90 -24.77
N VAL A 561 14.04 41.94 -24.51
CA VAL A 561 14.80 43.19 -24.58
C VAL A 561 15.22 43.54 -26.00
N GLY A 562 15.01 44.79 -26.39
CA GLY A 562 15.41 45.21 -27.72
C GLY A 562 14.64 44.58 -28.85
N GLN A 563 15.32 44.33 -29.96
CA GLN A 563 14.69 43.72 -31.14
C GLN A 563 13.36 44.38 -31.47
N ASP A 564 13.29 45.68 -31.21
CA ASP A 564 12.08 46.47 -31.44
C ASP A 564 11.45 46.19 -32.80
N GLU A 565 12.27 46.11 -33.84
CA GLU A 565 11.75 45.86 -35.19
C GLU A 565 10.90 44.60 -35.24
N ALA A 566 11.36 43.56 -34.56
CA ALA A 566 10.67 42.27 -34.52
C ALA A 566 9.32 42.37 -33.85
N ILE A 567 9.30 42.96 -32.65
CA ILE A 567 8.06 43.12 -31.89
C ILE A 567 7.02 43.85 -32.72
N ARG A 568 7.38 45.02 -33.22
CA ARG A 568 6.50 45.82 -34.04
C ARG A 568 5.88 44.98 -35.17
N ALA A 569 6.73 44.43 -36.02
CA ALA A 569 6.30 43.59 -37.13
C ALA A 569 5.30 42.53 -36.67
N VAL A 570 5.72 41.73 -35.71
CA VAL A 570 4.84 40.68 -35.19
C VAL A 570 3.54 41.25 -34.67
N ALA A 571 3.63 42.26 -33.82
CA ALA A 571 2.44 42.89 -33.25
C ALA A 571 1.49 43.42 -34.32
N ASP A 572 2.04 44.19 -35.25
CA ASP A 572 1.22 44.76 -36.33
C ASP A 572 0.57 43.68 -37.17
N ALA A 573 1.34 42.63 -37.46
CA ALA A 573 0.82 41.53 -38.24
C ALA A 573 -0.40 40.96 -37.53
N ILE A 574 -0.26 40.65 -36.24
CA ILE A 574 -1.37 40.10 -35.46
C ILE A 574 -2.55 41.06 -35.42
N ARG A 575 -2.29 42.33 -35.14
CA ARG A 575 -3.38 43.29 -35.09
C ARG A 575 -4.07 43.36 -36.45
N ARG A 576 -3.26 43.35 -37.49
CA ARG A 576 -3.75 43.41 -38.86
C ARG A 576 -4.57 42.15 -39.11
N ALA A 577 -4.19 41.06 -38.44
CA ALA A 577 -4.85 39.75 -38.57
C ALA A 577 -6.25 39.81 -38.03
N ARG A 578 -6.37 40.21 -36.76
CA ARG A 578 -7.69 40.35 -36.17
C ARG A 578 -8.23 41.53 -36.97
N ALA A 579 -9.29 42.17 -36.50
CA ALA A 579 -9.81 43.31 -37.25
C ALA A 579 -10.31 42.86 -38.63
N GLY A 580 -9.87 41.68 -39.06
CA GLY A 580 -10.33 41.13 -40.32
C GLY A 580 -9.85 41.76 -41.61
N LEU A 581 -8.55 41.95 -41.75
CA LEU A 581 -8.01 42.54 -42.97
C LEU A 581 -7.21 41.52 -43.77
N LYS A 582 -7.29 40.26 -43.35
CA LYS A 582 -6.57 39.18 -44.01
C LYS A 582 -7.47 37.99 -44.29
N ASP A 583 -7.07 37.17 -45.25
CA ASP A 583 -7.83 35.98 -45.61
C ASP A 583 -8.08 35.15 -44.35
N PRO A 584 -9.35 34.84 -44.06
CA PRO A 584 -9.71 34.06 -42.88
C PRO A 584 -9.06 32.68 -42.88
N ASN A 585 -8.76 32.19 -44.08
CA ASN A 585 -8.15 30.88 -44.24
C ASN A 585 -6.63 30.96 -44.27
N ARG A 586 -6.06 31.34 -43.13
CA ARG A 586 -4.61 31.47 -42.98
C ARG A 586 -4.33 31.55 -41.49
N PRO A 587 -3.06 31.43 -41.10
CA PRO A 587 -2.72 31.53 -39.68
C PRO A 587 -2.84 33.00 -39.23
N ILE A 588 -3.04 33.23 -37.96
CA ILE A 588 -3.16 34.60 -37.46
C ILE A 588 -1.95 35.39 -37.93
N GLY A 589 -0.78 34.76 -37.96
CA GLY A 589 0.42 35.44 -38.41
C GLY A 589 1.55 34.46 -38.67
N SER A 590 2.33 34.70 -39.72
CA SER A 590 3.45 33.83 -40.04
C SER A 590 4.71 34.65 -40.16
N PHE A 591 5.80 34.20 -39.56
CA PHE A 591 7.04 34.95 -39.62
C PHE A 591 8.25 34.09 -39.83
N LEU A 592 9.32 34.76 -40.25
CA LEU A 592 10.60 34.13 -40.49
C LEU A 592 11.63 35.00 -39.74
N PHE A 593 12.10 34.51 -38.60
CA PHE A 593 13.07 35.24 -37.81
C PHE A 593 14.48 34.98 -38.31
N LEU A 594 15.17 36.04 -38.71
CA LEU A 594 16.53 35.92 -39.20
C LEU A 594 17.42 36.70 -38.26
N GLY A 595 18.73 36.47 -38.35
CA GLY A 595 19.66 37.17 -37.49
C GLY A 595 20.53 36.23 -36.69
N PRO A 596 21.32 36.74 -35.75
CA PRO A 596 22.23 35.98 -34.89
C PRO A 596 21.48 34.97 -34.01
N THR A 597 22.23 34.35 -33.08
CA THR A 597 21.69 33.37 -32.17
C THR A 597 21.55 33.93 -30.76
N GLY A 598 20.68 33.32 -29.97
CA GLY A 598 20.46 33.74 -28.60
C GLY A 598 20.35 35.23 -28.37
N VAL A 599 19.56 35.93 -29.20
CA VAL A 599 19.38 37.36 -29.04
C VAL A 599 17.92 37.77 -29.03
N GLY A 600 17.02 36.81 -28.95
CA GLY A 600 15.61 37.13 -28.90
C GLY A 600 14.62 36.17 -29.54
N LYS A 601 14.96 35.63 -30.71
CA LYS A 601 14.06 34.74 -31.43
C LYS A 601 13.19 33.80 -30.60
N THR A 602 13.78 32.76 -30.02
CA THR A 602 12.99 31.82 -29.23
C THR A 602 12.30 32.50 -28.05
N GLU A 603 12.97 33.46 -27.41
CA GLU A 603 12.37 34.17 -26.30
C GLU A 603 11.08 34.83 -26.73
N LEU A 604 11.16 35.59 -27.81
CA LEU A 604 10.00 36.29 -28.33
C LEU A 604 8.92 35.28 -28.61
N ALA A 605 9.32 34.16 -29.22
CA ALA A 605 8.40 33.09 -29.54
C ALA A 605 7.67 32.62 -28.28
N LYS A 606 8.43 32.39 -27.23
CA LYS A 606 7.90 31.96 -25.95
C LYS A 606 6.99 33.03 -25.36
N THR A 607 7.56 34.23 -25.22
CA THR A 607 6.83 35.34 -24.64
C THR A 607 5.53 35.56 -25.39
N LEU A 608 5.58 35.47 -26.72
CA LEU A 608 4.39 35.67 -27.52
C LEU A 608 3.31 34.69 -27.07
N ALA A 609 3.68 33.42 -27.02
CA ALA A 609 2.76 32.36 -26.62
C ALA A 609 2.07 32.70 -25.31
N ALA A 610 2.87 33.12 -24.33
CA ALA A 610 2.36 33.48 -23.02
C ALA A 610 1.46 34.71 -23.04
N THR A 611 2.01 35.84 -23.50
CA THR A 611 1.25 37.08 -23.56
C THR A 611 -0.01 37.06 -24.43
N LEU A 612 0.03 36.32 -25.52
CA LEU A 612 -1.13 36.25 -26.41
C LEU A 612 -2.09 35.15 -26.01
N PHE A 613 -1.56 34.03 -25.53
CA PHE A 613 -2.41 32.92 -25.15
C PHE A 613 -2.38 32.55 -23.66
N ASP A 614 -2.09 33.55 -22.84
CA ASP A 614 -2.06 33.40 -21.38
C ASP A 614 -1.26 32.21 -20.84
N THR A 615 -0.24 31.77 -21.57
CA THR A 615 0.56 30.64 -21.10
C THR A 615 1.65 30.20 -22.04
N GLU A 616 2.80 29.84 -21.50
CA GLU A 616 3.90 29.37 -22.32
C GLU A 616 3.58 27.96 -22.79
N GLU A 617 2.49 27.41 -22.26
CA GLU A 617 2.08 26.06 -22.63
C GLU A 617 1.48 26.08 -24.03
N ALA A 618 1.19 27.29 -24.52
CA ALA A 618 0.60 27.45 -25.85
C ALA A 618 1.64 27.38 -26.94
N MET A 619 2.87 27.05 -26.56
CA MET A 619 3.93 26.94 -27.55
C MET A 619 4.02 25.49 -28.02
N ILE A 620 4.52 25.30 -29.23
CA ILE A 620 4.70 23.99 -29.82
C ILE A 620 5.97 24.11 -30.65
N ARG A 621 7.01 23.39 -30.26
CA ARG A 621 8.25 23.49 -30.99
C ARG A 621 8.48 22.30 -31.89
N ILE A 622 9.14 22.55 -33.00
CA ILE A 622 9.49 21.53 -33.97
C ILE A 622 10.96 21.75 -34.26
N ASP A 623 11.81 21.03 -33.55
CA ASP A 623 13.25 21.18 -33.74
C ASP A 623 13.66 20.53 -35.06
N MET A 624 13.28 21.20 -36.13
CA MET A 624 13.55 20.75 -37.49
C MET A 624 14.90 20.07 -37.72
N THR A 625 15.95 20.60 -37.10
CA THR A 625 17.28 20.05 -37.28
C THR A 625 17.36 18.57 -36.90
N GLU A 626 16.26 18.03 -36.37
CA GLU A 626 16.23 16.62 -36.00
C GLU A 626 15.36 15.82 -36.97
N TYR A 627 14.23 16.38 -37.39
CA TYR A 627 13.35 15.69 -38.33
C TYR A 627 13.98 15.74 -39.72
N MET A 628 14.96 14.86 -39.94
CA MET A 628 15.67 14.80 -41.21
C MET A 628 15.47 13.41 -41.84
N GLU A 629 14.53 12.65 -41.28
CA GLU A 629 14.23 11.30 -41.74
C GLU A 629 12.82 11.19 -42.33
N LYS A 630 11.94 10.44 -41.66
CA LYS A 630 10.56 10.27 -42.13
C LYS A 630 9.70 11.42 -41.60
N HIS A 631 10.29 12.61 -41.59
CA HIS A 631 9.63 13.83 -41.13
C HIS A 631 8.12 13.87 -41.32
N ALA A 632 7.68 14.00 -42.57
CA ALA A 632 6.26 14.06 -42.89
C ALA A 632 5.42 13.20 -41.96
N VAL A 633 5.70 11.90 -41.94
CA VAL A 633 4.96 10.96 -41.09
C VAL A 633 4.92 11.34 -39.62
N SER A 634 6.04 11.85 -39.10
CA SER A 634 6.14 12.25 -37.70
C SER A 634 5.36 13.52 -37.35
N ARG A 635 4.39 13.88 -38.17
CA ARG A 635 3.61 15.10 -37.91
C ARG A 635 2.14 14.99 -38.31
N LEU A 636 1.68 13.77 -38.56
CA LEU A 636 0.29 13.50 -38.94
C LEU A 636 0.07 12.01 -39.20
N GLN A 651 1.95 14.25 -35.28
CA GLN A 651 2.27 14.80 -33.97
C GLN A 651 1.89 16.27 -33.92
N LEU A 652 2.34 17.02 -34.93
CA LEU A 652 2.04 18.45 -35.02
C LEU A 652 0.54 18.63 -35.00
N THR A 653 -0.13 18.07 -36.00
CA THR A 653 -1.57 18.15 -36.13
C THR A 653 -2.28 17.90 -34.80
N GLU A 654 -1.77 16.93 -34.03
CA GLU A 654 -2.36 16.60 -32.74
C GLU A 654 -2.25 17.73 -31.72
N ALA A 655 -1.03 18.25 -31.55
CA ALA A 655 -0.80 19.33 -30.61
C ALA A 655 -1.75 20.48 -30.96
N VAL A 656 -1.78 20.82 -32.24
CA VAL A 656 -2.64 21.88 -32.75
C VAL A 656 -4.11 21.51 -32.55
N ARG A 657 -4.38 20.23 -32.78
CA ARG A 657 -5.73 19.66 -32.67
C ARG A 657 -6.30 19.90 -31.28
N ARG A 658 -5.47 19.70 -30.27
CA ARG A 658 -5.90 19.89 -28.89
C ARG A 658 -5.77 21.33 -28.43
N ARG A 659 -4.92 22.09 -29.09
CA ARG A 659 -4.70 23.48 -28.73
C ARG A 659 -4.69 24.38 -29.96
N PRO A 660 -5.88 24.73 -30.46
CA PRO A 660 -6.03 25.57 -31.64
C PRO A 660 -5.23 26.87 -31.52
N TYR A 661 -5.43 27.58 -30.42
CA TYR A 661 -4.72 28.82 -30.19
C TYR A 661 -3.33 28.51 -29.63
N SER A 662 -2.33 28.54 -30.50
CA SER A 662 -0.98 28.28 -30.07
C SER A 662 0.06 28.81 -31.04
N VAL A 663 1.27 28.99 -30.53
CA VAL A 663 2.39 29.48 -31.32
C VAL A 663 3.19 28.25 -31.73
N ILE A 664 3.47 28.14 -33.02
CA ILE A 664 4.21 27.01 -33.53
C ILE A 664 5.57 27.47 -34.04
N LEU A 665 6.63 26.98 -33.39
CA LEU A 665 7.98 27.37 -33.73
C LEU A 665 8.76 26.29 -34.47
N PHE A 666 9.23 26.61 -35.67
CA PHE A 666 10.02 25.69 -36.47
C PHE A 666 11.46 26.17 -36.47
N ASP A 667 12.33 25.46 -35.77
CA ASP A 667 13.75 25.82 -35.70
C ASP A 667 14.45 25.47 -36.98
N GLU A 668 15.56 26.15 -37.28
CA GLU A 668 16.32 25.88 -38.49
C GLU A 668 15.45 25.37 -39.63
N ILE A 669 14.66 26.26 -40.23
CA ILE A 669 13.76 25.87 -41.29
C ILE A 669 14.46 25.38 -42.56
N GLU A 670 15.62 25.94 -42.87
CA GLU A 670 16.34 25.53 -44.08
C GLU A 670 16.72 24.06 -44.07
N LYS A 671 17.00 23.52 -42.89
CA LYS A 671 17.38 22.12 -42.76
C LYS A 671 16.26 21.15 -43.11
N ALA A 672 15.03 21.64 -43.10
CA ALA A 672 13.88 20.80 -43.43
C ALA A 672 13.95 20.39 -44.89
N HIS A 673 13.31 19.27 -45.21
CA HIS A 673 13.29 18.78 -46.58
C HIS A 673 12.01 19.17 -47.28
N PRO A 674 12.08 19.44 -48.60
CA PRO A 674 10.94 19.84 -49.44
C PRO A 674 9.61 19.25 -49.00
N ASP A 675 9.66 18.02 -48.51
CA ASP A 675 8.46 17.33 -48.03
C ASP A 675 7.73 18.17 -46.99
N VAL A 676 8.47 18.58 -45.95
CA VAL A 676 7.91 19.38 -44.87
C VAL A 676 7.34 20.71 -45.37
N PHE A 677 8.11 21.43 -46.17
CA PHE A 677 7.66 22.70 -46.72
C PHE A 677 6.25 22.59 -47.30
N ASN A 678 5.89 21.40 -47.76
CA ASN A 678 4.56 21.21 -48.30
C ASN A 678 3.54 21.28 -47.18
N ILE A 679 3.75 20.51 -46.12
CA ILE A 679 2.84 20.52 -44.99
C ILE A 679 2.80 21.96 -44.48
N LEU A 680 3.99 22.55 -44.34
CA LEU A 680 4.09 23.91 -43.86
C LEU A 680 3.35 24.85 -44.79
N LEU A 681 3.75 24.86 -46.05
CA LEU A 681 3.13 25.72 -47.05
C LEU A 681 1.61 25.58 -47.01
N GLN A 682 1.15 24.37 -46.74
CA GLN A 682 -0.27 24.10 -46.69
C GLN A 682 -0.88 24.77 -45.48
N ILE A 683 -0.05 25.04 -44.47
CA ILE A 683 -0.51 25.72 -43.26
C ILE A 683 -0.64 27.20 -43.61
N LEU A 684 0.39 27.76 -44.23
CA LEU A 684 0.41 29.17 -44.60
C LEU A 684 -0.72 29.54 -45.54
N ASP A 685 -1.15 28.59 -46.36
CA ASP A 685 -2.26 28.82 -47.28
C ASP A 685 -3.44 28.08 -46.65
N ASP A 686 -4.66 28.52 -46.95
CA ASP A 686 -5.86 27.89 -46.41
C ASP A 686 -5.87 27.62 -44.90
N GLY A 687 -4.75 27.91 -44.24
CA GLY A 687 -4.64 27.73 -42.80
C GLY A 687 -5.23 26.45 -42.21
N ARG A 688 -5.17 25.36 -42.96
CA ARG A 688 -5.68 24.09 -42.49
C ARG A 688 -4.69 23.00 -42.84
N LEU A 689 -4.93 21.79 -42.34
CA LEU A 689 -4.02 20.69 -42.63
C LEU A 689 -4.72 19.34 -42.44
N THR A 690 -4.51 18.43 -43.39
CA THR A 690 -5.12 17.10 -43.34
C THR A 690 -4.13 16.11 -42.71
N ASP A 691 -4.53 15.51 -41.59
CA ASP A 691 -3.65 14.56 -40.90
C ASP A 691 -3.70 13.19 -41.53
N SER A 692 -3.05 12.24 -40.86
CA SER A 692 -2.99 10.87 -41.34
C SER A 692 -4.40 10.30 -41.49
N HIS A 693 -5.11 10.18 -40.37
CA HIS A 693 -6.47 9.65 -40.38
C HIS A 693 -7.33 10.35 -41.43
N GLY A 694 -7.31 11.69 -41.42
CA GLY A 694 -8.10 12.43 -42.39
C GLY A 694 -8.66 13.73 -41.85
N ARG A 695 -9.39 13.65 -40.74
CA ARG A 695 -9.99 14.85 -40.13
C ARG A 695 -8.98 15.98 -39.99
N THR A 696 -9.13 16.99 -40.84
CA THR A 696 -8.24 18.15 -40.85
C THR A 696 -8.25 18.93 -39.53
N VAL A 697 -7.11 19.54 -39.22
CA VAL A 697 -6.95 20.33 -38.02
C VAL A 697 -6.96 21.82 -38.43
N ASP A 698 -7.54 22.67 -37.58
CA ASP A 698 -7.61 24.09 -37.89
C ASP A 698 -6.41 24.89 -37.36
N PHE A 699 -5.72 25.60 -38.25
CA PHE A 699 -4.55 26.40 -37.88
C PHE A 699 -4.83 27.92 -37.97
N ARG A 700 -6.06 28.26 -38.30
CA ARG A 700 -6.43 29.65 -38.43
C ARG A 700 -6.19 30.46 -37.16
N ASN A 701 -6.09 29.78 -36.02
CA ASN A 701 -5.88 30.46 -34.76
C ASN A 701 -4.46 30.31 -34.23
N THR A 702 -3.53 29.98 -35.11
CA THR A 702 -2.15 29.81 -34.67
C THR A 702 -1.21 30.84 -35.26
N VAL A 703 -0.05 30.99 -34.62
CA VAL A 703 0.96 31.91 -35.10
C VAL A 703 2.13 31.04 -35.47
N ILE A 704 2.61 31.20 -36.69
CA ILE A 704 3.72 30.39 -37.17
C ILE A 704 5.02 31.17 -37.25
N ILE A 705 5.98 30.80 -36.41
CA ILE A 705 7.28 31.45 -36.42
C ILE A 705 8.29 30.45 -36.94
N LEU A 706 9.09 30.88 -37.91
CA LEU A 706 10.13 30.03 -38.47
C LEU A 706 11.46 30.75 -38.29
N THR A 707 12.48 30.02 -37.84
CA THR A 707 13.79 30.62 -37.66
C THR A 707 14.77 30.03 -38.65
N SER A 708 15.90 30.71 -38.81
CA SER A 708 16.93 30.27 -39.74
C SER A 708 18.11 31.20 -39.57
N ASN A 709 19.31 30.74 -39.91
CA ASN A 709 20.48 31.58 -39.77
C ASN A 709 21.07 31.91 -41.12
N LEU A 710 20.30 31.62 -42.16
CA LEU A 710 20.73 31.86 -43.54
C LEU A 710 21.37 33.21 -43.86
N GLY A 711 20.83 34.29 -43.32
CA GLY A 711 21.43 35.59 -43.61
C GLY A 711 22.30 36.15 -42.51
N SER A 712 22.33 35.45 -41.38
CA SER A 712 23.10 35.90 -40.22
C SER A 712 24.46 36.54 -40.52
N PRO A 713 25.38 35.78 -41.13
CA PRO A 713 26.70 36.31 -41.44
C PRO A 713 26.63 37.65 -42.18
N LEU A 714 25.91 37.66 -43.29
CA LEU A 714 25.74 38.85 -44.10
C LEU A 714 25.15 39.99 -43.26
N ILE A 715 24.11 39.67 -42.49
CA ILE A 715 23.45 40.66 -41.64
C ILE A 715 24.47 41.29 -40.70
N LEU A 716 25.29 40.45 -40.08
CA LEU A 716 26.32 40.95 -39.18
C LEU A 716 27.26 41.83 -39.97
N GLU A 717 27.78 41.30 -41.07
CA GLU A 717 28.70 42.04 -41.91
C GLU A 717 28.14 43.43 -42.21
N GLY A 718 26.87 43.47 -42.60
CA GLY A 718 26.23 44.73 -42.92
C GLY A 718 26.21 45.70 -41.76
N LEU A 719 26.25 45.17 -40.54
CA LEU A 719 26.24 46.02 -39.37
C LEU A 719 27.63 46.55 -39.05
N GLN A 720 28.66 45.74 -39.30
CA GLN A 720 30.03 46.17 -39.04
C GLN A 720 30.37 47.29 -40.03
N LYS A 721 30.28 46.96 -41.32
CA LYS A 721 30.57 47.94 -42.35
C LYS A 721 29.51 49.05 -42.30
N GLY A 722 28.63 48.94 -41.31
CA GLY A 722 27.57 49.91 -41.13
C GLY A 722 26.82 50.38 -42.36
N TRP A 723 26.55 49.50 -43.31
CA TRP A 723 25.83 49.97 -44.47
C TRP A 723 24.32 49.94 -44.26
N PRO A 724 23.59 50.85 -44.92
CA PRO A 724 22.13 51.04 -44.87
C PRO A 724 21.29 49.78 -44.67
N TYR A 725 20.37 49.84 -43.73
CA TYR A 725 19.51 48.71 -43.44
C TYR A 725 18.92 48.12 -44.71
N GLU A 726 18.42 48.99 -45.59
CA GLU A 726 17.83 48.52 -46.83
C GLU A 726 18.81 47.70 -47.64
N ARG A 727 20.07 48.11 -47.62
CA ARG A 727 21.12 47.40 -48.36
C ARG A 727 21.30 46.00 -47.77
N ILE A 728 21.15 45.89 -46.45
CA ILE A 728 21.28 44.62 -45.77
C ILE A 728 20.10 43.73 -46.13
N ARG A 729 18.90 44.23 -45.88
CA ARG A 729 17.69 43.47 -46.16
C ARG A 729 17.70 42.89 -47.57
N ASP A 730 18.01 43.73 -48.55
CA ASP A 730 18.05 43.30 -49.95
C ASP A 730 19.12 42.26 -50.20
N GLU A 731 20.30 42.50 -49.64
CA GLU A 731 21.42 41.58 -49.79
C GLU A 731 21.03 40.22 -49.19
N VAL A 732 20.44 40.27 -47.99
CA VAL A 732 20.00 39.08 -47.28
C VAL A 732 18.88 38.35 -47.99
N PHE A 733 17.98 39.12 -48.60
CA PHE A 733 16.85 38.52 -49.30
C PHE A 733 17.32 37.63 -50.45
N LYS A 734 18.32 38.11 -51.18
CA LYS A 734 18.87 37.36 -52.29
C LYS A 734 19.22 35.95 -51.80
N VAL A 735 19.98 35.89 -50.71
CA VAL A 735 20.37 34.61 -50.12
C VAL A 735 19.13 33.73 -49.94
N LEU A 736 18.13 34.29 -49.27
CA LEU A 736 16.88 33.57 -49.03
C LEU A 736 16.32 33.01 -50.32
N GLN A 737 16.33 33.81 -51.36
CA GLN A 737 15.81 33.42 -52.66
C GLN A 737 16.54 32.20 -53.21
N GLN A 738 17.66 31.84 -52.59
CA GLN A 738 18.44 30.68 -53.03
C GLN A 738 18.15 29.39 -52.27
N HIS A 739 17.43 29.50 -51.16
CA HIS A 739 17.10 28.30 -50.37
C HIS A 739 15.61 28.16 -50.17
N PHE A 740 14.84 29.19 -50.54
CA PHE A 740 13.40 29.12 -50.35
C PHE A 740 12.57 29.42 -51.59
N ARG A 741 11.56 28.58 -51.82
CA ARG A 741 10.65 28.76 -52.94
C ARG A 741 9.98 30.12 -52.74
N PRO A 742 9.84 30.91 -53.82
CA PRO A 742 9.20 32.21 -53.67
C PRO A 742 7.80 32.11 -53.09
N GLU A 743 7.07 31.07 -53.47
CA GLU A 743 5.71 30.90 -52.95
C GLU A 743 5.76 31.03 -51.43
N PHE A 744 6.78 30.42 -50.84
CA PHE A 744 6.98 30.47 -49.40
C PHE A 744 7.31 31.90 -48.90
N LEU A 745 8.45 32.43 -49.33
CA LEU A 745 8.85 33.77 -48.94
C LEU A 745 7.73 34.79 -49.18
N ASN A 746 6.92 34.56 -50.20
CA ASN A 746 5.84 35.50 -50.53
C ASN A 746 4.63 35.38 -49.61
N ARG A 747 4.41 34.18 -49.06
CA ARG A 747 3.27 33.99 -48.16
C ARG A 747 3.61 34.36 -46.71
N LEU A 748 4.81 34.88 -46.48
CA LEU A 748 5.23 35.27 -45.15
C LEU A 748 4.77 36.68 -44.82
N ASP A 749 4.06 36.82 -43.72
CA ASP A 749 3.57 38.12 -43.29
C ASP A 749 4.70 39.10 -43.07
N GLU A 750 5.84 38.60 -42.58
CA GLU A 750 6.99 39.46 -42.33
C GLU A 750 8.29 38.67 -42.29
N ILE A 751 9.39 39.33 -42.65
CA ILE A 751 10.69 38.68 -42.60
C ILE A 751 11.51 39.55 -41.68
N VAL A 752 11.32 39.30 -40.39
CA VAL A 752 11.98 40.02 -39.32
C VAL A 752 13.45 39.65 -39.18
N VAL A 753 14.28 40.65 -38.92
CA VAL A 753 15.71 40.41 -38.74
C VAL A 753 16.15 40.82 -37.32
N PHE A 754 16.62 39.86 -36.52
CA PHE A 754 17.10 40.15 -35.18
C PHE A 754 18.54 40.59 -35.31
N ARG A 755 18.99 41.44 -34.39
CA ARG A 755 20.37 41.92 -34.44
C ARG A 755 21.08 41.76 -33.11
N PRO A 756 22.41 41.84 -33.12
CA PRO A 756 23.21 41.69 -31.90
C PRO A 756 22.72 42.62 -30.79
N LEU A 757 23.02 42.26 -29.55
CA LEU A 757 22.60 43.05 -28.40
C LEU A 757 23.68 44.04 -27.96
N THR A 758 23.26 45.15 -27.34
CA THR A 758 24.20 46.16 -26.87
C THR A 758 24.43 45.93 -25.40
N LYS A 759 25.61 46.33 -24.93
CA LYS A 759 25.99 46.17 -23.53
C LYS A 759 24.84 46.49 -22.58
N GLU A 760 24.12 47.57 -22.84
CA GLU A 760 23.01 47.98 -21.99
C GLU A 760 21.84 47.00 -22.09
N GLN A 761 21.60 46.49 -23.29
CA GLN A 761 20.53 45.53 -23.50
C GLN A 761 20.74 44.33 -22.59
N ILE A 762 21.98 43.85 -22.57
CA ILE A 762 22.34 42.72 -21.73
C ILE A 762 21.94 43.01 -20.30
N ARG A 763 22.46 44.13 -19.77
CA ARG A 763 22.15 44.52 -18.42
C ARG A 763 20.64 44.44 -18.19
N GLN A 764 19.88 45.00 -19.12
CA GLN A 764 18.43 44.97 -19.02
C GLN A 764 17.94 43.55 -18.92
N ILE A 765 18.62 42.64 -19.62
CA ILE A 765 18.25 41.23 -19.59
C ILE A 765 18.60 40.70 -18.21
N VAL A 766 19.77 41.07 -17.72
CA VAL A 766 20.22 40.64 -16.39
C VAL A 766 19.15 41.00 -15.37
N GLU A 767 18.62 42.21 -15.47
CA GLU A 767 17.59 42.66 -14.56
C GLU A 767 16.35 41.76 -14.66
N ILE A 768 15.74 41.71 -15.84
CA ILE A 768 14.56 40.88 -16.03
C ILE A 768 14.86 39.43 -15.67
N GLN A 769 16.13 39.04 -15.80
CA GLN A 769 16.53 37.68 -15.46
C GLN A 769 16.51 37.52 -13.94
N LEU A 770 16.98 38.54 -13.24
CA LEU A 770 17.01 38.53 -11.78
C LEU A 770 15.60 38.47 -11.22
N SER A 771 14.67 39.10 -11.91
CA SER A 771 13.27 39.12 -11.48
C SER A 771 12.78 37.79 -10.88
N TYR A 772 12.92 36.70 -11.61
CA TYR A 772 12.46 35.41 -11.11
C TYR A 772 13.15 35.03 -9.81
N LEU A 773 14.48 35.02 -9.83
CA LEU A 773 15.26 34.69 -8.66
C LEU A 773 14.64 35.39 -7.46
N ARG A 774 14.35 36.67 -7.68
CA ARG A 774 13.74 37.52 -6.69
C ARG A 774 12.37 36.96 -6.34
N ALA A 775 11.49 36.89 -7.32
CA ALA A 775 10.15 36.37 -7.09
C ALA A 775 10.20 35.01 -6.40
N ARG A 776 11.31 34.32 -6.56
CA ARG A 776 11.50 33.01 -5.96
C ARG A 776 11.95 33.21 -4.51
N LEU A 777 12.96 34.06 -4.31
CA LEU A 777 13.47 34.37 -2.98
C LEU A 777 12.41 35.13 -2.19
N ALA A 778 11.37 35.57 -2.89
CA ALA A 778 10.29 36.31 -2.27
C ALA A 778 9.51 35.38 -1.36
N GLU A 779 9.32 34.15 -1.82
CA GLU A 779 8.59 33.14 -1.06
C GLU A 779 9.18 32.95 0.33
N LYS A 780 10.38 33.47 0.53
CA LYS A 780 11.05 33.38 1.82
C LYS A 780 11.32 34.79 2.35
N ARG A 781 10.52 35.74 1.91
CA ARG A 781 10.65 37.13 2.34
C ARG A 781 12.08 37.67 2.17
N ILE A 782 12.89 36.95 1.39
CA ILE A 782 14.27 37.35 1.16
C ILE A 782 14.42 38.32 -0.02
N SER A 783 15.01 39.48 0.25
CA SER A 783 15.22 40.49 -0.78
C SER A 783 16.60 40.33 -1.39
N LEU A 784 16.74 40.78 -2.63
CA LEU A 784 18.02 40.64 -3.32
C LEU A 784 18.42 41.90 -4.09
N GLU A 785 19.19 42.76 -3.45
CA GLU A 785 19.66 44.00 -4.06
C GLU A 785 21.09 43.87 -4.54
N LEU A 786 21.31 44.13 -5.82
CA LEU A 786 22.65 44.04 -6.41
C LEU A 786 23.25 45.38 -6.81
N THR A 787 24.58 45.43 -6.78
CA THR A 787 25.33 46.62 -7.15
C THR A 787 25.38 46.73 -8.67
N GLU A 788 25.45 47.96 -9.18
CA GLU A 788 25.55 48.16 -10.62
C GLU A 788 26.77 47.38 -11.06
N ALA A 789 27.81 47.40 -10.22
CA ALA A 789 29.04 46.69 -10.51
C ALA A 789 28.72 45.22 -10.67
N ALA A 790 27.91 44.70 -9.75
CA ALA A 790 27.52 43.30 -9.80
C ALA A 790 26.79 43.04 -11.12
N LYS A 791 25.71 43.78 -11.34
CA LYS A 791 24.93 43.63 -12.55
C LYS A 791 25.83 43.67 -13.78
N ASP A 792 26.69 44.69 -13.85
CA ASP A 792 27.61 44.83 -14.97
C ASP A 792 28.45 43.58 -15.12
N PHE A 793 28.88 43.02 -14.00
CA PHE A 793 29.70 41.82 -14.02
C PHE A 793 28.97 40.68 -14.71
N LEU A 794 27.72 40.47 -14.30
CA LEU A 794 26.90 39.44 -14.89
C LEU A 794 26.71 39.70 -16.37
N ALA A 795 26.39 40.96 -16.71
CA ALA A 795 26.22 41.35 -18.09
C ALA A 795 27.49 40.95 -18.84
N GLU A 796 28.63 41.39 -18.33
CA GLU A 796 29.91 41.06 -18.93
C GLU A 796 30.01 39.57 -19.23
N ARG A 797 30.18 38.78 -18.18
CA ARG A 797 30.30 37.33 -18.29
C ARG A 797 29.14 36.67 -19.02
N GLY A 798 27.95 37.24 -18.87
CA GLY A 798 26.76 36.68 -19.51
C GLY A 798 26.72 36.65 -21.02
N TYR A 799 26.99 37.78 -21.66
CA TYR A 799 26.94 37.85 -23.12
C TYR A 799 28.19 37.32 -23.82
N ASP A 800 27.99 36.94 -25.08
CA ASP A 800 29.03 36.39 -25.95
C ASP A 800 28.73 36.77 -27.42
N PRO A 801 29.75 37.21 -28.16
CA PRO A 801 29.59 37.60 -29.57
C PRO A 801 28.86 36.57 -30.42
N VAL A 802 29.37 35.35 -30.43
CA VAL A 802 28.78 34.28 -31.23
C VAL A 802 27.62 33.52 -30.58
N PHE A 803 27.62 33.43 -29.25
CA PHE A 803 26.57 32.71 -28.55
C PHE A 803 25.43 33.59 -28.08
N GLY A 804 25.69 34.89 -28.02
CA GLY A 804 24.68 35.82 -27.58
C GLY A 804 24.49 35.84 -26.08
N ALA A 805 23.24 36.01 -25.65
CA ALA A 805 22.94 36.05 -24.23
C ALA A 805 22.54 34.68 -23.73
N ARG A 806 23.03 33.63 -24.38
CA ARG A 806 22.69 32.30 -23.94
C ARG A 806 23.38 31.99 -22.62
N PRO A 807 24.69 32.28 -22.54
CA PRO A 807 25.51 32.05 -21.33
C PRO A 807 25.04 32.71 -20.04
N LEU A 808 24.57 33.95 -20.14
CA LEU A 808 24.10 34.70 -18.98
C LEU A 808 23.45 33.83 -17.90
N ARG A 809 22.58 32.92 -18.32
CA ARG A 809 21.88 32.04 -17.38
C ARG A 809 22.87 31.21 -16.56
N ARG A 810 23.69 30.44 -17.25
CA ARG A 810 24.69 29.60 -16.60
C ARG A 810 25.50 30.47 -15.66
N VAL A 811 25.93 31.62 -16.15
CA VAL A 811 26.71 32.56 -15.37
C VAL A 811 25.98 32.98 -14.10
N ILE A 812 24.81 33.59 -14.27
CA ILE A 812 24.03 34.03 -13.12
C ILE A 812 23.84 32.88 -12.14
N GLN A 813 23.69 31.69 -12.67
CA GLN A 813 23.51 30.50 -11.86
C GLN A 813 24.74 30.22 -11.01
N ARG A 814 25.90 30.13 -11.65
CA ARG A 814 27.14 29.85 -10.95
C ARG A 814 27.65 31.00 -10.09
N GLU A 815 27.82 32.17 -10.69
CA GLU A 815 28.32 33.35 -9.99
C GLU A 815 27.44 33.88 -8.86
N LEU A 816 26.13 33.71 -8.98
CA LEU A 816 25.22 34.23 -7.97
C LEU A 816 24.40 33.18 -7.21
N GLU A 817 23.60 32.41 -7.93
CA GLU A 817 22.76 31.41 -7.30
C GLU A 817 23.47 30.34 -6.47
N THR A 818 24.56 29.78 -6.99
CA THR A 818 25.26 28.73 -6.26
C THR A 818 25.67 29.24 -4.89
N PRO A 819 26.40 30.36 -4.84
CA PRO A 819 26.84 30.93 -3.56
C PRO A 819 25.64 31.22 -2.66
N LEU A 820 24.71 32.02 -3.15
CA LEU A 820 23.50 32.36 -2.41
C LEU A 820 22.82 31.13 -1.81
N ALA A 821 22.92 30.01 -2.51
CA ALA A 821 22.31 28.77 -2.04
C ALA A 821 23.03 28.27 -0.79
N GLN A 822 24.36 28.26 -0.85
CA GLN A 822 25.18 27.81 0.27
C GLN A 822 24.87 28.63 1.51
N LYS A 823 24.74 29.94 1.35
CA LYS A 823 24.42 30.84 2.46
C LYS A 823 23.06 30.48 3.06
N ILE A 824 22.09 30.20 2.20
CA ILE A 824 20.77 29.85 2.67
C ILE A 824 20.77 28.55 3.46
N LEU A 825 21.42 27.52 2.91
CA LEU A 825 21.49 26.23 3.59
C LEU A 825 22.29 26.35 4.88
N ALA A 826 23.39 27.09 4.81
CA ALA A 826 24.27 27.29 5.97
C ALA A 826 23.56 28.11 7.04
N GLY A 827 22.52 28.84 6.66
CA GLY A 827 21.79 29.65 7.62
C GLY A 827 22.20 31.11 7.62
N GLU A 828 23.30 31.43 6.95
CA GLU A 828 23.76 32.81 6.88
C GLU A 828 22.65 33.70 6.33
N VAL A 829 21.85 33.17 5.41
CA VAL A 829 20.75 33.94 4.86
C VAL A 829 19.48 33.31 5.38
N LYS A 830 18.81 34.01 6.27
CA LYS A 830 17.57 33.52 6.89
C LYS A 830 16.35 34.09 6.18
N GLU A 831 15.20 33.95 6.83
CA GLU A 831 13.93 34.43 6.31
C GLU A 831 13.83 35.94 6.44
N GLY A 832 13.33 36.60 5.39
CA GLY A 832 13.16 38.04 5.42
C GLY A 832 14.40 38.90 5.23
N ASP A 833 15.58 38.33 5.40
CA ASP A 833 16.83 39.08 5.23
C ASP A 833 16.89 39.80 3.88
N ARG A 834 17.64 40.90 3.83
CA ARG A 834 17.79 41.66 2.60
C ARG A 834 19.24 41.44 2.16
N VAL A 835 19.45 40.43 1.33
CA VAL A 835 20.79 40.11 0.85
C VAL A 835 21.38 41.17 -0.07
N GLN A 836 22.53 41.71 0.31
CA GLN A 836 23.21 42.74 -0.46
C GLN A 836 24.34 42.08 -1.26
N VAL A 837 24.32 42.25 -2.57
CA VAL A 837 25.35 41.64 -3.41
C VAL A 837 26.22 42.68 -4.13
N ASP A 838 27.53 42.50 -4.01
CA ASP A 838 28.47 43.40 -4.68
C ASP A 838 29.64 42.61 -5.24
N VAL A 839 30.44 43.27 -6.08
CA VAL A 839 31.59 42.64 -6.71
C VAL A 839 32.78 42.52 -5.76
N GLY A 840 33.98 42.49 -6.31
CA GLY A 840 35.19 42.37 -5.52
C GLY A 840 36.08 41.32 -6.13
N PRO A 841 37.26 41.06 -5.55
CA PRO A 841 38.16 40.04 -6.11
C PRO A 841 37.55 38.65 -6.05
N ALA A 842 37.94 37.80 -7.00
CA ALA A 842 37.47 36.41 -7.09
C ALA A 842 35.96 36.25 -7.25
N GLY A 843 35.27 37.32 -7.65
CA GLY A 843 33.84 37.22 -7.85
C GLY A 843 32.95 38.00 -6.89
N LEU A 844 31.64 37.80 -7.06
CA LEU A 844 30.64 38.47 -6.26
C LEU A 844 30.75 38.19 -4.77
N VAL A 845 30.30 39.13 -3.96
CA VAL A 845 30.35 38.99 -2.51
C VAL A 845 28.97 39.33 -1.96
N PHE A 846 28.55 38.64 -0.92
CA PHE A 846 27.24 38.88 -0.33
C PHE A 846 27.31 39.50 1.05
N ALA A 847 26.24 40.17 1.44
CA ALA A 847 26.18 40.81 2.74
C ALA A 847 24.73 40.98 3.19
N VAL A 848 24.43 40.49 4.38
CA VAL A 848 23.09 40.61 4.95
C VAL A 848 23.18 41.88 5.80
N PRO A 849 22.24 42.83 5.63
CA PRO A 849 22.34 44.06 6.41
C PRO A 849 23.73 44.69 6.37
N ALA A 850 24.51 44.58 7.45
CA ALA A 850 25.86 45.16 7.54
C ALA A 850 26.50 45.81 6.29
N GLU B 4 -27.60 12.41 35.25
CA GLU B 4 -27.85 13.78 34.73
C GLU B 4 -29.15 13.78 33.92
N ARG B 5 -29.33 12.74 33.12
CA ARG B 5 -30.52 12.60 32.29
C ARG B 5 -30.79 11.11 32.03
N TRP B 6 -31.16 10.80 30.79
CA TRP B 6 -31.45 9.45 30.36
C TRP B 6 -30.28 8.85 29.57
N THR B 7 -30.03 7.57 29.77
CA THR B 7 -28.95 6.89 29.05
C THR B 7 -29.09 7.13 27.55
N GLN B 8 -27.96 7.23 26.86
CA GLN B 8 -27.93 7.47 25.42
C GLN B 8 -28.98 6.63 24.70
N ALA B 9 -29.00 5.34 25.01
CA ALA B 9 -29.93 4.42 24.39
C ALA B 9 -31.31 5.04 24.33
N ALA B 10 -31.97 5.12 25.48
CA ALA B 10 -33.31 5.70 25.54
C ALA B 10 -33.34 7.08 24.91
N ARG B 11 -32.27 7.83 25.14
CA ARG B 11 -32.13 9.19 24.63
C ARG B 11 -32.34 9.17 23.12
N GLU B 12 -31.60 8.30 22.43
CA GLU B 12 -31.70 8.17 20.98
C GLU B 12 -33.10 7.72 20.60
N ALA B 13 -33.67 6.81 21.39
CA ALA B 13 -35.01 6.30 21.12
C ALA B 13 -36.02 7.44 21.03
N LEU B 14 -35.90 8.41 21.92
CA LEU B 14 -36.79 9.55 21.93
C LEU B 14 -36.62 10.37 20.65
N ALA B 15 -35.37 10.73 20.34
CA ALA B 15 -35.07 11.49 19.14
C ALA B 15 -35.65 10.78 17.93
N GLN B 16 -35.48 9.46 17.89
CA GLN B 16 -36.00 8.63 16.81
C GLN B 16 -37.50 8.88 16.65
N ALA B 17 -38.23 8.71 17.75
CA ALA B 17 -39.68 8.89 17.76
C ALA B 17 -40.03 10.28 17.28
N GLN B 18 -39.27 11.26 17.76
CA GLN B 18 -39.49 12.65 17.40
C GLN B 18 -39.35 12.84 15.90
N VAL B 19 -38.24 12.36 15.34
CA VAL B 19 -37.99 12.49 13.90
C VAL B 19 -39.08 11.78 13.11
N LEU B 20 -39.60 10.70 13.66
CA LEU B 20 -40.65 9.95 12.98
C LEU B 20 -41.86 10.85 12.87
N ALA B 21 -42.23 11.47 13.99
CA ALA B 21 -43.37 12.37 14.02
C ALA B 21 -43.26 13.35 12.87
N GLN B 22 -42.08 13.94 12.74
CA GLN B 22 -41.81 14.89 11.68
C GLN B 22 -42.01 14.26 10.30
N ARG B 23 -41.27 13.19 10.03
CA ARG B 23 -41.38 12.50 8.75
C ARG B 23 -42.83 12.33 8.30
N MET B 24 -43.64 11.71 9.13
CA MET B 24 -45.05 11.49 8.81
C MET B 24 -45.90 12.76 8.93
N LYS B 25 -45.25 13.89 9.19
CA LYS B 25 -45.90 15.19 9.30
C LYS B 25 -46.96 15.24 10.39
N HIS B 26 -46.61 14.82 11.60
CA HIS B 26 -47.54 14.84 12.71
C HIS B 26 -47.33 16.05 13.60
N GLN B 27 -48.29 16.34 14.47
CA GLN B 27 -48.19 17.48 15.37
C GLN B 27 -47.85 17.10 16.79
N ALA B 28 -48.46 16.03 17.28
CA ALA B 28 -48.21 15.58 18.65
C ALA B 28 -47.38 14.30 18.70
N ILE B 29 -46.20 14.38 19.30
CA ILE B 29 -45.35 13.20 19.43
C ILE B 29 -46.00 12.33 20.48
N ASP B 30 -46.79 11.37 20.02
CA ASP B 30 -47.51 10.46 20.91
C ASP B 30 -46.76 9.14 21.14
N LEU B 31 -47.35 8.26 21.94
CA LEU B 31 -46.78 6.95 22.24
C LEU B 31 -46.51 6.11 20.98
N PRO B 32 -47.49 6.02 20.07
CA PRO B 32 -47.30 5.24 18.85
C PRO B 32 -45.94 5.50 18.20
N HIS B 33 -45.47 6.73 18.30
CA HIS B 33 -44.19 7.08 17.70
C HIS B 33 -43.06 6.35 18.40
N LEU B 34 -43.06 6.41 19.73
CA LEU B 34 -42.02 5.77 20.52
C LEU B 34 -42.04 4.27 20.30
N TRP B 35 -43.23 3.69 20.23
CA TRP B 35 -43.38 2.26 19.98
C TRP B 35 -42.75 1.93 18.63
N ALA B 36 -43.28 2.56 17.59
CA ALA B 36 -42.82 2.37 16.23
C ALA B 36 -41.30 2.23 16.07
N VAL B 37 -40.55 3.07 16.78
CA VAL B 37 -39.10 3.02 16.69
C VAL B 37 -38.47 2.00 17.63
N LEU B 38 -39.10 1.75 18.78
CA LEU B 38 -38.59 0.78 19.73
C LEU B 38 -38.75 -0.66 19.24
N LEU B 39 -39.84 -0.91 18.53
CA LEU B 39 -40.12 -2.24 18.01
C LEU B 39 -39.67 -2.38 16.55
N LYS B 40 -38.36 -2.42 16.34
CA LYS B 40 -37.81 -2.55 15.00
C LYS B 40 -37.69 -3.99 14.53
N ASP B 41 -36.97 -4.81 15.29
CA ASP B 41 -36.76 -6.22 14.98
C ASP B 41 -37.27 -7.10 16.09
N GLU B 42 -37.26 -8.40 15.82
CA GLU B 42 -37.64 -9.39 16.81
C GLU B 42 -36.53 -9.26 17.85
N ARG B 43 -35.38 -8.79 17.38
CA ARG B 43 -34.20 -8.60 18.21
C ARG B 43 -34.31 -7.38 19.10
N SER B 44 -35.13 -6.43 18.71
CA SER B 44 -35.30 -5.20 19.49
C SER B 44 -35.64 -5.51 20.94
N LEU B 45 -34.91 -4.88 21.86
CA LEU B 45 -35.12 -5.09 23.28
C LEU B 45 -36.59 -4.93 23.63
N ALA B 46 -37.20 -3.86 23.15
CA ALA B 46 -38.60 -3.61 23.42
C ALA B 46 -39.44 -4.80 23.00
N TRP B 47 -39.00 -5.48 21.95
CA TRP B 47 -39.70 -6.63 21.40
C TRP B 47 -39.47 -7.83 22.29
N ARG B 48 -38.20 -8.10 22.60
CA ARG B 48 -37.84 -9.23 23.44
C ARG B 48 -38.59 -9.16 24.76
N LEU B 49 -38.23 -8.16 25.56
CA LEU B 49 -38.83 -7.94 26.86
C LEU B 49 -40.36 -8.07 26.84
N LEU B 50 -40.97 -7.53 25.80
CA LEU B 50 -42.41 -7.55 25.67
C LEU B 50 -42.96 -8.94 25.33
N GLU B 51 -42.24 -9.66 24.48
CA GLU B 51 -42.67 -11.01 24.09
C GLU B 51 -42.42 -11.98 25.23
N LYS B 52 -41.37 -11.71 25.99
CA LYS B 52 -41.03 -12.56 27.12
C LYS B 52 -41.98 -12.32 28.28
N ALA B 53 -42.88 -11.36 28.13
CA ALA B 53 -43.84 -11.08 29.19
C ALA B 53 -45.27 -11.42 28.83
N GLY B 54 -45.49 -12.08 27.70
CA GLY B 54 -46.85 -12.47 27.35
C GLY B 54 -47.57 -11.78 26.22
N ALA B 55 -47.09 -10.63 25.79
CA ALA B 55 -47.74 -9.93 24.68
C ALA B 55 -46.92 -10.13 23.42
N ASP B 56 -47.57 -10.17 22.25
CA ASP B 56 -46.81 -10.34 21.03
C ASP B 56 -46.56 -8.96 20.41
N PRO B 57 -45.29 -8.52 20.45
CA PRO B 57 -44.86 -7.23 19.92
C PRO B 57 -45.34 -6.92 18.51
N LYS B 58 -45.25 -7.90 17.62
CA LYS B 58 -45.66 -7.68 16.24
C LYS B 58 -47.05 -7.06 16.15
N ALA B 59 -48.03 -7.67 16.81
CA ALA B 59 -49.39 -7.13 16.80
C ALA B 59 -49.38 -5.71 17.33
N LEU B 60 -48.61 -5.48 18.38
CA LEU B 60 -48.51 -4.15 18.97
C LEU B 60 -48.00 -3.17 17.94
N LYS B 61 -46.81 -3.44 17.41
CA LYS B 61 -46.23 -2.59 16.39
C LYS B 61 -47.20 -2.42 15.24
N GLU B 62 -47.80 -3.53 14.84
CA GLU B 62 -48.75 -3.56 13.74
C GLU B 62 -49.86 -2.53 13.97
N LEU B 63 -50.55 -2.66 15.09
CA LEU B 63 -51.66 -1.76 15.44
C LEU B 63 -51.22 -0.32 15.74
N GLN B 64 -50.02 -0.17 16.29
CA GLN B 64 -49.50 1.15 16.62
C GLN B 64 -49.26 1.97 15.37
N GLU B 65 -48.70 1.35 14.34
CA GLU B 65 -48.43 2.05 13.10
C GLU B 65 -49.73 2.43 12.42
N ARG B 66 -50.77 1.67 12.73
CA ARG B 66 -52.09 1.92 12.15
C ARG B 66 -52.55 3.28 12.63
N GLU B 67 -52.34 3.56 13.91
CA GLU B 67 -52.73 4.83 14.49
C GLU B 67 -51.97 5.97 13.80
N LEU B 68 -50.66 5.82 13.71
CA LEU B 68 -49.84 6.82 13.07
C LEU B 68 -50.38 7.13 11.68
N ALA B 69 -50.84 6.09 10.98
CA ALA B 69 -51.37 6.25 9.64
C ALA B 69 -52.71 6.97 9.64
N ARG B 70 -53.40 6.92 10.78
CA ARG B 70 -54.70 7.57 10.92
C ARG B 70 -54.58 8.94 11.58
N LEU B 71 -53.39 9.54 11.47
CA LEU B 71 -53.16 10.84 12.07
C LEU B 71 -53.24 11.96 11.04
N PRO B 72 -53.76 13.11 11.49
CA PRO B 72 -53.93 14.33 10.73
C PRO B 72 -52.55 14.85 10.39
N LYS B 73 -52.45 15.37 9.19
CA LYS B 73 -51.24 15.92 8.65
C LYS B 73 -51.23 17.45 8.85
N VAL B 74 -50.41 17.96 9.76
CA VAL B 74 -50.34 19.40 9.98
C VAL B 74 -49.34 20.06 9.01
N GLU B 75 -48.58 21.02 9.49
CA GLU B 75 -47.61 21.72 8.65
C GLU B 75 -46.43 22.29 9.43
N GLY B 76 -45.65 23.12 8.73
CA GLY B 76 -44.47 23.77 9.30
C GLY B 76 -44.22 23.78 10.80
N ALA B 77 -44.55 24.90 11.45
CA ALA B 77 -44.33 25.06 12.88
C ALA B 77 -45.23 24.21 13.77
N GLU B 78 -46.08 23.39 13.16
CA GLU B 78 -46.95 22.52 13.93
C GLU B 78 -46.44 21.08 13.97
N VAL B 79 -45.45 20.79 13.13
CA VAL B 79 -44.86 19.45 13.07
C VAL B 79 -44.01 19.17 14.29
N GLY B 80 -44.29 18.07 14.99
CA GLY B 80 -43.53 17.73 16.18
C GLY B 80 -43.61 18.87 17.17
N GLN B 81 -44.76 19.54 17.16
CA GLN B 81 -45.04 20.68 18.02
C GLN B 81 -44.92 20.41 19.52
N TYR B 82 -45.35 19.25 19.97
CA TYR B 82 -45.29 18.95 21.40
C TYR B 82 -45.43 17.47 21.74
N LEU B 83 -45.33 17.16 23.02
CA LEU B 83 -45.46 15.79 23.51
C LEU B 83 -46.82 15.56 24.16
N THR B 84 -47.51 14.53 23.68
CA THR B 84 -48.81 14.16 24.21
C THR B 84 -48.70 13.98 25.72
N SER B 85 -49.80 14.23 26.43
CA SER B 85 -49.82 14.09 27.87
C SER B 85 -49.43 12.67 28.28
N ARG B 86 -49.95 11.69 27.56
CA ARG B 86 -49.68 10.28 27.84
C ARG B 86 -48.19 10.00 27.81
N LEU B 87 -47.54 10.38 26.71
CA LEU B 87 -46.10 10.17 26.54
C LEU B 87 -45.31 10.80 27.69
N SER B 88 -45.48 12.10 27.87
CA SER B 88 -44.80 12.82 28.94
C SER B 88 -44.99 12.09 30.26
N GLY B 89 -46.24 11.72 30.53
CA GLY B 89 -46.56 11.00 31.75
C GLY B 89 -45.71 9.75 31.89
N ALA B 90 -45.70 8.94 30.84
CA ALA B 90 -44.93 7.71 30.83
C ALA B 90 -43.45 8.02 30.99
N LEU B 91 -42.96 9.02 30.25
CA LEU B 91 -41.56 9.40 30.32
C LEU B 91 -41.15 9.71 31.75
N ASN B 92 -41.98 10.48 32.45
CA ASN B 92 -41.70 10.84 33.84
C ASN B 92 -41.90 9.65 34.76
N ARG B 93 -42.74 8.71 34.35
CA ARG B 93 -43.01 7.53 35.15
C ARG B 93 -41.80 6.60 35.02
N ALA B 94 -41.08 6.73 33.92
CA ALA B 94 -39.90 5.90 33.67
C ALA B 94 -38.81 6.26 34.68
N GLU B 95 -38.79 7.51 35.09
CA GLU B 95 -37.80 7.99 36.05
C GLU B 95 -38.13 7.43 37.42
N GLY B 96 -39.42 7.34 37.72
CA GLY B 96 -39.84 6.81 39.00
C GLY B 96 -39.44 5.35 39.10
N LEU B 97 -39.32 4.70 37.95
CA LEU B 97 -38.93 3.30 37.91
C LEU B 97 -37.41 3.12 37.94
N MET B 98 -36.69 4.11 37.43
CA MET B 98 -35.24 4.04 37.42
C MET B 98 -34.76 4.22 38.85
N GLU B 99 -35.68 4.65 39.71
CA GLU B 99 -35.37 4.86 41.11
C GLU B 99 -35.65 3.57 41.87
N GLU B 100 -36.81 2.98 41.61
CA GLU B 100 -37.20 1.74 42.26
C GLU B 100 -36.13 0.68 41.99
N LEU B 101 -35.18 1.04 41.13
CA LEU B 101 -34.06 0.17 40.76
C LEU B 101 -32.83 1.03 40.98
N LYS B 102 -31.78 0.47 41.57
CA LYS B 102 -30.56 1.25 41.83
C LYS B 102 -30.04 1.98 40.60
N ASP B 103 -30.51 1.56 39.43
CA ASP B 103 -30.09 2.17 38.18
C ASP B 103 -30.09 3.69 38.27
N ARG B 104 -28.92 4.29 38.06
CA ARG B 104 -28.77 5.74 38.13
C ARG B 104 -29.41 6.49 36.97
N TYR B 105 -29.63 5.80 35.85
CA TYR B 105 -30.24 6.42 34.67
C TYR B 105 -31.48 5.67 34.21
N VAL B 106 -32.17 6.24 33.22
CA VAL B 106 -33.38 5.63 32.67
C VAL B 106 -33.01 4.89 31.39
N ALA B 107 -32.83 3.58 31.48
CA ALA B 107 -32.47 2.79 30.31
C ALA B 107 -33.67 2.55 29.40
N VAL B 108 -33.41 1.97 28.23
CA VAL B 108 -34.48 1.70 27.27
C VAL B 108 -35.49 0.68 27.77
N ASP B 109 -35.03 -0.29 28.55
CA ASP B 109 -35.93 -1.31 29.08
C ASP B 109 -36.85 -0.72 30.13
N THR B 110 -36.30 0.13 30.99
CA THR B 110 -37.11 0.75 32.02
C THR B 110 -38.13 1.65 31.32
N LEU B 111 -37.80 2.09 30.13
CA LEU B 111 -38.68 2.94 29.33
C LEU B 111 -39.82 2.11 28.74
N VAL B 112 -39.53 0.85 28.40
CA VAL B 112 -40.55 -0.02 27.84
C VAL B 112 -41.65 -0.25 28.86
N LEU B 113 -41.25 -0.45 30.11
CA LEU B 113 -42.21 -0.67 31.19
C LEU B 113 -43.20 0.48 31.22
N ALA B 114 -42.68 1.69 31.32
CA ALA B 114 -43.50 2.89 31.35
C ALA B 114 -44.54 2.89 30.23
N LEU B 115 -44.07 2.71 29.00
CA LEU B 115 -44.94 2.67 27.83
C LEU B 115 -45.88 1.48 27.94
N ALA B 116 -45.32 0.39 28.46
CA ALA B 116 -46.09 -0.82 28.66
C ALA B 116 -47.27 -0.46 29.56
N GLU B 117 -46.99 0.27 30.63
CA GLU B 117 -48.03 0.69 31.55
C GLU B 117 -49.02 1.59 30.82
N ALA B 118 -48.47 2.65 30.22
CA ALA B 118 -49.27 3.63 29.50
C ALA B 118 -50.12 3.08 28.36
N THR B 119 -49.83 1.87 27.90
CA THR B 119 -50.62 1.31 26.80
C THR B 119 -51.57 0.17 27.16
N PRO B 120 -52.85 0.35 26.88
CA PRO B 120 -53.90 -0.64 27.15
C PRO B 120 -53.70 -1.90 26.34
N GLY B 121 -54.21 -3.02 26.84
CA GLY B 121 -54.11 -4.26 26.12
C GLY B 121 -52.90 -5.16 26.28
N LEU B 122 -51.86 -4.71 26.99
CA LEU B 122 -50.69 -5.56 27.17
C LEU B 122 -50.26 -5.67 28.65
N PRO B 123 -49.47 -6.72 28.99
CA PRO B 123 -48.92 -7.08 30.30
C PRO B 123 -48.69 -6.00 31.37
N GLY B 124 -48.97 -6.37 32.62
CA GLY B 124 -48.81 -5.46 33.75
C GLY B 124 -47.43 -5.48 34.38
N LEU B 125 -47.06 -4.38 35.04
CA LEU B 125 -45.76 -4.22 35.68
C LEU B 125 -45.22 -5.50 36.32
N GLU B 126 -46.12 -6.35 36.81
CA GLU B 126 -45.69 -7.58 37.45
C GLU B 126 -44.82 -8.39 36.50
N ALA B 127 -45.44 -8.94 35.46
CA ALA B 127 -44.72 -9.74 34.47
C ALA B 127 -43.66 -8.92 33.72
N LEU B 128 -43.92 -7.62 33.57
CA LEU B 128 -42.99 -6.73 32.86
C LEU B 128 -41.66 -6.53 33.58
N LYS B 129 -41.71 -6.12 34.85
CA LYS B 129 -40.49 -5.93 35.63
C LYS B 129 -39.80 -7.27 35.66
N GLY B 130 -40.60 -8.33 35.70
CA GLY B 130 -40.07 -9.67 35.72
C GLY B 130 -39.19 -9.84 34.50
N ALA B 131 -39.83 -9.90 33.33
CA ALA B 131 -39.13 -10.06 32.07
C ALA B 131 -37.89 -9.17 32.00
N LEU B 132 -38.04 -7.89 32.35
CA LEU B 132 -36.91 -6.97 32.32
C LEU B 132 -35.76 -7.60 33.10
N LYS B 133 -36.04 -7.88 34.36
CA LYS B 133 -35.08 -8.47 35.27
C LYS B 133 -34.49 -9.74 34.64
N GLU B 134 -35.36 -10.69 34.31
CA GLU B 134 -34.96 -11.96 33.74
C GLU B 134 -33.99 -11.84 32.56
N LEU B 135 -33.71 -10.63 32.09
CA LEU B 135 -32.76 -10.48 30.98
C LEU B 135 -31.32 -10.39 31.49
N ARG B 136 -30.94 -9.25 32.06
CA ARG B 136 -29.58 -9.08 32.58
C ARG B 136 -29.49 -9.16 34.11
N GLY B 137 -30.11 -8.19 34.77
CA GLY B 137 -30.08 -8.14 36.23
C GLY B 137 -28.92 -7.29 36.73
N GLY B 138 -28.48 -6.35 35.91
CA GLY B 138 -27.38 -5.48 36.28
C GLY B 138 -27.82 -4.07 36.62
N ARG B 139 -26.88 -3.12 36.60
CA ARG B 139 -27.18 -1.72 36.91
C ARG B 139 -27.10 -0.88 35.64
N THR B 140 -27.33 0.43 35.77
CA THR B 140 -27.26 1.35 34.64
C THR B 140 -26.16 2.40 34.74
N VAL B 141 -25.01 2.09 34.14
CA VAL B 141 -23.84 2.96 34.12
C VAL B 141 -22.95 2.37 33.01
N GLN B 142 -23.16 2.80 31.78
CA GLN B 142 -22.38 2.25 30.67
C GLN B 142 -21.35 3.17 30.02
N THR B 143 -20.16 2.61 29.76
CA THR B 143 -19.05 3.33 29.14
C THR B 143 -18.24 2.41 28.23
N GLU B 144 -17.85 1.24 28.75
CA GLU B 144 -17.07 0.28 27.98
C GLU B 144 -17.61 -1.14 28.13
N HIS B 145 -17.80 -1.82 27.01
CA HIS B 145 -18.32 -3.19 26.99
C HIS B 145 -19.72 -3.28 27.58
N ALA B 146 -20.33 -2.12 27.83
CA ALA B 146 -21.68 -2.06 28.41
C ALA B 146 -22.67 -1.40 27.46
N GLU B 147 -23.83 -2.03 27.32
CA GLU B 147 -24.91 -1.57 26.45
C GLU B 147 -25.85 -2.75 26.19
N SER B 148 -27.15 -2.55 26.38
CA SER B 148 -28.10 -3.63 26.12
C SER B 148 -27.89 -4.08 24.68
N THR B 149 -27.02 -5.07 24.50
CA THR B 149 -26.67 -5.59 23.18
C THR B 149 -27.61 -6.65 22.62
N TYR B 150 -28.70 -6.20 22.00
CA TYR B 150 -29.65 -7.11 21.38
C TYR B 150 -29.95 -6.58 20.00
N ASN B 151 -29.34 -5.44 19.68
CA ASN B 151 -29.50 -4.75 18.41
C ASN B 151 -28.42 -5.19 17.43
N ALA B 152 -28.76 -5.29 16.15
CA ALA B 152 -27.79 -5.72 15.13
C ALA B 152 -26.63 -4.73 14.95
N LEU B 153 -26.90 -3.45 15.16
CA LEU B 153 -25.86 -2.43 15.05
C LEU B 153 -24.95 -2.55 16.26
N GLU B 154 -25.56 -2.58 17.44
CA GLU B 154 -24.82 -2.73 18.69
C GLU B 154 -24.07 -4.05 18.66
N GLN B 155 -24.65 -5.02 17.95
CA GLN B 155 -24.08 -6.35 17.87
C GLN B 155 -23.06 -6.53 16.75
N TYR B 156 -23.05 -5.65 15.76
CA TYR B 156 -22.09 -5.80 14.66
C TYR B 156 -21.48 -4.49 14.17
N GLY B 157 -21.49 -3.48 15.03
CA GLY B 157 -20.94 -2.20 14.64
C GLY B 157 -20.45 -1.40 15.83
N ILE B 158 -19.41 -0.63 15.61
CA ILE B 158 -18.86 0.19 16.67
C ILE B 158 -19.36 1.61 16.47
N ASP B 159 -20.05 2.12 17.49
CA ASP B 159 -20.60 3.47 17.46
C ASP B 159 -19.47 4.48 17.69
N LEU B 160 -19.00 5.09 16.60
CA LEU B 160 -17.93 6.07 16.67
C LEU B 160 -18.37 7.38 17.32
N THR B 161 -19.61 7.76 17.06
CA THR B 161 -20.17 8.99 17.60
C THR B 161 -20.33 8.84 19.11
N ARG B 162 -20.40 7.59 19.57
CA ARG B 162 -20.54 7.30 21.00
C ARG B 162 -19.16 7.34 21.63
N LEU B 163 -18.20 6.69 20.98
CA LEU B 163 -16.83 6.69 21.48
C LEU B 163 -16.39 8.14 21.56
N ALA B 164 -16.85 8.93 20.60
CA ALA B 164 -16.51 10.35 20.56
C ALA B 164 -17.19 11.04 21.71
N ALA B 165 -18.46 10.71 21.92
CA ALA B 165 -19.24 11.29 23.00
C ALA B 165 -18.54 11.10 24.33
N GLU B 166 -18.06 9.88 24.58
CA GLU B 166 -17.37 9.61 25.82
C GLU B 166 -15.92 10.07 25.80
N GLY B 167 -15.46 10.48 24.61
CA GLY B 167 -14.10 10.95 24.48
C GLY B 167 -13.10 9.81 24.45
N LYS B 168 -13.41 8.77 23.70
CA LYS B 168 -12.54 7.61 23.61
C LYS B 168 -11.67 7.74 22.37
N LEU B 169 -12.24 8.28 21.29
CA LEU B 169 -11.53 8.46 20.03
C LEU B 169 -10.37 9.44 20.13
N ASP B 170 -9.27 9.13 19.45
CA ASP B 170 -8.10 10.00 19.44
C ASP B 170 -8.38 11.23 18.57
N PRO B 171 -7.66 12.32 18.82
CA PRO B 171 -7.78 13.59 18.11
C PRO B 171 -7.42 13.54 16.64
N VAL B 172 -8.39 13.64 15.74
CA VAL B 172 -8.06 13.67 14.31
C VAL B 172 -7.70 15.13 14.08
N ILE B 173 -6.66 15.39 13.31
CA ILE B 173 -6.26 16.76 13.09
C ILE B 173 -5.78 17.05 11.68
N GLY B 174 -6.04 18.27 11.23
CA GLY B 174 -5.58 18.69 9.92
C GLY B 174 -6.30 18.21 8.68
N ARG B 175 -7.61 17.93 8.75
CA ARG B 175 -8.32 17.49 7.54
C ARG B 175 -9.67 18.14 7.34
N ASP B 176 -9.66 19.47 7.37
CA ASP B 176 -10.86 20.28 7.20
C ASP B 176 -11.56 20.03 5.89
N GLU B 177 -10.83 20.11 4.79
CA GLU B 177 -11.43 19.90 3.48
C GLU B 177 -12.18 18.58 3.49
N GLU B 178 -11.45 17.48 3.33
CA GLU B 178 -12.02 16.14 3.31
C GLU B 178 -13.24 16.01 4.21
N ILE B 179 -13.10 16.38 5.48
CA ILE B 179 -14.23 16.29 6.39
C ILE B 179 -15.41 17.08 5.82
N ARG B 180 -15.23 18.39 5.68
CA ARG B 180 -16.26 19.28 5.15
C ARG B 180 -16.84 18.74 3.86
N ARG B 181 -15.97 18.20 3.01
CA ARG B 181 -16.38 17.61 1.75
C ARG B 181 -17.38 16.51 2.06
N VAL B 182 -17.01 15.63 2.98
CA VAL B 182 -17.89 14.53 3.38
C VAL B 182 -19.17 15.12 3.98
N ILE B 183 -19.02 16.13 4.83
CA ILE B 183 -20.16 16.78 5.45
C ILE B 183 -21.10 17.17 4.32
N GLN B 184 -20.51 17.73 3.25
CA GLN B 184 -21.28 18.14 2.08
C GLN B 184 -21.99 16.92 1.48
N ILE B 185 -21.24 16.05 0.82
CA ILE B 185 -21.79 14.86 0.18
C ILE B 185 -22.85 14.16 1.02
N LEU B 186 -22.74 14.26 2.35
CA LEU B 186 -23.71 13.62 3.23
C LEU B 186 -25.00 14.42 3.33
N LEU B 187 -25.24 15.30 2.36
CA LEU B 187 -26.45 16.11 2.38
C LEU B 187 -26.99 16.29 0.95
N ARG B 188 -26.23 15.79 -0.02
CA ARG B 188 -26.63 15.86 -1.42
C ARG B 188 -27.62 14.76 -1.75
N ARG B 189 -28.79 15.14 -2.24
CA ARG B 189 -29.84 14.18 -2.56
C ARG B 189 -29.43 13.13 -3.60
N THR B 190 -28.89 13.56 -4.73
CA THR B 190 -28.49 12.64 -5.79
C THR B 190 -27.53 11.58 -5.28
N LYS B 191 -26.34 12.01 -4.86
CA LYS B 191 -25.32 11.11 -4.35
C LYS B 191 -24.95 11.58 -2.94
N ASN B 192 -25.52 10.94 -1.93
CA ASN B 192 -25.24 11.32 -0.55
C ASN B 192 -24.34 10.33 0.19
N ASN B 193 -23.97 9.25 -0.48
CA ASN B 193 -23.12 8.24 0.13
C ASN B 193 -21.67 8.41 -0.32
N PRO B 194 -20.89 9.18 0.44
CA PRO B 194 -19.47 9.44 0.13
C PRO B 194 -18.55 8.28 0.45
N VAL B 195 -17.69 7.96 -0.50
CA VAL B 195 -16.72 6.89 -0.29
C VAL B 195 -15.33 7.53 -0.26
N LEU B 196 -14.54 7.18 0.74
CA LEU B 196 -13.20 7.75 0.85
C LEU B 196 -12.24 6.86 0.08
N ILE B 197 -11.62 7.41 -0.95
CA ILE B 197 -10.66 6.63 -1.73
C ILE B 197 -9.26 7.10 -1.38
N GLY B 198 -8.42 6.17 -0.94
CA GLY B 198 -7.06 6.51 -0.58
C GLY B 198 -6.18 5.31 -0.33
N GLU B 199 -4.88 5.54 -0.25
CA GLU B 199 -3.91 4.49 0.00
C GLU B 199 -3.95 4.05 1.47
N PRO B 200 -3.49 2.83 1.77
CA PRO B 200 -3.49 2.33 3.14
C PRO B 200 -2.53 3.11 4.03
N GLY B 201 -3.03 3.56 5.18
CA GLY B 201 -2.20 4.31 6.11
C GLY B 201 -2.34 5.82 6.04
N VAL B 202 -2.99 6.30 5.00
CA VAL B 202 -3.19 7.73 4.79
C VAL B 202 -4.09 8.42 5.82
N GLY B 203 -4.98 7.67 6.45
CA GLY B 203 -5.85 8.27 7.42
C GLY B 203 -7.29 8.44 6.97
N LYS B 204 -7.78 7.45 6.23
CA LYS B 204 -9.15 7.50 5.77
C LYS B 204 -10.08 7.42 6.97
N THR B 205 -9.94 6.36 7.75
CA THR B 205 -10.78 6.18 8.94
C THR B 205 -10.77 7.40 9.83
N ALA B 206 -9.61 8.03 9.97
CA ALA B 206 -9.47 9.20 10.81
C ALA B 206 -10.49 10.24 10.39
N ILE B 207 -10.62 10.42 9.08
CA ILE B 207 -11.57 11.38 8.53
C ILE B 207 -12.93 11.11 9.12
N VAL B 208 -13.37 9.85 9.04
CA VAL B 208 -14.67 9.46 9.56
C VAL B 208 -14.78 9.70 11.04
N GLU B 209 -13.89 9.11 11.83
CA GLU B 209 -13.94 9.30 13.27
C GLU B 209 -13.72 10.77 13.59
N GLY B 210 -13.03 11.47 12.70
CA GLY B 210 -12.81 12.88 12.93
C GLY B 210 -14.16 13.56 12.85
N LEU B 211 -14.91 13.19 11.82
CA LEU B 211 -16.25 13.72 11.61
C LEU B 211 -17.12 13.37 12.81
N ALA B 212 -16.93 12.16 13.33
CA ALA B 212 -17.68 11.70 14.49
C ALA B 212 -17.56 12.69 15.63
N GLN B 213 -16.32 13.08 15.95
CA GLN B 213 -16.07 14.01 17.03
C GLN B 213 -16.81 15.34 16.83
N ARG B 214 -16.77 15.85 15.60
CA ARG B 214 -17.43 17.11 15.32
C ARG B 214 -18.91 17.04 15.63
N ILE B 215 -19.57 15.97 15.20
CA ILE B 215 -20.99 15.79 15.46
C ILE B 215 -21.28 15.92 16.95
N VAL B 216 -20.50 15.24 17.77
CA VAL B 216 -20.67 15.28 19.22
C VAL B 216 -20.43 16.67 19.80
N LYS B 217 -19.67 17.49 19.08
CA LYS B 217 -19.38 18.85 19.56
C LYS B 217 -20.31 19.88 18.92
N GLY B 218 -21.14 19.43 17.99
CA GLY B 218 -22.04 20.36 17.32
C GLY B 218 -21.26 21.19 16.32
N ASP B 219 -20.03 20.76 16.07
CA ASP B 219 -19.14 21.44 15.13
C ASP B 219 -19.64 21.23 13.70
N VAL B 220 -20.53 20.25 13.54
CA VAL B 220 -21.09 19.93 12.23
C VAL B 220 -22.38 20.72 12.00
N PRO B 221 -22.66 21.11 10.75
CA PRO B 221 -23.87 21.87 10.40
C PRO B 221 -25.18 21.21 10.81
N GLU B 222 -26.29 21.70 10.26
CA GLU B 222 -27.60 21.15 10.57
C GLU B 222 -27.86 19.94 9.68
N GLY B 223 -28.70 19.03 10.17
CA GLY B 223 -29.01 17.84 9.39
C GLY B 223 -28.13 16.67 9.78
N LEU B 224 -27.06 16.97 10.51
CA LEU B 224 -26.13 15.95 10.97
C LEU B 224 -25.89 16.20 12.45
N LYS B 225 -26.37 17.34 12.90
CA LYS B 225 -26.25 17.78 14.28
C LYS B 225 -26.51 16.69 15.33
N GLY B 226 -27.52 15.85 15.09
CA GLY B 226 -27.81 14.81 16.04
C GLY B 226 -27.49 13.41 15.55
N LYS B 227 -27.11 13.31 14.28
CA LYS B 227 -26.78 12.02 13.68
C LYS B 227 -25.83 11.17 14.51
N ARG B 228 -25.82 9.87 14.20
CA ARG B 228 -24.98 8.90 14.89
C ARG B 228 -24.27 8.05 13.84
N ILE B 229 -22.94 7.99 13.90
CA ILE B 229 -22.16 7.22 12.94
C ILE B 229 -21.79 5.85 13.50
N VAL B 230 -22.17 4.80 12.78
CA VAL B 230 -21.88 3.44 13.20
C VAL B 230 -20.99 2.73 12.19
N SER B 231 -19.85 2.24 12.68
CA SER B 231 -18.91 1.55 11.83
C SER B 231 -19.16 0.05 11.83
N LEU B 232 -19.50 -0.47 10.66
CA LEU B 232 -19.77 -1.89 10.54
C LEU B 232 -18.44 -2.61 10.41
N GLN B 233 -18.26 -3.69 11.17
CA GLN B 233 -17.02 -4.45 11.13
C GLN B 233 -17.27 -5.92 10.77
N MET B 234 -17.18 -6.24 9.48
CA MET B 234 -17.41 -7.61 9.03
C MET B 234 -16.17 -8.48 9.22
N GLU B 246 -25.30 -17.69 5.87
CA GLU B 246 -26.08 -17.01 6.89
C GLU B 246 -25.50 -15.62 7.15
N PHE B 247 -24.32 -15.36 6.59
CA PHE B 247 -23.66 -14.08 6.75
C PHE B 247 -24.61 -12.92 6.46
N GLU B 248 -25.21 -12.94 5.27
CA GLU B 248 -26.13 -11.90 4.87
C GLU B 248 -27.38 -11.81 5.75
N GLU B 249 -27.69 -12.88 6.47
CA GLU B 249 -28.85 -12.90 7.34
C GLU B 249 -28.74 -11.77 8.36
N ARG B 250 -27.59 -11.69 9.02
CA ARG B 250 -27.35 -10.66 10.02
C ARG B 250 -27.09 -9.31 9.36
N LEU B 251 -26.40 -9.33 8.22
CA LEU B 251 -26.09 -8.12 7.49
C LEU B 251 -27.38 -7.36 7.22
N LYS B 252 -28.38 -8.09 6.73
CA LYS B 252 -29.67 -7.50 6.43
C LYS B 252 -30.31 -6.99 7.72
N ALA B 253 -30.17 -7.77 8.77
CA ALA B 253 -30.73 -7.39 10.07
C ALA B 253 -30.17 -6.04 10.49
N VAL B 254 -28.96 -5.75 10.03
CA VAL B 254 -28.28 -4.49 10.35
C VAL B 254 -28.75 -3.36 9.44
N ILE B 255 -28.58 -3.56 8.14
CA ILE B 255 -28.97 -2.57 7.16
C ILE B 255 -30.44 -2.16 7.30
N GLN B 256 -31.31 -3.13 7.52
CA GLN B 256 -32.74 -2.84 7.67
C GLN B 256 -33.04 -2.14 8.98
N GLU B 257 -32.08 -2.18 9.90
CA GLU B 257 -32.25 -1.55 11.20
C GLU B 257 -31.77 -0.10 11.18
N VAL B 258 -30.87 0.20 10.23
CA VAL B 258 -30.34 1.55 10.10
C VAL B 258 -31.38 2.42 9.40
N VAL B 259 -32.08 1.83 8.43
CA VAL B 259 -33.12 2.53 7.70
C VAL B 259 -34.29 2.87 8.62
N GLN B 260 -34.55 1.98 9.58
CA GLN B 260 -35.65 2.21 10.52
C GLN B 260 -35.29 3.33 11.47
N SER B 261 -34.00 3.67 11.51
CA SER B 261 -33.53 4.75 12.37
C SER B 261 -33.88 6.06 11.65
N GLN B 262 -34.11 5.94 10.35
CA GLN B 262 -34.49 7.08 9.51
C GLN B 262 -33.40 8.11 9.30
N GLY B 263 -32.31 7.68 8.65
CA GLY B 263 -31.20 8.56 8.36
C GLY B 263 -30.58 9.23 9.57
N GLU B 264 -31.09 8.91 10.76
CA GLU B 264 -30.56 9.49 11.99
C GLU B 264 -29.32 8.69 12.40
N VAL B 265 -28.97 7.70 11.59
CA VAL B 265 -27.81 6.86 11.86
C VAL B 265 -27.04 6.59 10.57
N ILE B 266 -25.83 7.16 10.47
CA ILE B 266 -25.00 6.97 9.28
C ILE B 266 -24.12 5.73 9.44
N LEU B 267 -24.17 4.85 8.45
CA LEU B 267 -23.39 3.61 8.48
C LEU B 267 -22.06 3.82 7.78
N PHE B 268 -20.98 3.33 8.39
CA PHE B 268 -19.65 3.48 7.81
C PHE B 268 -18.99 2.13 7.55
N ILE B 269 -18.85 1.80 6.27
CA ILE B 269 -18.23 0.56 5.86
C ILE B 269 -16.77 0.81 5.53
N ASP B 270 -15.91 0.25 6.40
CA ASP B 270 -14.46 0.37 6.31
C ASP B 270 -13.92 0.16 4.91
N GLU B 271 -14.19 -1.00 4.31
CA GLU B 271 -13.72 -1.27 2.97
C GLU B 271 -14.66 -2.19 2.20
N LEU B 291 -28.01 -4.32 -0.01
CA LEU B 291 -27.24 -3.12 0.28
C LEU B 291 -27.42 -2.08 -0.82
N LYS B 292 -27.56 -2.57 -2.04
CA LYS B 292 -27.75 -1.72 -3.20
C LYS B 292 -29.19 -1.20 -3.26
N PRO B 293 -30.17 -2.10 -3.04
CA PRO B 293 -31.59 -1.69 -3.07
C PRO B 293 -31.90 -0.67 -1.97
N ALA B 294 -31.27 -0.86 -0.81
CA ALA B 294 -31.46 0.05 0.32
C ALA B 294 -31.17 1.46 -0.17
N LEU B 295 -30.14 1.57 -1.01
CA LEU B 295 -29.75 2.84 -1.59
C LEU B 295 -30.78 3.17 -2.66
N ALA B 296 -31.27 2.11 -3.32
CA ALA B 296 -32.28 2.26 -4.37
C ALA B 296 -33.58 2.69 -3.72
N ARG B 297 -33.47 3.46 -2.65
CA ARG B 297 -34.60 3.99 -1.89
C ARG B 297 -34.13 5.25 -1.17
N GLY B 298 -32.84 5.56 -1.29
CA GLY B 298 -32.27 6.73 -0.66
C GLY B 298 -32.51 6.75 0.83
N GLU B 299 -32.63 5.55 1.42
CA GLU B 299 -32.88 5.41 2.85
C GLU B 299 -31.64 4.92 3.61
N LEU B 300 -30.65 4.39 2.90
CA LEU B 300 -29.44 3.90 3.53
C LEU B 300 -28.24 4.84 3.32
N ARG B 301 -28.00 5.71 4.29
CA ARG B 301 -26.89 6.65 4.21
C ARG B 301 -25.58 5.94 4.57
N LEU B 302 -24.71 5.79 3.59
CA LEU B 302 -23.43 5.09 3.77
C LEU B 302 -22.15 5.88 3.49
N ILE B 303 -21.11 5.58 4.26
CA ILE B 303 -19.80 6.20 4.10
C ILE B 303 -18.83 5.05 3.85
N GLY B 304 -18.12 5.10 2.73
CA GLY B 304 -17.17 4.03 2.44
C GLY B 304 -15.71 4.41 2.62
N ALA B 305 -14.84 3.51 2.19
CA ALA B 305 -13.40 3.69 2.25
C ALA B 305 -12.76 2.48 1.59
N THR B 306 -11.92 2.71 0.57
CA THR B 306 -11.30 1.60 -0.13
C THR B 306 -10.13 2.05 -1.00
N THR B 307 -9.51 1.10 -1.70
CA THR B 307 -8.38 1.38 -2.55
C THR B 307 -8.85 2.08 -3.83
N LEU B 308 -7.88 2.56 -4.60
CA LEU B 308 -8.14 3.26 -5.86
C LEU B 308 -8.85 2.35 -6.85
N ASP B 309 -8.12 1.37 -7.37
CA ASP B 309 -8.70 0.45 -8.32
C ASP B 309 -9.88 -0.29 -7.68
N GLU B 310 -9.79 -0.54 -6.38
CA GLU B 310 -10.87 -1.22 -5.67
C GLU B 310 -12.13 -0.39 -5.84
N TYR B 311 -11.95 0.89 -6.14
CA TYR B 311 -13.09 1.78 -6.35
C TYR B 311 -13.37 1.82 -7.85
N ARG B 312 -12.32 1.62 -8.65
CA ARG B 312 -12.46 1.62 -10.10
C ARG B 312 -13.20 0.35 -10.51
N GLU B 313 -13.10 -0.68 -9.67
CA GLU B 313 -13.79 -1.95 -9.92
C GLU B 313 -15.26 -1.72 -9.59
N ILE B 314 -15.49 -0.91 -8.57
CA ILE B 314 -16.84 -0.55 -8.16
C ILE B 314 -17.33 0.49 -9.16
N GLU B 315 -16.38 1.04 -9.91
CA GLU B 315 -16.68 2.02 -10.94
C GLU B 315 -17.09 1.25 -12.18
N LYS B 316 -17.56 0.02 -11.96
CA LYS B 316 -17.99 -0.86 -13.03
C LYS B 316 -19.46 -1.24 -12.83
N ASP B 317 -19.97 -1.00 -11.62
CA ASP B 317 -21.36 -1.30 -11.28
C ASP B 317 -22.10 0.02 -11.05
N PRO B 318 -22.75 0.55 -12.10
CA PRO B 318 -23.51 1.80 -12.11
C PRO B 318 -24.46 2.03 -10.94
N ALA B 319 -25.21 0.99 -10.56
CA ALA B 319 -26.16 1.10 -9.45
C ALA B 319 -25.46 1.71 -8.24
N LEU B 320 -24.13 1.64 -8.25
CA LEU B 320 -23.31 2.17 -7.17
C LEU B 320 -22.74 3.53 -7.54
N GLU B 321 -21.86 3.53 -8.54
CA GLU B 321 -21.21 4.76 -9.01
C GLU B 321 -22.18 5.87 -9.39
N ARG B 322 -23.47 5.58 -9.32
CA ARG B 322 -24.47 6.59 -9.66
C ARG B 322 -24.87 7.34 -8.39
N ARG B 323 -24.63 6.70 -7.25
CA ARG B 323 -24.97 7.27 -5.95
C ARG B 323 -23.77 7.49 -5.05
N PHE B 324 -22.57 7.14 -5.53
CA PHE B 324 -21.34 7.31 -4.76
C PHE B 324 -20.49 8.49 -5.20
N GLN B 325 -19.98 9.23 -4.23
CA GLN B 325 -19.14 10.40 -4.49
C GLN B 325 -17.73 10.22 -3.97
N PRO B 326 -16.77 9.93 -4.87
CA PRO B 326 -15.37 9.74 -4.48
C PRO B 326 -14.78 10.92 -3.73
N VAL B 327 -13.89 10.62 -2.79
CA VAL B 327 -13.19 11.62 -2.00
C VAL B 327 -11.79 11.07 -1.79
N TYR B 328 -10.90 11.37 -2.73
CA TYR B 328 -9.54 10.87 -2.68
C TYR B 328 -8.71 11.53 -1.59
N VAL B 329 -8.43 10.76 -0.54
CA VAL B 329 -7.64 11.26 0.58
C VAL B 329 -6.18 11.05 0.22
N ASP B 330 -5.48 12.16 -0.02
CA ASP B 330 -4.07 12.08 -0.38
C ASP B 330 -3.21 12.02 0.86
N GLU B 331 -2.09 11.32 0.74
CA GLU B 331 -1.16 11.20 1.85
C GLU B 331 -0.74 12.57 2.35
N PRO B 332 -0.77 12.77 3.68
CA PRO B 332 -0.38 14.07 4.23
C PRO B 332 1.07 14.38 3.90
N THR B 333 1.41 15.66 3.97
CA THR B 333 2.78 16.10 3.69
C THR B 333 3.52 15.97 5.00
N VAL B 334 4.85 16.11 4.96
CA VAL B 334 5.65 15.99 6.16
C VAL B 334 5.24 17.03 7.20
N GLU B 335 4.98 18.24 6.74
CA GLU B 335 4.57 19.31 7.63
C GLU B 335 3.28 18.90 8.31
N GLU B 336 2.29 18.50 7.50
CA GLU B 336 1.00 18.09 8.03
C GLU B 336 1.19 16.94 9.01
N THR B 337 1.92 15.92 8.58
CA THR B 337 2.20 14.76 9.39
C THR B 337 2.79 15.24 10.72
N ILE B 338 3.67 16.23 10.66
CA ILE B 338 4.27 16.78 11.86
C ILE B 338 3.20 17.38 12.78
N SER B 339 2.25 18.08 12.18
CA SER B 339 1.18 18.69 12.95
C SER B 339 0.41 17.58 13.65
N ILE B 340 -0.02 16.60 12.87
CA ILE B 340 -0.76 15.44 13.37
C ILE B 340 -0.05 14.77 14.55
N LEU B 341 1.23 14.47 14.37
CA LEU B 341 1.99 13.86 15.46
C LEU B 341 1.92 14.74 16.70
N ARG B 342 2.15 16.05 16.51
CA ARG B 342 2.11 17.00 17.60
C ARG B 342 0.75 16.96 18.26
N GLY B 343 -0.27 16.62 17.48
CA GLY B 343 -1.61 16.53 18.01
C GLY B 343 -1.64 15.40 19.01
N LEU B 344 -1.40 14.19 18.52
CA LEU B 344 -1.42 13.01 19.39
C LEU B 344 -0.25 12.98 20.36
N LYS B 345 0.69 13.91 20.22
CA LYS B 345 1.86 13.98 21.09
C LYS B 345 1.43 13.64 22.51
N GLU B 346 0.43 14.35 22.99
CA GLU B 346 -0.10 14.15 24.35
C GLU B 346 -0.44 12.69 24.61
N LYS B 347 -1.49 12.22 23.95
CA LYS B 347 -1.97 10.85 24.10
C LYS B 347 -0.87 9.81 24.24
N TYR B 348 -0.04 9.69 23.22
CA TYR B 348 1.05 8.71 23.23
C TYR B 348 1.93 8.78 24.45
N GLU B 349 2.57 9.91 24.69
CA GLU B 349 3.46 10.00 25.85
C GLU B 349 2.74 9.75 27.17
N VAL B 350 1.41 9.76 27.14
CA VAL B 350 0.61 9.49 28.33
C VAL B 350 0.59 7.99 28.60
N HIS B 351 0.44 7.21 27.53
CA HIS B 351 0.40 5.75 27.59
C HIS B 351 1.76 5.14 27.86
N HIS B 352 2.81 5.76 27.32
CA HIS B 352 4.16 5.25 27.52
C HIS B 352 4.80 5.90 28.72
N GLY B 353 4.09 6.83 29.34
CA GLY B 353 4.66 7.51 30.49
C GLY B 353 6.04 7.96 30.08
N VAL B 354 6.12 8.54 28.89
CA VAL B 354 7.38 9.02 28.38
C VAL B 354 7.21 10.46 27.95
N ARG B 355 8.24 10.98 27.31
CA ARG B 355 8.21 12.34 26.83
C ARG B 355 8.74 12.36 25.40
N ILE B 356 7.84 12.62 24.46
CA ILE B 356 8.21 12.65 23.05
C ILE B 356 8.56 14.07 22.59
N SER B 357 9.85 14.38 22.55
CA SER B 357 10.31 15.70 22.13
C SER B 357 9.86 16.00 20.70
N ASP B 358 9.61 17.28 20.44
CA ASP B 358 9.19 17.73 19.12
C ASP B 358 10.28 17.35 18.13
N SER B 359 11.52 17.38 18.59
CA SER B 359 12.64 17.02 17.73
C SER B 359 12.37 15.66 17.11
N ALA B 360 12.12 14.67 17.99
CA ALA B 360 11.83 13.31 17.57
C ALA B 360 10.64 13.24 16.63
N ILE B 361 9.62 14.06 16.88
CA ILE B 361 8.45 14.06 16.03
C ILE B 361 8.85 14.40 14.61
N ILE B 362 9.59 15.49 14.45
CA ILE B 362 10.04 15.92 13.14
C ILE B 362 10.85 14.82 12.45
N ALA B 363 11.64 14.10 13.22
CA ALA B 363 12.44 13.03 12.65
C ALA B 363 11.50 11.94 12.12
N ALA B 364 10.58 11.51 12.97
CA ALA B 364 9.64 10.46 12.61
C ALA B 364 8.94 10.76 11.31
N ALA B 365 8.61 12.03 11.08
CA ALA B 365 7.91 12.42 9.87
C ALA B 365 8.87 12.50 8.68
N THR B 366 10.00 13.16 8.88
CA THR B 366 10.98 13.33 7.83
C THR B 366 11.61 12.01 7.40
N LEU B 367 12.32 11.37 8.33
CA LEU B 367 13.00 10.11 8.06
C LEU B 367 12.13 9.06 7.42
N SER B 368 10.87 8.95 7.86
CA SER B 368 9.96 7.96 7.28
C SER B 368 9.58 8.32 5.85
N HIS B 369 9.28 9.59 5.64
CA HIS B 369 8.88 10.05 4.32
C HIS B 369 10.02 10.02 3.33
N ARG B 370 11.24 9.88 3.82
CA ARG B 370 12.40 9.88 2.93
C ARG B 370 13.12 8.54 2.81
N TYR B 371 12.91 7.64 3.77
CA TYR B 371 13.60 6.36 3.71
C TYR B 371 12.77 5.10 4.02
N ILE B 372 11.46 5.24 4.21
CA ILE B 372 10.60 4.08 4.48
C ILE B 372 9.65 3.87 3.31
N THR B 373 10.08 3.04 2.37
CA THR B 373 9.33 2.75 1.16
C THR B 373 8.01 1.99 1.33
N GLU B 374 7.85 1.26 2.42
CA GLU B 374 6.63 0.50 2.65
C GLU B 374 5.35 1.32 2.87
N ARG B 375 4.97 1.52 4.12
CA ARG B 375 3.76 2.26 4.47
C ARG B 375 3.77 3.74 4.08
N ARG B 376 2.63 4.41 4.28
CA ARG B 376 2.50 5.81 3.94
C ARG B 376 2.31 6.77 5.12
N LEU B 377 3.09 7.85 5.06
CA LEU B 377 3.16 8.89 6.09
C LEU B 377 2.37 8.91 7.38
N PRO B 378 1.09 9.33 7.33
CA PRO B 378 0.38 9.35 8.63
C PRO B 378 0.81 8.19 9.51
N ASP B 379 0.51 6.97 9.06
CA ASP B 379 0.83 5.76 9.78
C ASP B 379 2.30 5.59 10.14
N LYS B 380 3.12 5.18 9.18
CA LYS B 380 4.53 4.94 9.47
C LYS B 380 5.23 5.90 10.41
N ALA B 381 4.91 7.20 10.33
CA ALA B 381 5.56 8.17 11.20
C ALA B 381 5.20 7.88 12.64
N ILE B 382 3.92 7.62 12.88
CA ILE B 382 3.43 7.29 14.21
C ILE B 382 4.08 6.00 14.68
N ASP B 383 3.91 4.93 13.88
CA ASP B 383 4.49 3.63 14.23
C ASP B 383 5.93 3.80 14.69
N LEU B 384 6.64 4.69 14.03
CA LEU B 384 8.02 4.94 14.37
C LEU B 384 8.05 5.43 15.82
N ILE B 385 7.36 6.52 16.10
CA ILE B 385 7.32 7.08 17.45
C ILE B 385 6.86 6.07 18.49
N ASP B 386 5.73 5.43 18.21
CA ASP B 386 5.21 4.42 19.12
C ASP B 386 6.28 3.36 19.34
N GLU B 387 6.89 2.93 18.25
CA GLU B 387 7.94 1.93 18.29
C GLU B 387 9.08 2.46 19.17
N ALA B 388 9.47 3.71 18.94
CA ALA B 388 10.53 4.33 19.72
C ALA B 388 10.15 4.28 21.18
N ALA B 389 9.16 5.08 21.55
CA ALA B 389 8.69 5.15 22.93
C ALA B 389 8.66 3.76 23.59
N ALA B 390 7.95 2.82 22.98
CA ALA B 390 7.85 1.48 23.53
C ALA B 390 9.23 1.00 23.91
N ARG B 391 10.13 0.98 22.91
CA ARG B 391 11.50 0.57 23.15
C ARG B 391 11.97 1.23 24.45
N LEU B 392 12.23 2.53 24.38
CA LEU B 392 12.69 3.29 25.53
C LEU B 392 11.94 2.98 26.82
N ARG B 393 10.65 2.70 26.72
CA ARG B 393 9.87 2.40 27.92
C ARG B 393 10.34 1.14 28.64
N MET B 394 10.78 0.13 27.88
CA MET B 394 11.25 -1.08 28.52
C MET B 394 12.56 -0.71 29.23
N ALA B 395 13.40 0.05 28.53
CA ALA B 395 14.68 0.49 29.07
C ALA B 395 14.55 1.16 30.43
N LEU B 396 13.59 2.06 30.56
CA LEU B 396 13.37 2.76 31.83
C LEU B 396 13.02 1.77 32.93
N GLU B 397 12.03 0.92 32.66
CA GLU B 397 11.57 -0.08 33.62
C GLU B 397 12.51 -1.28 33.76
N SER B 398 13.70 -1.18 33.17
CA SER B 398 14.68 -2.25 33.24
C SER B 398 15.93 -1.85 34.05
N ALA B 399 16.59 -2.85 34.63
CA ALA B 399 17.78 -2.63 35.43
C ALA B 399 18.85 -1.86 34.66
N PRO B 400 19.34 -0.76 35.25
CA PRO B 400 20.37 0.09 34.63
C PRO B 400 21.61 -0.65 34.16
N GLU B 401 22.60 0.09 33.67
CA GLU B 401 23.84 -0.51 33.19
C GLU B 401 24.81 -0.74 34.34
N GLU B 402 25.25 0.36 34.98
CA GLU B 402 26.20 0.27 36.09
C GLU B 402 25.87 -0.84 37.06
N ILE B 403 24.58 -1.03 37.34
CA ILE B 403 24.17 -2.10 38.24
C ILE B 403 24.56 -3.42 37.60
N ASP B 404 23.99 -3.69 36.42
CA ASP B 404 24.29 -4.92 35.71
C ASP B 404 25.81 -5.10 35.65
N ALA B 405 26.53 -3.99 35.56
CA ALA B 405 27.98 -4.02 35.53
C ALA B 405 28.47 -4.61 36.86
N LEU B 406 28.15 -3.91 37.94
CA LEU B 406 28.55 -4.35 39.26
C LEU B 406 28.04 -5.75 39.54
N GLU B 407 26.91 -6.11 38.94
CA GLU B 407 26.34 -7.44 39.11
C GLU B 407 27.33 -8.52 38.69
N ARG B 408 28.02 -8.29 37.58
CA ARG B 408 29.00 -9.24 37.07
C ARG B 408 30.31 -9.16 37.82
N LYS B 409 30.89 -7.97 37.90
CA LYS B 409 32.15 -7.80 38.60
C LYS B 409 32.12 -8.57 39.92
N LYS B 410 30.96 -8.56 40.56
CA LYS B 410 30.80 -9.27 41.82
C LYS B 410 30.89 -10.78 41.57
N LEU B 411 29.97 -11.28 40.75
CA LEU B 411 29.94 -12.70 40.41
C LEU B 411 31.33 -13.18 40.01
N GLN B 412 32.13 -12.28 39.44
CA GLN B 412 33.48 -12.64 39.04
C GLN B 412 34.26 -12.95 40.30
N LEU B 413 34.44 -11.93 41.14
CA LEU B 413 35.15 -12.08 42.39
C LEU B 413 34.50 -13.15 43.25
N GLU B 414 33.21 -13.34 43.05
CA GLU B 414 32.44 -14.32 43.80
C GLU B 414 32.95 -15.73 43.49
N ILE B 415 32.87 -16.12 42.23
CA ILE B 415 33.33 -17.45 41.81
C ILE B 415 34.78 -17.64 42.26
N GLU B 416 35.53 -16.54 42.32
CA GLU B 416 36.91 -16.59 42.75
C GLU B 416 36.97 -16.98 44.23
N ARG B 417 36.07 -16.42 45.03
CA ARG B 417 36.04 -16.72 46.46
C ARG B 417 35.93 -18.22 46.67
N GLU B 418 34.78 -18.78 46.26
CA GLU B 418 34.56 -20.22 46.40
C GLU B 418 35.77 -21.01 45.97
N ALA B 419 36.30 -20.68 44.80
CA ALA B 419 37.47 -21.37 44.27
C ALA B 419 38.74 -20.96 44.98
N LEU B 420 38.68 -19.87 45.74
CA LEU B 420 39.84 -19.39 46.46
C LEU B 420 39.94 -20.01 47.85
N LYS B 421 38.84 -20.59 48.32
CA LYS B 421 38.86 -21.21 49.64
C LYS B 421 39.08 -22.72 49.62
N LYS B 422 39.57 -23.22 48.50
CA LYS B 422 39.84 -24.65 48.36
C LYS B 422 41.15 -25.02 49.06
N GLU B 423 41.96 -25.85 48.40
CA GLU B 423 43.25 -26.30 48.91
C GLU B 423 43.89 -25.36 49.92
N LYS B 424 43.93 -25.83 51.18
CA LYS B 424 44.49 -25.09 52.31
C LYS B 424 45.45 -23.95 51.99
N ASP B 425 46.69 -24.08 52.42
CA ASP B 425 47.68 -23.03 52.20
C ASP B 425 47.17 -21.79 52.95
N PRO B 426 46.96 -21.93 54.27
CA PRO B 426 46.47 -20.88 55.18
C PRO B 426 47.19 -19.53 55.15
N ASP B 427 48.18 -19.38 54.27
CA ASP B 427 48.90 -18.11 54.21
C ASP B 427 48.59 -17.28 52.96
N SER B 428 48.43 -17.94 51.82
CA SER B 428 48.15 -17.21 50.58
C SER B 428 46.66 -17.17 50.23
N GLN B 429 45.90 -18.17 50.68
CA GLN B 429 44.48 -18.20 50.35
C GLN B 429 43.59 -17.64 51.46
N GLU B 430 44.14 -17.47 52.64
CA GLU B 430 43.35 -16.94 53.76
C GLU B 430 43.19 -15.44 53.71
N ARG B 431 44.29 -14.71 53.73
CA ARG B 431 44.22 -13.25 53.68
C ARG B 431 43.37 -12.88 52.48
N LEU B 432 43.57 -13.60 51.37
CA LEU B 432 42.82 -13.35 50.16
C LEU B 432 41.34 -13.65 50.37
N LYS B 433 41.05 -14.84 50.85
CA LYS B 433 39.66 -15.25 51.09
C LYS B 433 38.92 -14.22 51.93
N ALA B 434 39.65 -13.53 52.81
CA ALA B 434 39.06 -12.53 53.67
C ALA B 434 38.92 -11.20 52.93
N ILE B 435 40.03 -10.69 52.40
CA ILE B 435 40.04 -9.42 51.68
C ILE B 435 39.27 -9.57 50.36
N GLU B 436 38.77 -10.78 50.12
CA GLU B 436 37.97 -11.06 48.93
C GLU B 436 36.55 -10.65 49.31
N ALA B 437 36.10 -11.19 50.44
CA ALA B 437 34.77 -10.87 50.93
C ALA B 437 34.78 -9.35 51.11
N GLU B 438 35.94 -8.84 51.54
CA GLU B 438 36.10 -7.41 51.74
C GLU B 438 35.76 -6.71 50.42
N ILE B 439 36.58 -6.93 49.41
CA ILE B 439 36.38 -6.32 48.10
C ILE B 439 34.94 -6.57 47.64
N ALA B 440 34.34 -7.63 48.17
CA ALA B 440 32.96 -7.96 47.83
C ALA B 440 32.04 -6.93 48.50
N LYS B 441 32.65 -5.89 49.07
CA LYS B 441 31.89 -4.81 49.71
C LYS B 441 31.18 -4.04 48.61
N LEU B 442 31.70 -4.20 47.39
CA LEU B 442 31.15 -3.55 46.21
C LEU B 442 29.63 -3.66 46.27
N THR B 443 29.16 -4.71 46.95
CA THR B 443 27.73 -4.97 47.12
C THR B 443 27.01 -3.74 47.67
N GLU B 444 27.79 -2.79 48.19
CA GLU B 444 27.23 -1.55 48.71
C GLU B 444 26.69 -0.79 47.52
N GLU B 445 27.55 -0.56 46.53
CA GLU B 445 27.15 0.15 45.32
C GLU B 445 25.96 -0.56 44.70
N ILE B 446 25.98 -1.88 44.76
CA ILE B 446 24.90 -2.71 44.21
C ILE B 446 23.58 -2.37 44.90
N ALA B 447 23.67 -1.63 46.00
CA ALA B 447 22.49 -1.21 46.75
C ALA B 447 22.35 0.31 46.73
N LYS B 448 23.49 1.00 46.81
CA LYS B 448 23.48 2.46 46.77
C LYS B 448 22.83 2.90 45.47
N LEU B 449 23.49 2.59 44.35
CA LEU B 449 22.97 2.94 43.04
C LEU B 449 21.55 2.40 42.92
N ARG B 450 21.38 1.14 43.28
CA ARG B 450 20.07 0.49 43.22
C ARG B 450 19.03 1.31 43.97
N ALA B 451 19.49 2.15 44.89
CA ALA B 451 18.60 3.00 45.67
C ALA B 451 18.36 4.28 44.87
N GLU B 452 19.43 4.77 44.25
CA GLU B 452 19.35 5.97 43.43
C GLU B 452 18.45 5.70 42.23
N TRP B 453 18.29 4.42 41.89
CA TRP B 453 17.45 4.05 40.76
C TRP B 453 15.99 4.04 41.18
N GLU B 454 15.68 3.30 42.24
CA GLU B 454 14.30 3.25 42.72
C GLU B 454 13.84 4.67 43.01
N ARG B 455 14.76 5.49 43.50
CA ARG B 455 14.49 6.89 43.81
C ARG B 455 13.97 7.61 42.55
N GLU B 456 14.69 7.43 41.45
CA GLU B 456 14.30 8.03 40.16
C GLU B 456 12.98 7.40 39.71
N ARG B 457 12.94 6.07 39.76
CA ARG B 457 11.73 5.35 39.36
C ARG B 457 10.55 5.88 40.14
N GLU B 458 10.79 6.25 41.40
CA GLU B 458 9.72 6.78 42.23
C GLU B 458 9.19 8.04 41.56
N ILE B 459 10.06 9.05 41.45
CA ILE B 459 9.70 10.31 40.82
C ILE B 459 8.90 10.00 39.58
N LEU B 460 9.39 9.01 38.83
CA LEU B 460 8.75 8.58 37.58
C LEU B 460 7.35 7.98 37.76
N ARG B 461 7.19 7.06 38.72
CA ARG B 461 5.88 6.46 38.93
C ARG B 461 4.88 7.58 39.22
N LYS B 462 5.37 8.65 39.83
CA LYS B 462 4.54 9.79 40.17
C LYS B 462 4.10 10.50 38.89
N LEU B 463 5.08 10.97 38.12
CA LEU B 463 4.83 11.68 36.87
C LEU B 463 3.84 10.93 36.00
N ARG B 464 4.04 9.64 35.79
CA ARG B 464 3.14 8.85 34.98
C ARG B 464 1.71 9.05 35.46
N GLU B 465 1.55 9.12 36.78
CA GLU B 465 0.24 9.31 37.41
C GLU B 465 -0.35 10.64 36.96
N ALA B 466 0.41 11.71 37.17
CA ALA B 466 -0.02 13.05 36.79
C ALA B 466 -0.55 13.03 35.36
N GLN B 467 0.27 12.57 34.42
CA GLN B 467 -0.12 12.49 33.03
C GLN B 467 -1.49 11.85 32.91
N HIS B 468 -1.73 10.81 33.70
CA HIS B 468 -3.02 10.14 33.67
C HIS B 468 -4.13 11.06 34.12
N ARG B 469 -3.86 11.86 35.14
CA ARG B 469 -4.85 12.83 35.64
C ARG B 469 -5.13 13.85 34.54
N LEU B 470 -4.05 14.50 34.09
CA LEU B 470 -4.11 15.51 33.05
C LEU B 470 -4.90 15.01 31.84
N ASP B 471 -4.78 13.72 31.56
CA ASP B 471 -5.52 13.12 30.46
C ASP B 471 -6.97 13.02 30.86
N GLU B 472 -7.22 12.41 32.02
CA GLU B 472 -8.57 12.26 32.53
C GLU B 472 -9.24 13.62 32.63
N VAL B 473 -8.46 14.62 33.06
CA VAL B 473 -8.95 15.98 33.21
C VAL B 473 -9.31 16.61 31.87
N ARG B 474 -8.62 16.20 30.81
CA ARG B 474 -8.93 16.74 29.49
C ARG B 474 -10.27 16.18 29.00
N ARG B 475 -10.49 14.88 29.20
CA ARG B 475 -11.76 14.30 28.78
C ARG B 475 -12.79 15.01 29.66
N GLU B 476 -12.45 15.12 30.94
CA GLU B 476 -13.28 15.78 31.94
C GLU B 476 -13.87 17.11 31.43
N ILE B 477 -12.97 18.06 31.16
CA ILE B 477 -13.36 19.38 30.66
C ILE B 477 -14.24 19.30 29.43
N GLU B 478 -13.65 18.81 28.34
CA GLU B 478 -14.36 18.68 27.07
C GLU B 478 -15.76 18.14 27.28
N LEU B 479 -15.92 17.17 28.18
CA LEU B 479 -17.22 16.60 28.45
C LEU B 479 -18.19 17.65 29.02
N ALA B 480 -17.64 18.69 29.64
CA ALA B 480 -18.46 19.75 30.21
C ALA B 480 -18.86 20.76 29.13
N GLU B 481 -17.92 21.11 28.26
CA GLU B 481 -18.19 22.05 27.18
C GLU B 481 -19.14 21.41 26.18
N ARG B 482 -20.01 20.54 26.69
CA ARG B 482 -21.01 19.87 25.89
C ARG B 482 -22.33 19.94 26.64
N GLN B 483 -22.27 19.68 27.94
CA GLN B 483 -23.45 19.73 28.79
C GLN B 483 -23.66 21.18 29.24
N TYR B 484 -22.72 22.03 28.86
CA TYR B 484 -22.73 23.44 29.20
C TYR B 484 -22.53 23.67 30.70
N ASP B 485 -22.32 22.60 31.45
CA ASP B 485 -22.09 22.71 32.89
C ASP B 485 -20.78 23.49 33.07
N LEU B 486 -20.84 24.78 32.79
CA LEU B 486 -19.68 25.65 32.91
C LEU B 486 -19.08 25.54 34.31
N ASN B 487 -19.93 25.18 35.27
CA ASN B 487 -19.48 25.00 36.64
C ASN B 487 -18.20 24.18 36.60
N ARG B 488 -18.36 22.87 36.52
CA ARG B 488 -17.24 21.93 36.48
C ARG B 488 -16.17 22.42 35.52
N ALA B 489 -16.53 22.48 34.24
CA ALA B 489 -15.61 22.92 33.20
C ALA B 489 -14.75 24.09 33.64
N ALA B 490 -15.29 24.93 34.51
CA ALA B 490 -14.57 26.09 35.00
C ALA B 490 -13.35 25.71 35.84
N GLU B 491 -13.60 25.16 37.02
CA GLU B 491 -12.54 24.76 37.92
C GLU B 491 -11.54 23.81 37.27
N LEU B 492 -11.99 23.07 36.27
CA LEU B 492 -11.11 22.15 35.58
C LEU B 492 -10.11 22.93 34.72
N ARG B 493 -10.61 23.60 33.69
CA ARG B 493 -9.75 24.37 32.80
C ARG B 493 -8.89 25.40 33.54
N TYR B 494 -9.45 26.03 34.56
CA TYR B 494 -8.74 27.01 35.36
C TYR B 494 -8.62 26.45 36.79
N GLY B 495 -7.38 26.21 37.21
CA GLY B 495 -7.16 25.65 38.54
C GLY B 495 -6.63 24.23 38.46
N GLU B 496 -7.47 23.30 37.99
CA GLU B 496 -7.10 21.90 37.84
C GLU B 496 -6.00 21.71 36.80
N LEU B 497 -6.37 21.87 35.53
CA LEU B 497 -5.45 21.72 34.42
C LEU B 497 -4.14 22.48 34.66
N PRO B 498 -4.22 23.70 35.19
CA PRO B 498 -3.01 24.50 35.45
C PRO B 498 -2.00 23.74 36.30
N LYS B 499 -2.41 23.33 37.50
CA LYS B 499 -1.52 22.59 38.39
C LYS B 499 -1.02 21.33 37.70
N LEU B 500 -1.92 20.39 37.45
CA LEU B 500 -1.54 19.14 36.82
C LEU B 500 -0.52 19.36 35.69
N GLU B 501 -0.76 20.37 34.86
CA GLU B 501 0.13 20.66 33.75
C GLU B 501 1.49 21.12 34.23
N ALA B 502 1.53 21.70 35.43
CA ALA B 502 2.78 22.20 36.02
C ALA B 502 3.43 21.11 36.84
N GLU B 503 2.59 20.25 37.42
CA GLU B 503 3.04 19.14 38.25
C GLU B 503 3.87 18.20 37.39
N VAL B 504 3.31 17.82 36.25
CA VAL B 504 3.99 16.92 35.33
C VAL B 504 5.23 17.61 34.75
N GLU B 505 5.06 18.86 34.34
CA GLU B 505 6.17 19.61 33.77
C GLU B 505 7.23 19.83 34.84
N ALA B 506 6.81 19.72 36.10
CA ALA B 506 7.72 19.87 37.23
C ALA B 506 8.60 18.62 37.34
N LEU B 507 7.94 17.47 37.46
CA LEU B 507 8.64 16.19 37.58
C LEU B 507 9.49 15.92 36.34
N SER B 508 8.93 16.22 35.18
CA SER B 508 9.66 16.03 33.94
C SER B 508 11.02 16.69 34.15
N GLU B 509 10.96 17.99 34.43
CA GLU B 509 12.15 18.78 34.67
C GLU B 509 12.93 18.22 35.85
N LYS B 510 12.21 17.63 36.80
CA LYS B 510 12.84 17.05 37.98
C LYS B 510 13.76 15.90 37.57
N LEU B 511 13.74 15.54 36.29
CA LEU B 511 14.58 14.46 35.80
C LEU B 511 15.53 14.92 34.72
N ARG B 512 15.75 16.24 34.64
CA ARG B 512 16.65 16.80 33.63
C ARG B 512 18.03 16.16 33.73
N GLY B 513 18.26 15.53 34.88
CA GLY B 513 19.51 14.83 35.11
C GLY B 513 19.13 13.49 35.71
N ALA B 514 19.54 12.41 35.06
CA ALA B 514 19.21 11.09 35.56
C ALA B 514 20.31 10.10 35.18
N ARG B 515 21.05 9.65 36.19
CA ARG B 515 22.13 8.71 35.98
C ARG B 515 21.58 7.35 35.57
N PHE B 516 20.26 7.19 35.68
CA PHE B 516 19.63 5.93 35.31
C PHE B 516 18.28 6.13 34.64
N VAL B 517 18.04 7.32 34.09
CA VAL B 517 16.76 7.59 33.44
C VAL B 517 16.78 8.68 32.37
N ARG B 518 15.87 8.55 31.42
CA ARG B 518 15.71 9.51 30.34
C ARG B 518 14.28 9.33 29.85
N LEU B 519 13.41 10.22 30.27
CA LEU B 519 11.99 10.15 29.91
C LEU B 519 11.74 10.68 28.50
N GLU B 520 12.79 11.24 27.92
CA GLU B 520 12.77 11.81 26.59
C GLU B 520 12.88 10.82 25.44
N VAL B 521 12.17 11.11 24.36
CA VAL B 521 12.21 10.29 23.15
C VAL B 521 12.81 11.27 22.16
N THR B 522 13.98 10.93 21.61
CA THR B 522 14.66 11.82 20.69
C THR B 522 14.92 11.25 19.30
N GLU B 523 15.61 12.05 18.49
CA GLU B 523 15.95 11.66 17.14
C GLU B 523 16.69 10.33 17.14
N GLU B 524 17.76 10.26 17.91
CA GLU B 524 18.54 9.03 17.97
C GLU B 524 17.61 7.84 18.13
N ASP B 525 16.72 7.94 19.11
CA ASP B 525 15.74 6.88 19.36
C ASP B 525 14.95 6.57 18.08
N ILE B 526 14.48 7.62 17.43
CA ILE B 526 13.73 7.45 16.19
C ILE B 526 14.66 6.87 15.13
N ALA B 527 15.72 7.60 14.83
CA ALA B 527 16.71 7.18 13.83
C ALA B 527 17.07 5.71 14.01
N GLU B 528 17.19 5.28 15.26
CA GLU B 528 17.53 3.90 15.55
C GLU B 528 16.48 2.93 15.06
N ILE B 529 15.25 3.06 15.54
CA ILE B 529 14.20 2.15 15.10
C ILE B 529 14.05 2.25 13.59
N VAL B 530 14.43 3.39 13.03
CA VAL B 530 14.32 3.60 11.58
C VAL B 530 15.45 2.82 10.95
N SER B 531 16.62 2.94 11.54
CA SER B 531 17.79 2.24 11.04
C SER B 531 17.52 0.74 11.10
N ARG B 532 16.79 0.33 12.13
CA ARG B 532 16.44 -1.07 12.31
C ARG B 532 15.67 -1.59 11.11
N TRP B 533 15.02 -0.69 10.39
CA TRP B 533 14.25 -1.08 9.23
C TRP B 533 15.00 -0.75 7.95
N THR B 534 16.20 -0.22 8.06
CA THR B 534 16.95 0.17 6.87
C THR B 534 18.47 -0.02 7.00
N GLY B 535 19.21 1.06 7.21
CA GLY B 535 20.66 0.96 7.33
C GLY B 535 21.42 2.16 7.88
N ILE B 536 22.33 1.89 8.81
CA ILE B 536 23.21 2.85 9.49
C ILE B 536 22.65 4.10 10.12
N PRO B 537 22.52 4.12 11.46
CA PRO B 537 22.00 5.28 12.17
C PRO B 537 23.01 6.41 12.08
N VAL B 538 24.27 6.03 11.85
CA VAL B 538 25.35 6.98 11.75
C VAL B 538 24.98 8.09 10.78
N SER B 539 24.24 7.73 9.75
CA SER B 539 23.79 8.70 8.76
C SER B 539 22.32 9.05 8.99
N LYS B 540 21.44 8.04 8.95
CA LYS B 540 20.01 8.27 9.17
C LYS B 540 19.89 9.37 10.21
N LEU B 541 20.57 9.16 11.32
CA LEU B 541 20.57 10.15 12.39
C LEU B 541 21.51 11.27 12.03
N LEU B 542 22.60 11.36 12.79
CA LEU B 542 23.60 12.38 12.62
C LEU B 542 23.30 13.36 11.49
N GLU B 543 23.77 13.06 10.29
CA GLU B 543 23.56 13.98 9.18
C GLU B 543 22.16 14.52 8.95
N GLY B 544 22.06 15.84 8.84
CA GLY B 544 20.80 16.51 8.55
C GLY B 544 20.97 16.94 7.11
N GLU B 545 19.88 17.10 6.36
CA GLU B 545 20.00 17.48 4.96
C GLU B 545 21.07 18.57 4.77
N ARG B 546 21.01 19.60 5.60
CA ARG B 546 21.95 20.72 5.55
C ARG B 546 23.40 20.26 5.65
N GLU B 547 23.72 19.57 6.74
CA GLU B 547 25.06 19.07 6.97
C GLU B 547 25.49 18.20 5.78
N LYS B 548 24.57 17.33 5.36
CA LYS B 548 24.80 16.41 4.26
C LYS B 548 25.10 17.12 2.94
N LEU B 549 24.28 18.10 2.59
CA LEU B 549 24.47 18.84 1.35
C LEU B 549 25.74 19.68 1.30
N LEU B 550 26.23 20.07 2.46
CA LEU B 550 27.45 20.88 2.50
C LEU B 550 28.70 20.05 2.34
N ARG B 551 28.70 18.84 2.91
CA ARG B 551 29.84 17.96 2.79
C ARG B 551 29.71 17.08 1.55
N LEU B 552 28.65 17.31 0.80
CA LEU B 552 28.39 16.54 -0.40
C LEU B 552 29.60 16.24 -1.29
N GLU B 553 30.34 17.28 -1.64
CA GLU B 553 31.50 17.09 -2.50
C GLU B 553 32.56 16.19 -1.87
N GLU B 554 32.66 16.22 -0.55
CA GLU B 554 33.61 15.37 0.18
C GLU B 554 33.18 13.93 0.03
N GLU B 555 32.00 13.65 0.56
CA GLU B 555 31.39 12.34 0.52
C GLU B 555 31.53 11.67 -0.84
N LEU B 556 31.12 12.38 -1.89
CA LEU B 556 31.22 11.86 -3.24
C LEU B 556 32.65 11.46 -3.59
N HIS B 557 33.61 12.31 -3.25
CA HIS B 557 35.01 12.02 -3.55
C HIS B 557 35.58 10.86 -2.78
N LYS B 558 34.91 10.45 -1.70
CA LYS B 558 35.40 9.33 -0.92
C LYS B 558 35.27 8.08 -1.78
N ARG B 559 34.41 8.14 -2.79
CA ARG B 559 34.19 7.00 -3.67
C ARG B 559 34.49 7.26 -5.14
N VAL B 560 34.38 8.51 -5.55
CA VAL B 560 34.65 8.88 -6.94
C VAL B 560 35.94 9.64 -7.04
N VAL B 561 36.93 9.05 -7.70
CA VAL B 561 38.23 9.70 -7.85
C VAL B 561 38.20 10.69 -9.02
N GLY B 562 38.79 11.86 -8.79
CA GLY B 562 38.85 12.88 -9.83
C GLY B 562 37.53 13.41 -10.30
N GLN B 563 37.45 13.69 -11.60
CA GLN B 563 36.23 14.21 -12.20
C GLN B 563 35.64 15.34 -11.37
N ASP B 564 36.53 16.12 -10.76
CA ASP B 564 36.14 17.24 -9.91
C ASP B 564 35.06 18.13 -10.51
N GLU B 565 35.21 18.48 -11.79
CA GLU B 565 34.23 19.34 -12.45
C GLU B 565 32.83 18.76 -12.32
N ALA B 566 32.72 17.46 -12.48
CA ALA B 566 31.45 16.76 -12.38
C ALA B 566 30.82 16.93 -11.02
N ILE B 567 31.58 16.56 -9.98
CA ILE B 567 31.12 16.66 -8.62
C ILE B 567 30.61 18.05 -8.31
N ARG B 568 31.46 19.05 -8.50
CA ARG B 568 31.05 20.41 -8.21
C ARG B 568 29.72 20.72 -8.86
N ALA B 569 29.64 20.56 -10.17
CA ALA B 569 28.42 20.82 -10.94
C ALA B 569 27.20 20.17 -10.30
N VAL B 570 27.26 18.85 -10.14
CA VAL B 570 26.16 18.12 -9.53
C VAL B 570 25.86 18.63 -8.12
N ALA B 571 26.92 18.80 -7.33
CA ALA B 571 26.78 19.28 -5.96
C ALA B 571 26.09 20.64 -5.93
N ASP B 572 26.63 21.59 -6.69
CA ASP B 572 26.05 22.93 -6.75
C ASP B 572 24.61 22.90 -7.22
N ALA B 573 24.34 22.10 -8.25
CA ALA B 573 22.99 22.00 -8.79
C ALA B 573 22.05 21.61 -7.64
N ILE B 574 22.40 20.54 -6.94
CA ILE B 574 21.58 20.05 -5.85
C ILE B 574 21.40 21.10 -4.75
N ARG B 575 22.49 21.76 -4.38
CA ARG B 575 22.42 22.79 -3.34
C ARG B 575 21.53 23.92 -3.84
N ARG B 576 21.73 24.28 -5.10
CA ARG B 576 20.95 25.34 -5.72
C ARG B 576 19.49 24.90 -5.77
N ALA B 577 19.30 23.58 -5.85
CA ALA B 577 17.97 22.97 -5.91
C ALA B 577 17.24 23.21 -4.60
N ARG B 578 17.81 22.71 -3.51
CA ARG B 578 17.23 22.93 -2.19
C ARG B 578 17.41 24.43 -2.06
N ALA B 579 17.25 24.99 -0.87
CA ALA B 579 17.43 26.43 -0.74
C ALA B 579 16.30 27.18 -1.48
N GLY B 580 15.63 26.47 -2.38
CA GLY B 580 14.52 27.03 -3.13
C GLY B 580 14.82 28.09 -4.18
N LEU B 581 15.77 27.82 -5.07
CA LEU B 581 16.09 28.80 -6.09
C LEU B 581 15.69 28.31 -7.48
N LYS B 582 14.94 27.21 -7.51
CA LYS B 582 14.49 26.64 -8.77
C LYS B 582 13.00 26.29 -8.71
N ASP B 583 12.39 26.19 -9.89
CA ASP B 583 10.98 25.85 -10.00
C ASP B 583 10.73 24.58 -9.21
N PRO B 584 9.77 24.61 -8.27
CA PRO B 584 9.44 23.46 -7.44
C PRO B 584 8.95 22.27 -8.27
N ASN B 585 8.44 22.56 -9.46
CA ASN B 585 7.94 21.53 -10.35
C ASN B 585 9.01 21.07 -11.32
N ARG B 586 10.05 20.46 -10.76
CA ARG B 586 11.18 19.95 -11.54
C ARG B 586 11.94 18.95 -10.67
N PRO B 587 12.84 18.17 -11.28
CA PRO B 587 13.59 17.22 -10.47
C PRO B 587 14.62 18.00 -9.67
N ILE B 588 15.09 17.43 -8.55
CA ILE B 588 16.09 18.11 -7.74
C ILE B 588 17.26 18.53 -8.61
N GLY B 589 17.57 17.72 -9.60
CA GLY B 589 18.66 18.05 -10.50
C GLY B 589 18.70 17.10 -11.68
N SER B 590 19.00 17.63 -12.86
CA SER B 590 19.08 16.81 -14.06
C SER B 590 20.44 17.04 -14.70
N PHE B 591 21.08 15.97 -15.14
CA PHE B 591 22.40 16.09 -15.76
C PHE B 591 22.60 15.24 -16.98
N LEU B 592 23.62 15.61 -17.75
CA LEU B 592 24.00 14.89 -18.94
C LEU B 592 25.50 14.62 -18.81
N PHE B 593 25.86 13.39 -18.48
CA PHE B 593 27.25 13.04 -18.32
C PHE B 593 27.84 12.68 -19.66
N LEU B 594 28.86 13.43 -20.08
CA LEU B 594 29.53 13.19 -21.34
C LEU B 594 30.97 12.82 -21.05
N GLY B 595 31.63 12.21 -22.02
CA GLY B 595 33.03 11.84 -21.83
C GLY B 595 33.32 10.38 -22.12
N PRO B 596 34.53 9.91 -21.80
CA PRO B 596 34.98 8.53 -22.01
C PRO B 596 34.12 7.51 -21.26
N THR B 597 34.57 6.25 -21.26
CA THR B 597 33.85 5.18 -20.59
C THR B 597 34.61 4.73 -19.35
N GLY B 598 33.89 4.15 -18.40
CA GLY B 598 34.49 3.66 -17.19
C GLY B 598 35.47 4.59 -16.50
N VAL B 599 35.09 5.86 -16.35
CA VAL B 599 35.97 6.81 -15.69
C VAL B 599 35.27 7.61 -14.60
N GLY B 600 34.07 7.17 -14.23
CA GLY B 600 33.34 7.85 -13.18
C GLY B 600 31.84 7.89 -13.27
N LYS B 601 31.31 8.20 -14.44
CA LYS B 601 29.86 8.32 -14.65
C LYS B 601 28.94 7.47 -13.78
N THR B 602 28.83 6.19 -14.09
CA THR B 602 27.96 5.32 -13.31
C THR B 602 28.36 5.30 -11.84
N GLU B 603 29.66 5.34 -11.56
CA GLU B 603 30.11 5.36 -10.19
C GLU B 603 29.51 6.54 -9.46
N LEU B 604 29.73 7.72 -10.01
CA LEU B 604 29.22 8.95 -9.41
C LEU B 604 27.72 8.82 -9.20
N ALA B 605 27.03 8.27 -10.20
CA ALA B 605 25.58 8.09 -10.14
C ALA B 605 25.25 7.20 -8.94
N LYS B 606 25.96 6.09 -8.81
CA LYS B 606 25.77 5.17 -7.71
C LYS B 606 26.07 5.85 -6.38
N THR B 607 27.28 6.41 -6.28
CA THR B 607 27.71 7.09 -5.06
C THR B 607 26.71 8.17 -4.64
N LEU B 608 26.22 8.92 -5.62
CA LEU B 608 25.26 9.98 -5.35
C LEU B 608 24.04 9.39 -4.67
N ALA B 609 23.50 8.33 -5.27
CA ALA B 609 22.33 7.68 -4.71
C ALA B 609 22.57 7.34 -3.25
N ALA B 610 23.72 6.75 -2.97
CA ALA B 610 24.04 6.37 -1.59
C ALA B 610 24.24 7.55 -0.66
N THR B 611 25.19 8.41 -0.99
CA THR B 611 25.47 9.56 -0.15
C THR B 611 24.30 10.50 0.07
N LEU B 612 23.49 10.71 -0.96
CA LEU B 612 22.36 11.61 -0.86
C LEU B 612 21.11 10.94 -0.28
N PHE B 613 20.90 9.68 -0.62
CA PHE B 613 19.73 8.96 -0.16
C PHE B 613 20.04 7.79 0.78
N ASP B 614 21.19 7.86 1.43
CA ASP B 614 21.62 6.85 2.40
C ASP B 614 21.58 5.41 1.90
N THR B 615 21.64 5.20 0.59
CA THR B 615 21.62 3.84 0.06
C THR B 615 21.72 3.72 -1.46
N GLU B 616 22.49 2.74 -1.93
CA GLU B 616 22.63 2.51 -3.35
C GLU B 616 21.32 1.91 -3.87
N GLU B 617 20.42 1.61 -2.95
CA GLU B 617 19.12 1.06 -3.33
C GLU B 617 18.22 2.17 -3.88
N ALA B 618 18.69 3.41 -3.73
CA ALA B 618 17.93 4.54 -4.20
C ALA B 618 18.22 4.80 -5.67
N MET B 619 18.95 3.90 -6.32
CA MET B 619 19.26 4.06 -7.73
C MET B 619 18.26 3.29 -8.57
N ILE B 620 17.99 3.80 -9.77
CA ILE B 620 17.06 3.18 -10.70
C ILE B 620 17.68 3.33 -12.07
N ARG B 621 18.04 2.22 -12.69
CA ARG B 621 18.69 2.28 -13.98
C ARG B 621 17.75 1.95 -15.11
N ILE B 622 18.00 2.59 -16.24
CA ILE B 622 17.22 2.39 -17.45
C ILE B 622 18.28 2.21 -18.52
N ASP B 623 18.64 0.96 -18.80
CA ASP B 623 19.64 0.68 -19.80
C ASP B 623 19.02 0.90 -21.18
N MET B 624 18.84 2.18 -21.50
CA MET B 624 18.24 2.60 -22.75
C MET B 624 18.63 1.80 -23.98
N THR B 625 19.90 1.42 -24.09
CA THR B 625 20.38 0.67 -25.24
C THR B 625 19.60 -0.63 -25.46
N GLU B 626 18.67 -0.93 -24.55
CA GLU B 626 17.86 -2.14 -24.68
C GLU B 626 16.41 -1.78 -25.05
N TYR B 627 15.87 -0.72 -24.43
CA TYR B 627 14.50 -0.30 -24.73
C TYR B 627 14.49 0.36 -26.10
N MET B 628 14.51 -0.45 -27.15
CA MET B 628 14.50 0.04 -28.52
C MET B 628 13.24 -0.45 -29.23
N GLU B 629 12.30 -1.00 -28.44
CA GLU B 629 11.05 -1.53 -28.97
C GLU B 629 9.82 -0.75 -28.49
N LYS B 630 8.96 -1.39 -27.69
CA LYS B 630 7.77 -0.73 -27.18
C LYS B 630 8.12 0.04 -25.90
N HIS B 631 9.30 0.66 -25.93
CA HIS B 631 9.82 1.45 -24.82
C HIS B 631 8.76 2.12 -23.96
N ALA B 632 8.10 3.14 -24.51
CA ALA B 632 7.08 3.88 -23.78
C ALA B 632 6.28 2.98 -22.85
N VAL B 633 5.63 1.98 -23.42
CA VAL B 633 4.80 1.08 -22.62
C VAL B 633 5.54 0.45 -21.44
N SER B 634 6.81 0.09 -21.64
CA SER B 634 7.61 -0.54 -20.60
C SER B 634 8.04 0.39 -19.47
N ARG B 635 7.35 1.51 -19.31
CA ARG B 635 7.71 2.46 -18.27
C ARG B 635 6.51 3.17 -17.64
N LEU B 636 5.32 2.61 -17.83
CA LEU B 636 4.08 3.15 -17.29
C LEU B 636 2.88 2.34 -17.74
N GLN B 651 6.95 0.79 -15.72
CA GLN B 651 7.95 0.21 -14.84
C GLN B 651 8.67 1.32 -14.10
N LEU B 652 9.14 2.30 -14.87
CA LEU B 652 9.82 3.46 -14.30
C LEU B 652 8.92 4.08 -13.23
N THR B 653 7.77 4.57 -13.66
CA THR B 653 6.81 5.19 -12.75
C THR B 653 6.64 4.41 -11.46
N GLU B 654 6.59 3.09 -11.56
CA GLU B 654 6.41 2.24 -10.39
C GLU B 654 7.57 2.34 -9.42
N ALA B 655 8.79 2.16 -9.95
CA ALA B 655 9.98 2.26 -9.12
C ALA B 655 9.96 3.61 -8.39
N VAL B 656 9.74 4.66 -9.16
CA VAL B 656 9.69 6.01 -8.61
C VAL B 656 8.51 6.12 -7.66
N ARG B 657 7.41 5.50 -8.05
CA ARG B 657 6.18 5.51 -7.28
C ARG B 657 6.43 5.04 -5.86
N ARG B 658 7.21 3.97 -5.71
CA ARG B 658 7.50 3.44 -4.39
C ARG B 658 8.70 4.09 -3.72
N ARG B 659 9.60 4.67 -4.50
CA ARG B 659 10.76 5.33 -3.93
C ARG B 659 10.92 6.72 -4.56
N PRO B 660 10.18 7.71 -4.03
CA PRO B 660 10.21 9.09 -4.51
C PRO B 660 11.63 9.63 -4.56
N TYR B 661 12.35 9.48 -3.45
CA TYR B 661 13.72 9.94 -3.39
C TYR B 661 14.62 8.88 -4.00
N SER B 662 15.01 9.09 -5.24
CA SER B 662 15.89 8.16 -5.91
C SER B 662 16.61 8.78 -7.09
N VAL B 663 17.72 8.16 -7.46
CA VAL B 663 18.50 8.59 -8.60
C VAL B 663 18.07 7.71 -9.76
N ILE B 664 17.80 8.33 -10.90
CA ILE B 664 17.38 7.60 -12.08
C ILE B 664 18.43 7.77 -13.17
N LEU B 665 19.02 6.66 -13.56
CA LEU B 665 20.07 6.67 -14.55
C LEU B 665 19.65 6.14 -15.91
N PHE B 666 19.75 6.99 -16.92
CA PHE B 666 19.42 6.59 -18.29
C PHE B 666 20.73 6.40 -19.08
N ASP B 667 21.05 5.15 -19.40
CA ASP B 667 22.25 4.84 -20.16
C ASP B 667 22.06 5.17 -21.63
N GLU B 668 23.17 5.47 -22.32
CA GLU B 668 23.12 5.79 -23.75
C GLU B 668 21.80 6.43 -24.12
N ILE B 669 21.64 7.71 -23.77
CA ILE B 669 20.40 8.41 -24.05
C ILE B 669 20.13 8.61 -25.54
N GLU B 670 21.16 8.83 -26.34
CA GLU B 670 20.96 9.04 -27.76
C GLU B 670 20.26 7.86 -28.44
N LYS B 671 20.49 6.66 -27.93
CA LYS B 671 19.88 5.47 -28.50
C LYS B 671 18.37 5.39 -28.30
N ALA B 672 17.85 6.22 -27.40
CA ALA B 672 16.42 6.22 -27.12
C ALA B 672 15.68 6.83 -28.31
N HIS B 673 14.42 6.45 -28.47
CA HIS B 673 13.61 6.98 -29.56
C HIS B 673 12.74 8.14 -29.10
N PRO B 674 12.54 9.14 -29.98
CA PRO B 674 11.74 10.33 -29.70
C PRO B 674 10.62 10.11 -28.70
N ASP B 675 10.00 8.94 -28.77
CA ASP B 675 8.91 8.60 -27.87
C ASP B 675 9.33 8.77 -26.41
N VAL B 676 10.44 8.14 -26.03
CA VAL B 676 10.96 8.21 -24.67
C VAL B 676 11.26 9.65 -24.23
N PHE B 677 11.99 10.36 -25.08
CA PHE B 677 12.34 11.76 -24.78
C PHE B 677 11.13 12.54 -24.31
N ASN B 678 9.95 12.13 -24.76
CA ASN B 678 8.74 12.81 -24.34
C ASN B 678 8.50 12.50 -22.87
N ILE B 679 8.50 11.23 -22.51
CA ILE B 679 8.29 10.86 -21.12
C ILE B 679 9.36 11.54 -20.31
N LEU B 680 10.59 11.46 -20.81
CA LEU B 680 11.72 12.06 -20.13
C LEU B 680 11.52 13.56 -20.00
N LEU B 681 11.34 14.23 -21.13
CA LEU B 681 11.15 15.68 -21.16
C LEU B 681 10.06 16.07 -20.18
N GLN B 682 9.04 15.25 -20.09
CA GLN B 682 7.92 15.52 -19.19
C GLN B 682 8.39 15.46 -17.76
N ILE B 683 9.45 14.70 -17.52
CA ILE B 683 10.00 14.57 -16.17
C ILE B 683 10.76 15.86 -15.89
N LEU B 684 11.61 16.26 -16.84
CA LEU B 684 12.41 17.46 -16.68
C LEU B 684 11.58 18.71 -16.47
N ASP B 685 10.39 18.73 -17.05
CA ASP B 685 9.49 19.86 -16.87
C ASP B 685 8.44 19.37 -15.89
N ASP B 686 7.79 20.28 -15.18
CA ASP B 686 6.76 19.92 -14.20
C ASP B 686 7.09 18.76 -13.26
N GLY B 687 8.28 18.17 -13.41
CA GLY B 687 8.71 17.09 -12.55
C GLY B 687 7.68 16.05 -12.14
N ARG B 688 6.75 15.76 -13.04
CA ARG B 688 5.72 14.77 -12.78
C ARG B 688 5.52 13.90 -14.01
N LEU B 689 4.74 12.85 -13.86
CA LEU B 689 4.50 11.95 -14.98
C LEU B 689 3.19 11.20 -14.81
N THR B 690 2.44 11.10 -15.90
CA THR B 690 1.16 10.40 -15.88
C THR B 690 1.40 8.98 -16.38
N ASP B 691 1.12 8.01 -15.52
CA ASP B 691 1.33 6.61 -15.89
C ASP B 691 0.20 6.09 -16.75
N SER B 692 0.22 4.77 -16.99
CA SER B 692 -0.80 4.11 -17.80
C SER B 692 -2.17 4.32 -17.14
N HIS B 693 -2.35 3.76 -15.96
CA HIS B 693 -3.62 3.90 -15.24
C HIS B 693 -4.07 5.35 -15.18
N GLY B 694 -3.17 6.24 -14.79
CA GLY B 694 -3.52 7.64 -14.72
C GLY B 694 -2.88 8.40 -13.57
N ARG B 695 -3.04 7.89 -12.35
CA ARG B 695 -2.47 8.54 -11.17
C ARG B 695 -1.00 8.89 -11.38
N THR B 696 -0.73 10.17 -11.57
CA THR B 696 0.62 10.67 -11.80
C THR B 696 1.56 10.38 -10.62
N VAL B 697 2.84 10.20 -10.95
CA VAL B 697 3.86 9.92 -9.97
C VAL B 697 4.68 11.19 -9.81
N ASP B 698 5.14 11.45 -8.58
CA ASP B 698 5.94 12.64 -8.31
C ASP B 698 7.44 12.41 -8.45
N PHE B 699 8.08 13.22 -9.30
CA PHE B 699 9.52 13.11 -9.54
C PHE B 699 10.29 14.30 -8.96
N ARG B 700 9.59 15.19 -8.28
CA ARG B 700 10.21 16.36 -7.70
C ARG B 700 11.34 16.03 -6.72
N ASN B 701 11.32 14.80 -6.20
CA ASN B 701 12.34 14.38 -5.25
C ASN B 701 13.38 13.44 -5.86
N THR B 702 13.52 13.47 -7.17
CA THR B 702 14.48 12.60 -7.82
C THR B 702 15.59 13.36 -8.54
N VAL B 703 16.70 12.66 -8.78
CA VAL B 703 17.82 13.24 -9.48
C VAL B 703 17.91 12.46 -10.78
N ILE B 704 17.93 13.18 -11.90
CA ILE B 704 17.96 12.53 -13.19
C ILE B 704 19.31 12.63 -13.87
N ILE B 705 20.01 11.51 -13.97
CA ILE B 705 21.30 11.49 -14.64
C ILE B 705 21.18 10.78 -16.00
N LEU B 706 21.69 11.43 -17.04
CA LEU B 706 21.65 10.87 -18.39
C LEU B 706 23.06 10.79 -18.93
N THR B 707 23.42 9.63 -19.44
CA THR B 707 24.75 9.40 -19.99
C THR B 707 24.71 9.24 -21.50
N SER B 708 25.86 9.46 -22.14
CA SER B 708 25.99 9.35 -23.59
C SER B 708 27.47 9.54 -23.95
N ASN B 709 27.88 9.11 -25.13
CA ASN B 709 29.27 9.29 -25.52
C ASN B 709 29.41 10.21 -26.73
N LEU B 710 28.30 10.84 -27.10
CA LEU B 710 28.25 11.74 -28.25
C LEU B 710 29.42 12.70 -28.42
N GLY B 711 29.88 13.32 -27.34
CA GLY B 711 30.99 14.24 -27.47
C GLY B 711 32.33 13.63 -27.08
N SER B 712 32.32 12.39 -26.60
CA SER B 712 33.53 11.72 -26.16
C SER B 712 34.77 11.92 -27.05
N PRO B 713 34.70 11.50 -28.32
CA PRO B 713 35.83 11.64 -29.23
C PRO B 713 36.38 13.06 -29.27
N LEU B 714 35.51 14.01 -29.57
CA LEU B 714 35.88 15.41 -29.62
C LEU B 714 36.46 15.87 -28.28
N ILE B 715 35.84 15.46 -27.17
CA ILE B 715 36.32 15.84 -25.84
C ILE B 715 37.73 15.35 -25.63
N LEU B 716 37.99 14.10 -26.02
CA LEU B 716 39.32 13.54 -25.88
C LEU B 716 40.26 14.35 -26.75
N GLU B 717 39.90 14.51 -28.02
CA GLU B 717 40.72 15.29 -28.95
C GLU B 717 41.10 16.64 -28.36
N GLY B 718 40.11 17.32 -27.76
CA GLY B 718 40.36 18.62 -27.17
C GLY B 718 41.36 18.58 -26.04
N LEU B 719 41.52 17.41 -25.43
CA LEU B 719 42.46 17.25 -24.32
C LEU B 719 43.87 16.96 -24.84
N GLN B 720 43.97 16.21 -25.93
CA GLN B 720 45.29 15.91 -26.51
C GLN B 720 45.87 17.20 -27.04
N LYS B 721 45.15 17.84 -27.98
CA LYS B 721 45.59 19.09 -28.56
C LYS B 721 45.57 20.18 -27.50
N GLY B 722 45.24 19.77 -26.28
CA GLY B 722 45.19 20.67 -25.14
C GLY B 722 44.59 22.05 -25.34
N TRP B 723 43.52 22.17 -26.12
CA TRP B 723 42.94 23.48 -26.29
C TRP B 723 41.98 23.79 -25.14
N PRO B 724 41.79 25.08 -24.84
CA PRO B 724 40.93 25.62 -23.77
C PRO B 724 39.63 24.85 -23.51
N TYR B 725 39.33 24.63 -22.24
CA TYR B 725 38.12 23.91 -21.86
C TYR B 725 36.89 24.49 -22.56
N GLU B 726 36.76 25.80 -22.54
CA GLU B 726 35.63 26.47 -23.16
C GLU B 726 35.50 26.08 -24.63
N ARG B 727 36.63 25.98 -25.32
CA ARG B 727 36.64 25.62 -26.72
C ARG B 727 36.09 24.20 -26.89
N ILE B 728 36.36 23.35 -25.90
CA ILE B 728 35.89 21.97 -25.93
C ILE B 728 34.39 21.92 -25.69
N ARG B 729 33.95 22.51 -24.59
CA ARG B 729 32.54 22.53 -24.24
C ARG B 729 31.68 23.03 -25.40
N ASP B 730 32.08 24.15 -26.00
CA ASP B 730 31.35 24.73 -27.12
C ASP B 730 31.36 23.80 -28.34
N GLU B 731 32.52 23.26 -28.64
CA GLU B 731 32.66 22.36 -29.78
C GLU B 731 31.76 21.14 -29.56
N VAL B 732 31.78 20.62 -28.34
CA VAL B 732 30.98 19.46 -27.96
C VAL B 732 29.49 19.76 -27.94
N PHE B 733 29.14 20.96 -27.51
CA PHE B 733 27.73 21.35 -27.45
C PHE B 733 27.11 21.28 -28.84
N LYS B 734 27.80 21.83 -29.83
CA LYS B 734 27.32 21.84 -31.21
C LYS B 734 26.87 20.42 -31.60
N VAL B 735 27.73 19.44 -31.34
CA VAL B 735 27.40 18.06 -31.63
C VAL B 735 26.07 17.72 -31.00
N LEU B 736 25.96 18.01 -29.71
CA LEU B 736 24.74 17.75 -28.96
C LEU B 736 23.51 18.35 -29.65
N GLN B 737 23.67 19.59 -30.09
CA GLN B 737 22.58 20.30 -30.77
C GLN B 737 22.12 19.55 -32.02
N GLN B 738 22.86 18.51 -32.39
CA GLN B 738 22.51 17.74 -33.58
C GLN B 738 21.78 16.45 -33.27
N HIS B 739 21.75 16.04 -32.01
CA HIS B 739 21.05 14.81 -31.64
C HIS B 739 20.00 15.06 -30.57
N PHE B 740 19.94 16.28 -30.05
CA PHE B 740 18.98 16.59 -29.00
C PHE B 740 18.17 17.85 -29.20
N ARG B 741 16.88 17.73 -28.95
CA ARG B 741 15.95 18.85 -29.09
C ARG B 741 16.39 19.89 -28.07
N PRO B 742 16.49 21.16 -28.48
CA PRO B 742 16.91 22.21 -27.56
C PRO B 742 16.09 22.21 -26.27
N GLU B 743 14.79 21.98 -26.39
CA GLU B 743 13.92 21.96 -25.22
C GLU B 743 14.57 21.07 -24.18
N PHE B 744 15.15 19.97 -24.65
CA PHE B 744 15.82 19.01 -23.79
C PHE B 744 17.11 19.57 -23.18
N LEU B 745 18.07 19.90 -24.05
CA LEU B 745 19.34 20.45 -23.59
C LEU B 745 19.18 21.67 -22.69
N ASN B 746 18.11 22.43 -22.93
CA ASN B 746 17.83 23.64 -22.16
C ASN B 746 17.25 23.37 -20.77
N ARG B 747 16.55 22.24 -20.61
CA ARG B 747 15.96 21.91 -19.32
C ARG B 747 16.94 21.14 -18.44
N LEU B 748 18.17 20.96 -18.92
CA LEU B 748 19.17 20.24 -18.15
C LEU B 748 19.83 21.18 -17.16
N ASP B 749 19.88 20.77 -15.90
CA ASP B 749 20.49 21.59 -14.86
C ASP B 749 21.97 21.77 -15.17
N GLU B 750 22.61 20.74 -15.71
CA GLU B 750 24.03 20.82 -16.03
C GLU B 750 24.43 19.81 -17.09
N ILE B 751 25.46 20.15 -17.84
CA ILE B 751 25.99 19.26 -18.86
C ILE B 751 27.43 19.00 -18.45
N VAL B 752 27.57 18.03 -17.58
CA VAL B 752 28.85 17.64 -17.04
C VAL B 752 29.69 16.83 -18.02
N VAL B 753 30.99 17.08 -18.02
CA VAL B 753 31.90 16.36 -18.89
C VAL B 753 32.95 15.61 -18.09
N PHE B 754 32.91 14.28 -18.15
CA PHE B 754 33.90 13.44 -17.45
C PHE B 754 35.14 13.36 -18.33
N ARG B 755 36.30 13.24 -17.72
CA ARG B 755 37.55 13.14 -18.48
C ARG B 755 38.34 11.90 -18.10
N PRO B 756 39.39 11.57 -18.88
CA PRO B 756 40.23 10.41 -18.62
C PRO B 756 40.90 10.54 -17.26
N LEU B 757 41.28 9.40 -16.70
CA LEU B 757 41.91 9.39 -15.39
C LEU B 757 43.43 9.43 -15.49
N THR B 758 44.06 9.96 -14.45
CA THR B 758 45.51 10.05 -14.42
C THR B 758 46.05 8.86 -13.63
N LYS B 759 47.26 8.42 -13.99
CA LYS B 759 47.91 7.29 -13.33
C LYS B 759 47.66 7.34 -11.83
N GLU B 760 47.80 8.53 -11.26
CA GLU B 760 47.62 8.73 -9.83
C GLU B 760 46.22 8.35 -9.43
N GLN B 761 45.24 8.96 -10.08
CA GLN B 761 43.85 8.67 -9.79
C GLN B 761 43.64 7.16 -9.85
N ILE B 762 44.08 6.55 -10.94
CA ILE B 762 43.97 5.11 -11.10
C ILE B 762 44.48 4.39 -9.85
N ARG B 763 45.62 4.84 -9.32
CA ARG B 763 46.18 4.25 -8.11
C ARG B 763 45.21 4.53 -6.95
N GLN B 764 44.76 5.77 -6.89
CA GLN B 764 43.81 6.18 -5.85
C GLN B 764 42.60 5.29 -5.92
N ILE B 765 42.17 4.94 -7.13
CA ILE B 765 41.04 4.06 -7.30
C ILE B 765 41.41 2.67 -6.80
N VAL B 766 42.64 2.25 -7.09
CA VAL B 766 43.09 0.95 -6.64
C VAL B 766 42.95 0.90 -5.13
N GLU B 767 43.38 1.97 -4.47
CA GLU B 767 43.31 2.04 -3.02
C GLU B 767 41.88 1.86 -2.55
N ILE B 768 41.00 2.77 -2.97
CA ILE B 768 39.60 2.72 -2.59
C ILE B 768 38.99 1.39 -3.01
N GLN B 769 39.53 0.79 -4.05
CA GLN B 769 39.02 -0.48 -4.52
C GLN B 769 39.44 -1.57 -3.54
N LEU B 770 40.65 -1.45 -3.01
CA LEU B 770 41.21 -2.40 -2.05
C LEU B 770 40.43 -2.36 -0.74
N SER B 771 39.95 -1.18 -0.38
CA SER B 771 39.19 -0.97 0.86
C SER B 771 38.19 -2.07 1.16
N TYR B 772 37.32 -2.39 0.22
CA TYR B 772 36.34 -3.44 0.47
C TYR B 772 37.03 -4.74 0.84
N LEU B 773 38.11 -5.05 0.12
CA LEU B 773 38.85 -6.27 0.37
C LEU B 773 39.35 -6.27 1.81
N ARG B 774 40.00 -5.17 2.19
CA ARG B 774 40.51 -4.99 3.54
C ARG B 774 39.37 -5.29 4.50
N ALA B 775 38.26 -4.57 4.27
CA ALA B 775 37.06 -4.70 5.09
C ALA B 775 36.55 -6.13 5.19
N ARG B 776 36.31 -6.75 4.03
CA ARG B 776 35.80 -8.11 3.99
C ARG B 776 36.74 -9.09 4.69
N LEU B 777 38.03 -8.76 4.67
CA LEU B 777 39.05 -9.60 5.31
C LEU B 777 39.10 -9.36 6.80
N ALA B 778 38.89 -8.11 7.18
CA ALA B 778 38.90 -7.69 8.58
C ALA B 778 38.00 -8.62 9.40
N GLU B 779 36.94 -9.11 8.77
CA GLU B 779 36.02 -10.02 9.43
C GLU B 779 36.78 -11.26 9.91
N LYS B 780 38.00 -11.43 9.42
CA LYS B 780 38.84 -12.55 9.81
C LYS B 780 40.14 -12.03 10.40
N ARG B 781 40.10 -10.79 10.90
CA ARG B 781 41.27 -10.17 11.50
C ARG B 781 42.47 -10.13 10.56
N ILE B 782 42.26 -10.50 9.30
CA ILE B 782 43.34 -10.52 8.31
C ILE B 782 43.66 -9.16 7.71
N SER B 783 44.92 -8.75 7.83
CA SER B 783 45.37 -7.48 7.29
C SER B 783 45.92 -7.67 5.89
N LEU B 784 45.92 -6.60 5.09
CA LEU B 784 46.40 -6.71 3.73
C LEU B 784 47.22 -5.50 3.30
N GLU B 785 48.53 -5.59 3.51
CA GLU B 785 49.44 -4.51 3.16
C GLU B 785 50.13 -4.78 1.81
N LEU B 786 49.99 -3.84 0.89
CA LEU B 786 50.60 -3.97 -0.44
C LEU B 786 51.69 -2.97 -0.74
N THR B 787 52.64 -3.41 -1.55
CA THR B 787 53.77 -2.60 -1.97
C THR B 787 53.33 -1.57 -3.00
N GLU B 788 54.01 -0.44 -3.05
CA GLU B 788 53.67 0.57 -4.04
C GLU B 788 53.77 -0.11 -5.39
N ALA B 789 54.77 -0.99 -5.52
CA ALA B 789 54.99 -1.71 -6.75
C ALA B 789 53.72 -2.48 -7.08
N ALA B 790 53.21 -3.21 -6.09
CA ALA B 790 52.00 -3.99 -6.27
C ALA B 790 50.86 -3.09 -6.70
N LYS B 791 50.59 -2.04 -5.93
CA LYS B 791 49.53 -1.10 -6.26
C LYS B 791 49.70 -0.61 -7.70
N ASP B 792 50.88 -0.09 -8.00
CA ASP B 792 51.19 0.41 -9.34
C ASP B 792 50.83 -0.63 -10.40
N PHE B 793 51.21 -1.88 -10.15
CA PHE B 793 50.92 -2.96 -11.09
C PHE B 793 49.43 -3.00 -11.36
N LEU B 794 48.64 -3.07 -10.29
CA LEU B 794 47.20 -3.10 -10.42
C LEU B 794 46.74 -1.88 -11.20
N ALA B 795 47.23 -0.71 -10.82
CA ALA B 795 46.86 0.50 -11.53
C ALA B 795 47.13 0.27 -13.00
N GLU B 796 48.34 -0.21 -13.33
CA GLU B 796 48.72 -0.47 -14.71
C GLU B 796 47.70 -1.36 -15.41
N ARG B 797 47.68 -2.63 -15.05
CA ARG B 797 46.75 -3.57 -15.65
C ARG B 797 45.29 -3.14 -15.57
N GLY B 798 44.93 -2.48 -14.48
CA GLY B 798 43.56 -2.05 -14.29
C GLY B 798 42.99 -1.08 -15.30
N TYR B 799 43.69 0.03 -15.56
CA TYR B 799 43.19 1.03 -16.49
C TYR B 799 43.46 0.63 -17.93
N ASP B 800 42.69 1.22 -18.83
CA ASP B 800 42.78 0.99 -20.27
C ASP B 800 42.28 2.26 -20.95
N PRO B 801 42.96 2.71 -22.01
CA PRO B 801 42.59 3.92 -22.75
C PRO B 801 41.13 4.00 -23.18
N VAL B 802 40.67 2.96 -23.85
CA VAL B 802 39.29 2.92 -24.34
C VAL B 802 38.26 2.38 -23.34
N PHE B 803 38.67 1.45 -22.49
CA PHE B 803 37.76 0.86 -21.51
C PHE B 803 37.73 1.55 -20.15
N GLY B 804 38.76 2.34 -19.88
CA GLY B 804 38.85 3.05 -18.62
C GLY B 804 39.26 2.16 -17.46
N ALA B 805 38.70 2.43 -16.30
CA ALA B 805 39.04 1.65 -15.11
C ALA B 805 38.07 0.48 -14.94
N ARG B 806 37.43 0.07 -16.02
CA ARG B 806 36.51 -1.05 -15.92
C ARG B 806 37.24 -2.33 -15.59
N PRO B 807 38.36 -2.61 -16.27
CA PRO B 807 39.16 -3.82 -16.06
C PRO B 807 39.70 -3.99 -14.65
N LEU B 808 40.07 -2.88 -14.01
CA LEU B 808 40.62 -2.92 -12.68
C LEU B 808 40.00 -3.97 -11.77
N ARG B 809 38.67 -4.02 -11.73
CA ARG B 809 37.99 -4.97 -10.86
C ARG B 809 38.34 -6.41 -11.21
N ARG B 810 38.16 -6.78 -12.47
CA ARG B 810 38.46 -8.12 -12.94
C ARG B 810 39.92 -8.43 -12.60
N VAL B 811 40.79 -7.47 -12.90
CA VAL B 811 42.22 -7.61 -12.64
C VAL B 811 42.47 -7.89 -11.16
N ILE B 812 42.10 -6.95 -10.30
CA ILE B 812 42.28 -7.10 -8.86
C ILE B 812 41.72 -8.44 -8.41
N GLN B 813 40.66 -8.88 -9.07
CA GLN B 813 40.04 -10.13 -8.71
C GLN B 813 40.96 -11.30 -9.04
N ARG B 814 41.45 -11.32 -10.27
CA ARG B 814 42.31 -12.40 -10.75
C ARG B 814 43.73 -12.36 -10.18
N GLU B 815 44.38 -11.22 -10.31
CA GLU B 815 45.75 -11.05 -9.83
C GLU B 815 45.94 -11.13 -8.32
N LEU B 816 44.95 -10.69 -7.55
CA LEU B 816 45.07 -10.70 -6.10
C LEU B 816 44.10 -11.61 -5.34
N GLU B 817 42.80 -11.42 -5.55
CA GLU B 817 41.79 -12.21 -4.85
C GLU B 817 41.83 -13.71 -5.08
N THR B 818 41.98 -14.13 -6.33
CA THR B 818 42.01 -15.57 -6.62
C THR B 818 43.14 -16.25 -5.83
N PRO B 819 44.38 -15.71 -5.94
CA PRO B 819 45.53 -16.28 -5.22
C PRO B 819 45.28 -16.26 -3.73
N LEU B 820 44.97 -15.07 -3.21
CA LEU B 820 44.70 -14.91 -1.79
C LEU B 820 43.67 -15.91 -1.29
N ALA B 821 42.72 -16.25 -2.15
CA ALA B 821 41.67 -17.20 -1.80
C ALA B 821 42.26 -18.59 -1.55
N GLN B 822 43.05 -19.07 -2.51
CA GLN B 822 43.69 -20.37 -2.42
C GLN B 822 44.49 -20.48 -1.12
N LYS B 823 45.25 -19.43 -0.80
CA LYS B 823 46.06 -19.40 0.42
C LYS B 823 45.19 -19.57 1.67
N ILE B 824 44.05 -18.89 1.68
CA ILE B 824 43.13 -18.96 2.80
C ILE B 824 42.55 -20.36 2.96
N LEU B 825 42.10 -20.94 1.86
CA LEU B 825 41.53 -22.28 1.92
C LEU B 825 42.60 -23.28 2.28
N ALA B 826 43.77 -23.13 1.66
CA ALA B 826 44.89 -24.03 1.92
C ALA B 826 45.38 -23.90 3.36
N GLY B 827 45.05 -22.79 4.00
CA GLY B 827 45.48 -22.58 5.38
C GLY B 827 46.72 -21.72 5.52
N GLU B 828 47.39 -21.41 4.41
CA GLU B 828 48.59 -20.58 4.46
C GLU B 828 48.25 -19.26 5.12
N VAL B 829 47.07 -18.76 4.83
CA VAL B 829 46.64 -17.51 5.45
C VAL B 829 45.58 -17.85 6.48
N LYS B 830 45.95 -17.73 7.75
CA LYS B 830 45.07 -18.03 8.86
C LYS B 830 44.40 -16.77 9.39
N GLU B 831 43.79 -16.89 10.56
CA GLU B 831 43.10 -15.80 11.20
C GLU B 831 44.08 -14.78 11.81
N GLY B 832 43.81 -13.50 11.59
CA GLY B 832 44.68 -12.47 12.16
C GLY B 832 45.99 -12.18 11.45
N ASP B 833 46.43 -13.08 10.58
CA ASP B 833 47.68 -12.89 9.83
C ASP B 833 47.73 -11.54 9.13
N ARG B 834 48.94 -11.04 8.90
CA ARG B 834 49.10 -9.78 8.19
C ARG B 834 49.74 -10.11 6.85
N VAL B 835 48.90 -10.40 5.86
CA VAL B 835 49.38 -10.75 4.53
C VAL B 835 50.12 -9.60 3.85
N GLN B 836 51.34 -9.87 3.42
CA GLN B 836 52.18 -8.89 2.74
C GLN B 836 52.19 -9.22 1.26
N VAL B 837 51.81 -8.27 0.43
CA VAL B 837 51.77 -8.52 -1.01
C VAL B 837 52.73 -7.65 -1.80
N ASP B 838 53.53 -8.29 -2.64
CA ASP B 838 54.47 -7.55 -3.47
C ASP B 838 54.52 -8.12 -4.89
N VAL B 839 55.05 -7.33 -5.83
CA VAL B 839 55.15 -7.75 -7.23
C VAL B 839 56.18 -8.86 -7.45
N GLY B 840 56.02 -9.56 -8.56
CA GLY B 840 56.92 -10.64 -8.92
C GLY B 840 57.22 -10.53 -10.40
N PRO B 841 57.74 -11.60 -11.03
CA PRO B 841 58.05 -11.59 -12.46
C PRO B 841 56.85 -11.32 -13.36
N ALA B 842 55.73 -11.97 -13.07
CA ALA B 842 54.51 -11.81 -13.87
C ALA B 842 53.23 -11.74 -13.04
N GLY B 843 53.33 -11.15 -11.84
CA GLY B 843 52.16 -11.05 -10.99
C GLY B 843 52.47 -10.70 -9.55
N LEU B 844 51.53 -11.01 -8.66
CA LEU B 844 51.67 -10.73 -7.25
C LEU B 844 52.17 -11.92 -6.46
N VAL B 845 52.84 -11.66 -5.35
CA VAL B 845 53.36 -12.71 -4.48
C VAL B 845 52.94 -12.39 -3.05
N PHE B 846 52.65 -13.42 -2.28
CA PHE B 846 52.21 -13.22 -0.91
C PHE B 846 53.24 -13.70 0.10
N ALA B 847 53.17 -13.16 1.31
CA ALA B 847 54.08 -13.53 2.37
C ALA B 847 53.47 -13.25 3.74
N VAL B 848 53.43 -14.27 4.58
CA VAL B 848 52.92 -14.13 5.93
C VAL B 848 54.14 -13.89 6.82
N PRO B 849 54.14 -12.82 7.62
CA PRO B 849 55.33 -12.62 8.46
C PRO B 849 55.54 -13.77 9.44
N ALA B 850 56.72 -13.85 10.05
CA ALA B 850 57.02 -14.92 11.00
C ALA B 850 56.50 -14.63 12.39
N GLU C 4 -17.75 -19.19 61.40
CA GLU C 4 -16.96 -17.96 61.33
C GLU C 4 -15.52 -18.25 60.95
N ARG C 5 -15.31 -19.44 60.30
CA ARG C 5 -14.00 -19.84 59.83
C ARG C 5 -13.74 -19.14 58.50
N TRP C 6 -12.43 -19.02 58.20
CA TRP C 6 -11.88 -18.30 57.01
C TRP C 6 -11.50 -19.20 55.83
N THR C 7 -11.68 -18.67 54.63
CA THR C 7 -11.37 -19.39 53.39
C THR C 7 -9.90 -19.78 53.35
N GLN C 8 -9.55 -20.67 52.41
CA GLN C 8 -8.18 -21.14 52.25
C GLN C 8 -7.19 -19.99 52.01
N ALA C 9 -7.70 -18.87 51.48
CA ALA C 9 -6.89 -17.70 51.19
C ALA C 9 -6.47 -17.00 52.48
N ALA C 10 -7.43 -16.33 53.12
CA ALA C 10 -7.18 -15.62 54.36
C ALA C 10 -6.53 -16.54 55.39
N ARG C 11 -6.97 -17.80 55.40
CA ARG C 11 -6.45 -18.80 56.32
C ARG C 11 -4.93 -18.87 56.16
N GLU C 12 -4.47 -19.04 54.93
CA GLU C 12 -3.04 -19.13 54.66
C GLU C 12 -2.35 -17.82 55.05
N ALA C 13 -3.01 -16.71 54.78
CA ALA C 13 -2.47 -15.39 55.10
C ALA C 13 -2.11 -15.30 56.58
N LEU C 14 -2.97 -15.84 57.43
CA LEU C 14 -2.74 -15.83 58.87
C LEU C 14 -1.52 -16.67 59.20
N ALA C 15 -1.49 -17.90 58.72
CA ALA C 15 -0.37 -18.81 58.96
C ALA C 15 0.92 -18.12 58.54
N GLN C 16 0.86 -17.46 57.38
CA GLN C 16 2.02 -16.73 56.84
C GLN C 16 2.53 -15.73 57.88
N ALA C 17 1.63 -14.86 58.33
CA ALA C 17 1.96 -13.85 59.33
C ALA C 17 2.54 -14.50 60.58
N GLN C 18 1.93 -15.60 61.00
CA GLN C 18 2.38 -16.32 62.17
C GLN C 18 3.82 -16.80 62.00
N VAL C 19 4.08 -17.47 60.88
CA VAL C 19 5.42 -17.98 60.61
C VAL C 19 6.43 -16.84 60.55
N LEU C 20 5.99 -15.68 60.05
CA LEU C 20 6.85 -14.52 59.96
C LEU C 20 7.27 -14.12 61.37
N ALA C 21 6.29 -14.04 62.27
CA ALA C 21 6.54 -13.67 63.66
C ALA C 21 7.67 -14.54 64.18
N GLN C 22 7.55 -15.84 63.95
CA GLN C 22 8.55 -16.80 64.39
C GLN C 22 9.91 -16.50 63.77
N ARG C 23 9.97 -16.46 62.43
CA ARG C 23 11.22 -16.17 61.73
C ARG C 23 11.99 -15.03 62.37
N MET C 24 11.36 -13.86 62.49
CA MET C 24 11.98 -12.69 63.07
C MET C 24 12.10 -12.77 64.60
N LYS C 25 11.74 -13.93 65.15
CA LYS C 25 11.81 -14.18 66.60
C LYS C 25 10.99 -13.20 67.44
N HIS C 26 9.72 -13.03 67.09
CA HIS C 26 8.85 -12.12 67.82
C HIS C 26 7.98 -12.88 68.82
N GLN C 27 7.35 -12.16 69.73
CA GLN C 27 6.50 -12.80 70.74
C GLN C 27 5.02 -12.60 70.46
N ALA C 28 4.65 -11.39 70.04
CA ALA C 28 3.25 -11.09 69.77
C ALA C 28 2.97 -10.95 68.28
N ILE C 29 2.12 -11.82 67.75
CA ILE C 29 1.76 -11.76 66.33
C ILE C 29 0.86 -10.54 66.19
N ASP C 30 1.46 -9.42 65.79
CA ASP C 30 0.75 -8.17 65.64
C ASP C 30 0.32 -7.91 64.19
N LEU C 31 -0.36 -6.79 63.97
CA LEU C 31 -0.83 -6.39 62.64
C LEU C 31 0.29 -6.31 61.61
N PRO C 32 1.40 -5.64 61.96
CA PRO C 32 2.53 -5.52 61.02
C PRO C 32 2.86 -6.84 60.33
N HIS C 33 2.71 -7.94 61.05
CA HIS C 33 2.99 -9.26 60.49
C HIS C 33 2.02 -9.60 59.38
N LEU C 34 0.73 -9.41 59.64
CA LEU C 34 -0.30 -9.70 58.66
C LEU C 34 -0.12 -8.83 57.43
N TRP C 35 0.20 -7.56 57.65
CA TRP C 35 0.43 -6.62 56.56
C TRP C 35 1.59 -7.12 55.71
N ALA C 36 2.74 -7.26 56.35
CA ALA C 36 3.97 -7.73 55.71
C ALA C 36 3.76 -8.85 54.70
N VAL C 37 2.92 -9.82 55.04
CA VAL C 37 2.67 -10.95 54.15
C VAL C 37 1.58 -10.67 53.12
N LEU C 38 0.61 -9.84 53.47
CA LEU C 38 -0.48 -9.50 52.55
C LEU C 38 -0.01 -8.60 51.42
N LEU C 39 0.93 -7.70 51.73
CA LEU C 39 1.46 -6.77 50.75
C LEU C 39 2.77 -7.27 50.15
N LYS C 40 2.68 -8.30 49.31
CA LYS C 40 3.85 -8.88 48.69
C LYS C 40 4.23 -8.16 47.40
N ASP C 41 3.28 -8.04 46.48
CA ASP C 41 3.52 -7.37 45.21
C ASP C 41 2.43 -6.34 44.91
N GLU C 42 2.61 -5.60 43.80
CA GLU C 42 1.64 -4.57 43.41
C GLU C 42 0.38 -5.33 43.01
N ARG C 43 0.59 -6.56 42.56
CA ARG C 43 -0.47 -7.45 42.13
C ARG C 43 -1.26 -8.04 43.28
N SER C 44 -0.65 -8.08 44.45
CA SER C 44 -1.31 -8.63 45.64
C SER C 44 -2.67 -7.97 45.85
N LEU C 45 -3.70 -8.79 46.05
CA LEU C 45 -5.06 -8.29 46.26
C LEU C 45 -5.08 -7.24 47.35
N ALA C 46 -4.42 -7.54 48.46
CA ALA C 46 -4.37 -6.61 49.59
C ALA C 46 -3.81 -5.27 49.11
N TRP C 47 -2.88 -5.34 48.16
CA TRP C 47 -2.24 -4.15 47.60
C TRP C 47 -3.20 -3.40 46.68
N ARG C 48 -3.82 -4.14 45.76
CA ARG C 48 -4.77 -3.56 44.81
C ARG C 48 -5.89 -2.86 45.56
N LEU C 49 -6.72 -3.66 46.23
CA LEU C 49 -7.86 -3.17 47.00
C LEU C 49 -7.51 -1.95 47.85
N LEU C 50 -6.33 -1.98 48.47
CA LEU C 50 -5.89 -0.89 49.33
C LEU C 50 -5.50 0.36 48.55
N GLU C 51 -4.84 0.17 47.40
CA GLU C 51 -4.43 1.30 46.57
C GLU C 51 -5.63 1.91 45.86
N LYS C 52 -6.61 1.06 45.56
CA LYS C 52 -7.82 1.50 44.88
C LYS C 52 -8.76 2.17 45.88
N ALA C 53 -8.44 2.03 47.17
CA ALA C 53 -9.25 2.60 48.24
C ALA C 53 -8.88 4.04 48.57
N GLY C 54 -7.67 4.44 48.19
CA GLY C 54 -7.22 5.79 48.47
C GLY C 54 -5.74 5.92 48.76
N ALA C 55 -5.35 5.50 49.97
CA ALA C 55 -3.96 5.57 50.39
C ALA C 55 -3.03 4.77 49.48
N ASP C 56 -1.72 5.05 49.56
CA ASP C 56 -0.73 4.37 48.75
C ASP C 56 -0.09 3.22 49.56
N PRO C 57 -0.36 1.98 49.15
CA PRO C 57 0.14 0.76 49.79
C PRO C 57 1.63 0.76 50.10
N LYS C 58 2.44 1.20 49.15
CA LYS C 58 3.89 1.21 49.34
C LYS C 58 4.28 1.88 50.65
N ALA C 59 3.78 3.09 50.89
CA ALA C 59 4.09 3.81 52.12
C ALA C 59 3.65 2.98 53.32
N LEU C 60 2.46 2.37 53.21
CA LEU C 60 1.94 1.52 54.28
C LEU C 60 2.90 0.38 54.55
N LYS C 61 3.18 -0.41 53.52
CA LYS C 61 4.10 -1.54 53.66
C LYS C 61 5.43 -1.05 54.19
N GLU C 62 5.89 0.07 53.63
CA GLU C 62 7.15 0.67 54.02
C GLU C 62 7.20 0.92 55.52
N LEU C 63 6.22 1.66 56.03
CA LEU C 63 6.14 1.99 57.46
C LEU C 63 5.85 0.78 58.34
N GLN C 64 5.08 -0.16 57.82
CA GLN C 64 4.71 -1.34 58.58
C GLN C 64 5.93 -2.21 58.88
N GLU C 65 6.80 -2.38 57.89
CA GLU C 65 8.00 -3.18 58.06
C GLU C 65 8.94 -2.50 59.04
N ARG C 66 8.80 -1.18 59.13
CA ARG C 66 9.63 -0.40 60.03
C ARG C 66 9.33 -0.83 61.46
N GLU C 67 8.05 -1.02 61.75
CA GLU C 67 7.62 -1.44 63.08
C GLU C 67 8.19 -2.83 63.39
N LEU C 68 8.04 -3.75 62.45
CA LEU C 68 8.55 -5.10 62.61
C LEU C 68 10.03 -5.07 62.95
N ALA C 69 10.76 -4.14 62.32
CA ALA C 69 12.19 -3.99 62.55
C ALA C 69 12.48 -3.41 63.93
N ARG C 70 11.49 -2.73 64.49
CA ARG C 70 11.63 -2.12 65.82
C ARG C 70 11.03 -3.00 66.92
N LEU C 71 10.95 -4.31 66.67
CA LEU C 71 10.40 -5.27 67.65
C LEU C 71 11.52 -6.09 68.31
N PRO C 72 11.28 -6.63 69.52
CA PRO C 72 12.26 -7.43 70.28
C PRO C 72 12.57 -8.85 69.79
N LYS C 73 13.59 -9.48 70.39
CA LYS C 73 13.97 -10.86 70.04
C LYS C 73 13.86 -11.75 71.28
N VAL C 74 12.79 -12.54 71.36
CA VAL C 74 12.60 -13.43 72.50
C VAL C 74 13.32 -14.76 72.28
N GLU C 75 12.69 -15.85 72.70
CA GLU C 75 13.29 -17.19 72.53
C GLU C 75 12.27 -18.33 72.46
N GLY C 76 12.79 -19.55 72.53
CA GLY C 76 11.97 -20.75 72.47
C GLY C 76 10.45 -20.68 72.59
N ALA C 77 9.94 -21.00 73.77
CA ALA C 77 8.50 -21.01 74.03
C ALA C 77 7.83 -19.64 74.02
N GLU C 78 8.61 -18.59 73.75
CA GLU C 78 8.04 -17.25 73.71
C GLU C 78 7.84 -16.77 72.27
N VAL C 79 8.40 -17.51 71.31
CA VAL C 79 8.27 -17.17 69.89
C VAL C 79 6.86 -17.46 69.39
N GLY C 80 6.22 -16.45 68.78
CA GLY C 80 4.87 -16.63 68.28
C GLY C 80 3.97 -17.07 69.42
N GLN C 81 4.28 -16.58 70.61
CA GLN C 81 3.55 -16.92 71.83
C GLN C 81 2.07 -16.59 71.82
N TYR C 82 1.69 -15.46 71.22
CA TYR C 82 0.28 -15.08 71.20
C TYR C 82 -0.06 -14.01 70.16
N LEU C 83 -1.34 -13.67 70.09
CA LEU C 83 -1.81 -12.65 69.17
C LEU C 83 -2.11 -11.33 69.88
N THR C 84 -1.52 -10.26 69.37
CA THR C 84 -1.72 -8.93 69.93
C THR C 84 -3.22 -8.64 69.99
N SER C 85 -3.62 -7.82 70.95
CA SER C 85 -5.03 -7.46 71.11
C SER C 85 -5.57 -6.83 69.82
N ARG C 86 -4.78 -5.95 69.23
CA ARG C 86 -5.15 -5.28 67.99
C ARG C 86 -5.49 -6.27 66.88
N LEU C 87 -4.58 -7.18 66.62
CA LEU C 87 -4.79 -8.20 65.58
C LEU C 87 -6.07 -8.99 65.84
N SER C 88 -6.16 -9.62 67.01
CA SER C 88 -7.34 -10.40 67.37
C SER C 88 -8.60 -9.57 67.13
N GLY C 89 -8.56 -8.34 67.61
CA GLY C 89 -9.69 -7.44 67.44
C GLY C 89 -10.07 -7.30 65.98
N ALA C 90 -9.08 -7.03 65.14
CA ALA C 90 -9.30 -6.88 63.70
C ALA C 90 -9.82 -8.19 63.12
N LEU C 91 -9.18 -9.29 63.50
CA LEU C 91 -9.58 -10.61 63.00
C LEU C 91 -11.05 -10.87 63.27
N ASN C 92 -11.50 -10.56 64.48
CA ASN C 92 -12.91 -10.75 64.84
C ASN C 92 -13.80 -9.71 64.17
N ARG C 93 -13.22 -8.56 63.85
CA ARG C 93 -13.98 -7.50 63.20
C ARG C 93 -14.17 -7.88 61.73
N ALA C 94 -13.27 -8.72 61.22
CA ALA C 94 -13.35 -9.17 59.84
C ALA C 94 -14.57 -10.07 59.66
N GLU C 95 -14.94 -10.76 60.72
CA GLU C 95 -16.10 -11.65 60.70
C GLU C 95 -17.37 -10.82 60.69
N GLY C 96 -17.35 -9.71 61.42
CA GLY C 96 -18.51 -8.85 61.44
C GLY C 96 -18.73 -8.23 60.08
N LEU C 97 -17.64 -8.09 59.33
CA LEU C 97 -17.67 -7.49 58.00
C LEU C 97 -18.06 -8.48 56.90
N MET C 98 -17.67 -9.74 57.06
CA MET C 98 -18.01 -10.74 56.05
C MET C 98 -19.54 -10.80 55.99
N GLU C 99 -20.17 -10.34 57.06
CA GLU C 99 -21.63 -10.33 57.16
C GLU C 99 -22.25 -9.23 56.30
N GLU C 100 -21.76 -8.00 56.43
CA GLU C 100 -22.29 -6.89 55.64
C GLU C 100 -22.20 -7.32 54.17
N LEU C 101 -21.10 -7.99 53.85
CA LEU C 101 -20.83 -8.46 52.49
C LEU C 101 -21.61 -9.75 52.25
N LYS C 102 -21.85 -10.51 53.31
CA LYS C 102 -22.57 -11.77 53.25
C LYS C 102 -21.80 -12.86 52.51
N ASP C 103 -20.64 -13.22 53.06
CA ASP C 103 -19.78 -14.26 52.51
C ASP C 103 -19.60 -15.34 53.57
N ARG C 104 -20.01 -16.56 53.28
CA ARG C 104 -19.90 -17.67 54.22
C ARG C 104 -18.55 -17.78 54.91
N TYR C 105 -17.49 -17.80 54.12
CA TYR C 105 -16.14 -17.90 54.66
C TYR C 105 -15.41 -16.56 54.53
N VAL C 106 -14.68 -16.19 55.58
CA VAL C 106 -13.94 -14.93 55.58
C VAL C 106 -12.83 -14.99 54.53
N ALA C 107 -12.91 -14.12 53.53
CA ALA C 107 -11.91 -14.07 52.47
C ALA C 107 -10.80 -13.07 52.79
N VAL C 108 -9.77 -13.04 51.97
CA VAL C 108 -8.64 -12.12 52.17
C VAL C 108 -9.03 -10.66 52.03
N ASP C 109 -9.99 -10.36 51.14
CA ASP C 109 -10.43 -8.99 50.94
C ASP C 109 -11.25 -8.49 52.12
N THR C 110 -12.10 -9.36 52.67
CA THR C 110 -12.92 -8.99 53.82
C THR C 110 -11.98 -8.78 55.00
N LEU C 111 -10.81 -9.41 54.93
CA LEU C 111 -9.79 -9.30 55.97
C LEU C 111 -9.05 -7.96 55.88
N VAL C 112 -8.90 -7.46 54.65
CA VAL C 112 -8.23 -6.18 54.44
C VAL C 112 -9.04 -5.06 55.06
N LEU C 113 -10.36 -5.15 54.93
CA LEU C 113 -11.26 -4.16 55.50
C LEU C 113 -10.99 -4.04 56.99
N ALA C 114 -11.11 -5.17 57.69
CA ALA C 114 -10.88 -5.23 59.13
C ALA C 114 -9.60 -4.53 59.52
N LEU C 115 -8.51 -4.88 58.84
CA LEU C 115 -7.20 -4.29 59.12
C LEU C 115 -7.13 -2.80 58.79
N ALA C 116 -7.76 -2.40 57.69
CA ALA C 116 -7.74 -0.98 57.28
C ALA C 116 -8.31 -0.06 58.36
N GLU C 117 -9.02 -0.64 59.33
CA GLU C 117 -9.63 0.13 60.40
C GLU C 117 -8.68 0.27 61.59
N ALA C 118 -8.00 -0.84 61.92
CA ALA C 118 -7.06 -0.85 63.02
C ALA C 118 -5.75 -0.19 62.62
N THR C 119 -5.73 0.41 61.44
CA THR C 119 -4.54 1.10 60.92
C THR C 119 -4.85 2.58 60.69
N PRO C 120 -4.73 3.41 61.74
CA PRO C 120 -5.00 4.85 61.62
C PRO C 120 -4.28 5.47 60.43
N GLY C 121 -5.04 5.78 59.39
CA GLY C 121 -4.47 6.38 58.19
C GLY C 121 -5.06 5.79 56.93
N LEU C 122 -6.24 5.19 57.07
CA LEU C 122 -6.93 4.58 55.94
C LEU C 122 -8.44 4.82 56.08
N PRO C 123 -9.19 4.76 54.96
CA PRO C 123 -10.65 4.95 54.94
C PRO C 123 -11.42 4.10 55.95
N GLY C 124 -12.37 3.31 55.47
CA GLY C 124 -13.15 2.49 56.38
C GLY C 124 -14.03 1.44 55.72
N LEU C 125 -14.97 1.87 54.90
CA LEU C 125 -15.88 0.96 54.21
C LEU C 125 -16.29 1.44 52.83
N GLU C 126 -16.50 2.75 52.67
CA GLU C 126 -16.89 3.31 51.39
C GLU C 126 -15.75 3.24 50.39
N ALA C 127 -14.60 3.77 50.77
CA ALA C 127 -13.42 3.77 49.89
C ALA C 127 -12.84 2.36 49.79
N LEU C 128 -13.13 1.52 50.78
CA LEU C 128 -12.65 0.15 50.79
C LEU C 128 -13.53 -0.78 49.98
N LYS C 129 -14.85 -0.67 50.16
CA LYS C 129 -15.79 -1.51 49.43
C LYS C 129 -15.91 -1.05 47.99
N GLY C 130 -15.43 0.16 47.71
CA GLY C 130 -15.48 0.69 46.36
C GLY C 130 -14.50 -0.05 45.47
N ALA C 131 -13.44 -0.58 46.08
CA ALA C 131 -12.41 -1.32 45.37
C ALA C 131 -12.74 -2.81 45.38
N LEU C 132 -13.37 -3.26 46.46
CA LEU C 132 -13.76 -4.65 46.63
C LEU C 132 -14.92 -4.96 45.68
N LYS C 133 -15.88 -4.06 45.64
CA LYS C 133 -17.06 -4.20 44.78
C LYS C 133 -16.66 -4.18 43.31
N GLU C 134 -15.63 -3.38 42.99
CA GLU C 134 -15.15 -3.26 41.62
C GLU C 134 -14.51 -4.57 41.15
N LEU C 135 -14.31 -5.50 42.08
CA LEU C 135 -13.71 -6.80 41.76
C LEU C 135 -14.66 -7.93 42.10
N ARG C 136 -14.79 -8.89 41.18
CA ARG C 136 -15.68 -10.05 41.38
C ARG C 136 -17.02 -9.66 41.97
N GLY C 137 -17.54 -10.51 42.86
CA GLY C 137 -18.82 -10.24 43.49
C GLY C 137 -19.00 -11.09 44.74
N GLY C 138 -19.26 -12.38 44.54
CA GLY C 138 -19.45 -13.29 45.66
C GLY C 138 -18.47 -14.43 45.54
N ARG C 139 -17.18 -14.09 45.53
CA ARG C 139 -16.11 -15.07 45.43
C ARG C 139 -16.13 -16.18 46.48
N THR C 140 -16.65 -15.87 47.66
CA THR C 140 -16.70 -16.84 48.74
C THR C 140 -17.86 -17.83 48.69
N VAL C 141 -17.84 -18.70 47.68
CA VAL C 141 -18.86 -19.73 47.53
C VAL C 141 -18.33 -20.83 48.44
N GLN C 142 -17.51 -21.71 47.90
CA GLN C 142 -16.90 -22.77 48.69
C GLN C 142 -15.39 -22.50 48.65
N THR C 143 -14.76 -22.61 49.81
CA THR C 143 -13.34 -22.33 49.97
C THR C 143 -12.24 -23.17 49.30
N GLU C 144 -12.39 -24.49 49.25
CA GLU C 144 -11.32 -25.34 48.71
C GLU C 144 -11.02 -25.38 47.21
N HIS C 145 -10.03 -26.20 46.87
CA HIS C 145 -9.51 -26.45 45.52
C HIS C 145 -9.98 -25.57 44.36
N ALA C 146 -9.01 -25.07 43.61
CA ALA C 146 -9.24 -24.24 42.42
C ALA C 146 -9.74 -22.82 42.62
N GLU C 147 -8.89 -21.86 42.27
CA GLU C 147 -9.22 -20.45 42.35
C GLU C 147 -9.93 -20.17 41.03
N SER C 148 -11.18 -19.72 41.09
CA SER C 148 -11.97 -19.46 39.88
C SER C 148 -12.22 -20.84 39.27
N THR C 149 -12.76 -21.72 40.11
CA THR C 149 -13.06 -23.10 39.72
C THR C 149 -13.77 -23.24 38.37
N TYR C 150 -13.22 -24.12 37.53
CA TYR C 150 -13.76 -24.39 36.19
C TYR C 150 -13.63 -23.22 35.22
N ASN C 151 -12.49 -22.53 35.28
CA ASN C 151 -12.25 -21.41 34.39
C ASN C 151 -11.73 -21.96 33.05
N ALA C 152 -12.46 -21.68 31.98
CA ALA C 152 -12.11 -22.15 30.65
C ALA C 152 -10.62 -22.17 30.36
N LEU C 153 -9.91 -21.13 30.78
CA LEU C 153 -8.46 -21.03 30.56
C LEU C 153 -7.70 -22.25 31.09
N GLU C 154 -7.99 -22.61 32.34
CA GLU C 154 -7.35 -23.75 32.98
C GLU C 154 -7.84 -25.05 32.35
N GLN C 155 -8.96 -24.95 31.63
CA GLN C 155 -9.56 -26.11 30.99
C GLN C 155 -8.94 -26.44 29.64
N TYR C 156 -8.88 -25.43 28.76
CA TYR C 156 -8.34 -25.64 27.41
C TYR C 156 -7.04 -24.88 27.14
N GLY C 157 -6.32 -24.52 28.20
CA GLY C 157 -5.07 -23.79 28.01
C GLY C 157 -3.92 -24.20 28.90
N ILE C 158 -2.73 -24.24 28.31
CA ILE C 158 -1.52 -24.58 29.05
C ILE C 158 -0.89 -23.28 29.53
N ASP C 159 -0.56 -23.22 30.82
CA ASP C 159 0.07 -22.03 31.40
C ASP C 159 1.58 -22.18 31.30
N LEU C 160 2.16 -21.54 30.27
CA LEU C 160 3.60 -21.61 30.07
C LEU C 160 4.39 -20.98 31.22
N THR C 161 4.01 -19.76 31.59
CA THR C 161 4.69 -19.07 32.69
C THR C 161 4.76 -19.94 33.93
N ARG C 162 3.80 -20.85 34.06
CA ARG C 162 3.77 -21.76 35.19
C ARG C 162 4.95 -22.72 35.07
N LEU C 163 4.97 -23.46 33.97
CA LEU C 163 6.04 -24.40 33.71
C LEU C 163 7.38 -23.71 33.86
N ALA C 164 7.50 -22.52 33.29
CA ALA C 164 8.73 -21.76 33.35
C ALA C 164 9.11 -21.50 34.81
N ALA C 165 8.09 -21.35 35.65
CA ALA C 165 8.30 -21.10 37.07
C ALA C 165 8.93 -22.30 37.75
N GLU C 166 8.41 -23.49 37.44
CA GLU C 166 8.90 -24.74 38.01
C GLU C 166 9.99 -25.38 37.17
N GLY C 167 10.66 -24.58 36.35
CA GLY C 167 11.73 -25.08 35.50
C GLY C 167 11.32 -26.25 34.62
N LYS C 168 10.06 -26.26 34.22
CA LYS C 168 9.53 -27.33 33.38
C LYS C 168 9.87 -27.14 31.90
N LEU C 169 9.99 -25.88 31.48
CA LEU C 169 10.29 -25.57 30.08
C LEU C 169 11.74 -25.83 29.69
N ASP C 170 11.93 -26.17 28.43
CA ASP C 170 13.26 -26.46 27.89
C ASP C 170 14.03 -25.15 27.71
N PRO C 171 15.32 -25.17 28.03
CA PRO C 171 16.17 -23.98 27.90
C PRO C 171 16.18 -23.42 26.48
N VAL C 172 15.48 -22.32 26.25
CA VAL C 172 15.47 -21.69 24.93
C VAL C 172 16.67 -20.77 24.90
N ILE C 173 17.49 -20.87 23.85
CA ILE C 173 18.66 -20.02 23.78
C ILE C 173 18.87 -19.37 22.42
N GLY C 174 19.56 -18.24 22.43
CA GLY C 174 19.88 -17.53 21.19
C GLY C 174 18.79 -16.79 20.44
N ARG C 175 17.80 -16.27 21.13
CA ARG C 175 16.76 -15.51 20.45
C ARG C 175 16.33 -14.30 21.25
N ASP C 176 17.32 -13.60 21.78
CA ASP C 176 17.12 -12.40 22.58
C ASP C 176 16.42 -11.33 21.75
N GLU C 177 16.93 -11.09 20.55
CA GLU C 177 16.38 -10.08 19.64
C GLU C 177 14.89 -10.25 19.39
N GLU C 178 14.46 -11.47 19.06
CA GLU C 178 13.06 -11.73 18.79
C GLU C 178 12.21 -11.54 20.04
N ILE C 179 12.71 -12.01 21.18
CA ILE C 179 11.99 -11.87 22.44
C ILE C 179 11.82 -10.39 22.73
N ARG C 180 12.92 -9.67 22.78
CA ARG C 180 12.91 -8.23 23.03
C ARG C 180 11.88 -7.52 22.13
N ARG C 181 11.84 -7.93 20.87
CA ARG C 181 10.90 -7.35 19.91
C ARG C 181 9.48 -7.65 20.35
N VAL C 182 9.24 -8.89 20.76
CA VAL C 182 7.91 -9.27 21.22
C VAL C 182 7.55 -8.39 22.42
N ILE C 183 8.47 -8.29 23.38
CA ILE C 183 8.26 -7.49 24.58
C ILE C 183 7.86 -6.09 24.16
N GLN C 184 8.65 -5.48 23.30
CA GLN C 184 8.38 -4.13 22.82
C GLN C 184 6.95 -3.99 22.32
N ILE C 185 6.56 -4.85 21.38
CA ILE C 185 5.23 -4.81 20.80
C ILE C 185 4.09 -4.83 21.82
N LEU C 186 4.21 -5.65 22.85
CA LEU C 186 3.16 -5.74 23.88
C LEU C 186 2.97 -4.42 24.61
N LEU C 187 4.01 -3.59 24.62
CA LEU C 187 3.95 -2.29 25.30
C LEU C 187 3.33 -1.19 24.42
N ARG C 188 3.26 -1.44 23.12
CA ARG C 188 2.70 -0.46 22.19
C ARG C 188 1.22 -0.22 22.45
N ARG C 189 0.74 0.97 22.07
CA ARG C 189 -0.67 1.31 22.25
C ARG C 189 -1.44 1.13 20.96
N THR C 190 -0.79 1.41 19.83
CA THR C 190 -1.43 1.25 18.53
C THR C 190 -1.56 -0.23 18.21
N LYS C 191 -0.42 -0.89 18.05
CA LYS C 191 -0.37 -2.30 17.72
C LYS C 191 0.42 -3.02 18.80
N ASN C 192 -0.27 -3.62 19.76
CA ASN C 192 0.41 -4.31 20.85
C ASN C 192 0.30 -5.84 20.77
N ASN C 193 -0.40 -6.33 19.76
CA ASN C 193 -0.55 -7.77 19.60
C ASN C 193 0.40 -8.29 18.53
N PRO C 194 1.60 -8.75 18.96
CA PRO C 194 2.61 -9.26 18.05
C PRO C 194 2.33 -10.68 17.55
N VAL C 195 2.48 -10.88 16.26
CA VAL C 195 2.28 -12.19 15.66
C VAL C 195 3.64 -12.64 15.14
N LEU C 196 4.00 -13.88 15.45
CA LEU C 196 5.28 -14.40 14.99
C LEU C 196 5.09 -15.09 13.65
N ILE C 197 5.73 -14.55 12.61
CA ILE C 197 5.62 -15.15 11.29
C ILE C 197 6.91 -15.89 10.98
N GLY C 198 6.78 -17.19 10.69
CA GLY C 198 7.95 -17.99 10.40
C GLY C 198 7.61 -19.36 9.84
N GLU C 199 8.62 -20.03 9.31
CA GLU C 199 8.44 -21.36 8.73
C GLU C 199 8.32 -22.40 9.84
N PRO C 200 7.70 -23.55 9.54
CA PRO C 200 7.55 -24.61 10.55
C PRO C 200 8.89 -25.22 10.99
N GLY C 201 9.11 -25.26 12.30
CA GLY C 201 10.35 -25.82 12.83
C GLY C 201 11.41 -24.81 13.22
N VAL C 202 11.24 -23.56 12.79
CA VAL C 202 12.18 -22.48 13.08
C VAL C 202 12.30 -22.11 14.56
N GLY C 203 11.26 -22.38 15.34
CA GLY C 203 11.32 -22.06 16.76
C GLY C 203 10.51 -20.85 17.15
N LYS C 204 9.31 -20.73 16.58
CA LYS C 204 8.43 -19.61 16.89
C LYS C 204 7.93 -19.74 18.33
N THR C 205 7.43 -20.92 18.68
CA THR C 205 6.93 -21.18 20.03
C THR C 205 8.02 -20.98 21.08
N ALA C 206 9.25 -21.31 20.72
CA ALA C 206 10.38 -21.16 21.63
C ALA C 206 10.49 -19.70 22.05
N ILE C 207 10.33 -18.80 21.09
CA ILE C 207 10.37 -17.37 21.35
C ILE C 207 9.40 -17.05 22.48
N VAL C 208 8.16 -17.48 22.31
CA VAL C 208 7.11 -17.26 23.31
C VAL C 208 7.47 -17.87 24.65
N GLU C 209 7.62 -19.19 24.69
CA GLU C 209 7.97 -19.88 25.93
C GLU C 209 9.28 -19.32 26.47
N GLY C 210 10.09 -18.78 25.57
CA GLY C 210 11.34 -18.18 26.01
C GLY C 210 10.98 -16.98 26.85
N LEU C 211 10.05 -16.19 26.34
CA LEU C 211 9.55 -15.00 27.02
C LEU C 211 8.95 -15.41 28.36
N ALA C 212 8.24 -16.55 28.35
CA ALA C 212 7.60 -17.08 29.54
C ALA C 212 8.63 -17.19 30.66
N GLN C 213 9.75 -17.84 30.37
CA GLN C 213 10.80 -18.03 31.35
C GLN C 213 11.31 -16.72 31.94
N ARG C 214 11.50 -15.72 31.08
CA ARG C 214 11.98 -14.43 31.54
C ARG C 214 11.04 -13.83 32.56
N ILE C 215 9.74 -13.87 32.28
CA ILE C 215 8.74 -13.33 33.20
C ILE C 215 8.92 -13.93 34.58
N VAL C 216 9.05 -15.26 34.63
CA VAL C 216 9.21 -15.97 35.90
C VAL C 216 10.52 -15.60 36.61
N LYS C 217 11.49 -15.12 35.86
CA LYS C 217 12.78 -14.73 36.45
C LYS C 217 12.85 -13.24 36.71
N GLY C 218 11.83 -12.51 36.29
CA GLY C 218 11.85 -11.07 36.48
C GLY C 218 12.80 -10.43 35.49
N ASP C 219 13.21 -11.23 34.51
CA ASP C 219 14.13 -10.78 33.47
C ASP C 219 13.40 -9.81 32.54
N VAL C 220 12.08 -9.81 32.60
CA VAL C 220 11.25 -8.94 31.78
C VAL C 220 10.99 -7.61 32.51
N PRO C 221 10.89 -6.50 31.75
CA PRO C 221 10.65 -5.16 32.32
C PRO C 221 9.38 -5.07 33.18
N GLU C 222 8.96 -3.84 33.47
CA GLU C 222 7.76 -3.62 34.26
C GLU C 222 6.52 -3.69 33.37
N GLY C 223 5.40 -4.05 33.96
CA GLY C 223 4.17 -4.14 33.18
C GLY C 223 3.92 -5.55 32.70
N LEU C 224 4.95 -6.40 32.80
CA LEU C 224 4.85 -7.79 32.38
C LEU C 224 5.43 -8.62 33.52
N LYS C 225 6.07 -7.92 34.44
CA LYS C 225 6.70 -8.52 35.61
C LYS C 225 5.90 -9.63 36.28
N GLY C 226 4.59 -9.44 36.40
CA GLY C 226 3.77 -10.44 37.04
C GLY C 226 2.84 -11.18 36.10
N LYS C 227 2.79 -10.72 34.86
CA LYS C 227 1.93 -11.33 33.85
C LYS C 227 2.03 -12.84 33.76
N ARG C 228 1.01 -13.45 33.17
CA ARG C 228 0.92 -14.90 33.02
C ARG C 228 0.56 -15.20 31.56
N ILE C 229 1.38 -16.02 30.88
CA ILE C 229 1.13 -16.36 29.48
C ILE C 229 0.43 -17.71 29.36
N VAL C 230 -0.73 -17.71 28.72
CA VAL C 230 -1.50 -18.93 28.53
C VAL C 230 -1.63 -19.28 27.06
N SER C 231 -1.19 -20.49 26.70
CA SER C 231 -1.25 -20.95 25.32
C SER C 231 -2.57 -21.67 25.08
N LEU C 232 -3.44 -21.05 24.29
CA LEU C 232 -4.74 -21.60 23.97
C LEU C 232 -4.58 -22.90 23.21
N GLN C 233 -5.51 -23.82 23.41
CA GLN C 233 -5.48 -25.12 22.76
C GLN C 233 -6.75 -25.35 21.96
N MET C 234 -6.64 -25.29 20.62
CA MET C 234 -7.78 -25.49 19.75
C MET C 234 -8.12 -26.98 19.66
N GLU C 246 -21.15 -25.24 18.62
CA GLU C 246 -20.97 -24.96 20.05
C GLU C 246 -19.51 -24.64 20.34
N PHE C 247 -18.64 -24.87 19.35
CA PHE C 247 -17.22 -24.61 19.48
C PHE C 247 -16.97 -23.21 20.04
N GLU C 248 -17.53 -22.21 19.38
CA GLU C 248 -17.35 -20.82 19.80
C GLU C 248 -17.94 -20.53 21.19
N GLU C 249 -18.86 -21.38 21.63
CA GLU C 249 -19.49 -21.19 22.93
C GLU C 249 -18.42 -21.18 24.03
N ARG C 250 -17.54 -22.18 23.99
CA ARG C 250 -16.46 -22.28 24.96
C ARG C 250 -15.35 -21.29 24.65
N LEU C 251 -15.09 -21.07 23.37
CA LEU C 251 -14.06 -20.13 22.95
C LEU C 251 -14.34 -18.77 23.59
N LYS C 252 -15.59 -18.33 23.50
CA LYS C 252 -15.98 -17.06 24.07
C LYS C 252 -15.82 -17.11 25.58
N ALA C 253 -16.18 -18.24 26.17
CA ALA C 253 -16.06 -18.42 27.62
C ALA C 253 -14.62 -18.21 28.04
N VAL C 254 -13.69 -18.49 27.14
CA VAL C 254 -12.26 -18.34 27.38
C VAL C 254 -11.83 -16.89 27.19
N ILE C 255 -12.05 -16.38 25.98
CA ILE C 255 -11.66 -15.01 25.66
C ILE C 255 -12.25 -13.99 26.63
N GLN C 256 -13.52 -14.16 27.00
CA GLN C 256 -14.17 -13.24 27.92
C GLN C 256 -13.64 -13.40 29.34
N GLU C 257 -12.93 -14.50 29.58
CA GLU C 257 -12.39 -14.77 30.90
C GLU C 257 -10.97 -14.20 31.03
N VAL C 258 -10.31 -14.02 29.89
CA VAL C 258 -8.95 -13.47 29.87
C VAL C 258 -9.05 -11.96 30.06
N VAL C 259 -10.06 -11.36 29.47
CA VAL C 259 -10.28 -9.92 29.60
C VAL C 259 -10.63 -9.56 31.04
N GLN C 260 -11.35 -10.44 31.72
CA GLN C 260 -11.72 -10.20 33.10
C GLN C 260 -10.50 -10.30 34.00
N SER C 261 -9.43 -10.88 33.47
CA SER C 261 -8.19 -11.01 34.22
C SER C 261 -7.50 -9.65 34.17
N GLN C 262 -7.93 -8.84 33.20
CA GLN C 262 -7.41 -7.48 33.01
C GLN C 262 -5.96 -7.41 32.56
N GLY C 263 -5.69 -7.93 31.36
CA GLY C 263 -4.36 -7.92 30.80
C GLY C 263 -3.29 -8.58 31.65
N GLU C 264 -3.69 -9.13 32.79
CA GLU C 264 -2.75 -9.79 33.68
C GLU C 264 -2.52 -11.21 33.17
N VAL C 265 -3.17 -11.54 32.06
CA VAL C 265 -3.05 -12.86 31.45
C VAL C 265 -2.96 -12.75 29.94
N ILE C 266 -1.78 -13.08 29.39
CA ILE C 266 -1.57 -13.01 27.94
C ILE C 266 -1.96 -14.33 27.30
N LEU C 267 -2.80 -14.26 26.27
CA LEU C 267 -3.24 -15.45 25.56
C LEU C 267 -2.34 -15.72 24.37
N PHE C 268 -1.96 -16.98 24.18
CA PHE C 268 -1.10 -17.36 23.07
C PHE C 268 -1.75 -18.38 22.15
N ILE C 269 -2.10 -17.93 20.95
CA ILE C 269 -2.72 -18.80 19.95
C ILE C 269 -1.62 -19.31 19.02
N ASP C 270 -1.31 -20.60 19.12
CA ASP C 270 -0.25 -21.19 18.30
C ASP C 270 -0.36 -20.88 16.82
N GLU C 271 -1.17 -21.65 16.10
CA GLU C 271 -1.36 -21.43 14.66
C GLU C 271 -2.77 -20.97 14.35
N LEU C 291 -12.84 -14.02 18.55
CA LEU C 291 -11.50 -13.55 18.87
C LEU C 291 -11.26 -12.19 18.23
N LYS C 292 -11.52 -12.12 16.93
CA LYS C 292 -11.35 -10.87 16.19
C LYS C 292 -12.20 -9.76 16.80
N PRO C 293 -13.52 -10.01 16.98
CA PRO C 293 -14.44 -9.03 17.55
C PRO C 293 -13.94 -8.39 18.84
N ALA C 294 -13.62 -9.21 19.84
CA ALA C 294 -13.13 -8.69 21.11
C ALA C 294 -11.70 -8.20 20.95
N LEU C 295 -11.36 -7.76 19.75
CA LEU C 295 -10.03 -7.27 19.44
C LEU C 295 -10.08 -5.98 18.61
N ALA C 296 -11.26 -5.67 18.08
CA ALA C 296 -11.46 -4.47 17.26
C ALA C 296 -11.82 -3.27 18.13
N ARG C 297 -12.80 -3.45 19.02
CA ARG C 297 -13.22 -2.38 19.91
C ARG C 297 -12.03 -1.91 20.73
N GLY C 298 -11.16 -2.87 21.09
CA GLY C 298 -9.98 -2.55 21.86
C GLY C 298 -9.92 -3.29 23.19
N GLU C 299 -9.40 -4.51 23.17
CA GLU C 299 -9.26 -5.31 24.38
C GLU C 299 -8.70 -6.69 24.06
N LEU C 300 -8.20 -7.38 25.08
CA LEU C 300 -7.63 -8.72 24.93
C LEU C 300 -6.21 -8.70 24.36
N ARG C 301 -5.21 -8.78 25.24
CA ARG C 301 -3.80 -8.78 24.83
C ARG C 301 -3.44 -10.16 24.28
N LEU C 302 -3.14 -10.21 22.98
CA LEU C 302 -2.81 -11.47 22.33
C LEU C 302 -1.45 -11.53 21.62
N ILE C 303 -0.87 -12.73 21.61
CA ILE C 303 0.40 -13.00 20.94
C ILE C 303 0.16 -14.13 19.96
N GLY C 304 0.41 -13.89 18.69
CA GLY C 304 0.19 -14.92 17.68
C GLY C 304 1.45 -15.56 17.13
N ALA C 305 1.25 -16.42 16.13
CA ALA C 305 2.32 -17.13 15.45
C ALA C 305 1.70 -17.86 14.26
N THR C 306 2.20 -17.61 13.06
CA THR C 306 1.64 -18.25 11.87
C THR C 306 2.56 -18.13 10.67
N THR C 307 2.12 -18.66 9.53
CA THR C 307 2.89 -18.61 8.30
C THR C 307 2.71 -17.20 7.74
N LEU C 308 3.36 -16.88 6.62
CA LEU C 308 3.23 -15.53 6.07
C LEU C 308 1.89 -15.20 5.43
N ASP C 309 1.51 -15.95 4.40
CA ASP C 309 0.25 -15.73 3.70
C ASP C 309 -0.91 -15.32 4.60
N GLU C 310 -1.19 -16.12 5.61
CA GLU C 310 -2.28 -15.82 6.54
C GLU C 310 -2.21 -14.36 6.96
N TYR C 311 -1.15 -14.01 7.68
CA TYR C 311 -0.97 -12.65 8.16
C TYR C 311 -1.17 -11.61 7.06
N ARG C 312 -0.45 -11.76 5.94
CA ARG C 312 -0.55 -10.81 4.83
C ARG C 312 -2.00 -10.53 4.44
N GLU C 313 -2.88 -11.47 4.77
CA GLU C 313 -4.31 -11.33 4.47
C GLU C 313 -5.00 -10.55 5.59
N ILE C 314 -4.66 -10.90 6.83
CA ILE C 314 -5.24 -10.24 8.00
C ILE C 314 -4.98 -8.73 7.92
N GLU C 315 -4.04 -8.34 7.08
CA GLU C 315 -3.69 -6.94 6.89
C GLU C 315 -4.80 -6.19 6.13
N LYS C 316 -5.66 -6.94 5.45
CA LYS C 316 -6.75 -6.36 4.69
C LYS C 316 -7.82 -5.78 5.61
N ASP C 317 -7.90 -6.30 6.84
CA ASP C 317 -8.88 -5.85 7.82
C ASP C 317 -8.27 -4.85 8.82
N PRO C 318 -8.42 -3.55 8.55
CA PRO C 318 -7.89 -2.47 9.41
C PRO C 318 -8.22 -2.67 10.88
N ALA C 319 -9.47 -3.00 11.18
CA ALA C 319 -9.92 -3.23 12.54
C ALA C 319 -9.10 -4.34 13.19
N LEU C 320 -8.27 -4.98 12.37
CA LEU C 320 -7.41 -6.06 12.82
C LEU C 320 -5.97 -5.68 12.49
N GLU C 321 -5.81 -4.89 11.43
CA GLU C 321 -4.51 -4.43 10.98
C GLU C 321 -3.91 -3.42 11.94
N ARG C 322 -4.77 -2.84 12.79
CA ARG C 322 -4.33 -1.85 13.75
C ARG C 322 -4.20 -2.47 15.14
N ARG C 323 -4.13 -3.79 15.17
CA ARG C 323 -4.01 -4.52 16.43
C ARG C 323 -2.80 -5.44 16.43
N PHE C 324 -2.28 -5.72 15.24
CA PHE C 324 -1.13 -6.62 15.13
C PHE C 324 0.14 -6.00 14.60
N GLN C 325 1.26 -6.63 14.94
CA GLN C 325 2.59 -6.21 14.52
C GLN C 325 3.38 -7.46 14.18
N PRO C 326 4.02 -7.48 13.00
CA PRO C 326 4.81 -8.62 12.53
C PRO C 326 6.13 -8.82 13.25
N VAL C 327 6.51 -10.09 13.40
CA VAL C 327 7.77 -10.47 14.03
C VAL C 327 8.25 -11.69 13.26
N TYR C 328 9.00 -11.44 12.20
CA TYR C 328 9.51 -12.51 11.36
C TYR C 328 10.59 -13.33 12.03
N VAL C 329 10.24 -14.55 12.41
CA VAL C 329 11.18 -15.45 13.05
C VAL C 329 11.95 -16.17 11.95
N ASP C 330 13.23 -15.84 11.81
CA ASP C 330 14.06 -16.44 10.79
C ASP C 330 14.65 -17.76 11.26
N GLU C 331 14.87 -18.66 10.32
CA GLU C 331 15.46 -19.95 10.62
C GLU C 331 16.87 -19.70 11.17
N PRO C 332 17.23 -20.39 12.26
CA PRO C 332 18.57 -20.20 12.83
C PRO C 332 19.67 -20.60 11.87
N THR C 333 20.86 -20.05 12.07
CA THR C 333 21.99 -20.38 11.23
C THR C 333 22.62 -21.63 11.83
N VAL C 334 23.53 -22.25 11.09
CA VAL C 334 24.18 -23.44 11.59
C VAL C 334 24.86 -23.15 12.92
N GLU C 335 25.57 -22.03 12.98
CA GLU C 335 26.25 -21.66 14.21
C GLU C 335 25.26 -21.57 15.35
N GLU C 336 24.19 -20.80 15.14
CA GLU C 336 23.15 -20.65 16.15
C GLU C 336 22.60 -22.02 16.53
N THR C 337 22.26 -22.81 15.51
CA THR C 337 21.73 -24.15 15.71
C THR C 337 22.68 -24.94 16.60
N ILE C 338 23.99 -24.80 16.32
CA ILE C 338 25.01 -25.48 17.09
C ILE C 338 24.93 -25.07 18.55
N SER C 339 24.74 -23.78 18.79
CA SER C 339 24.64 -23.28 20.15
C SER C 339 23.43 -23.90 20.82
N ILE C 340 22.28 -23.82 20.13
CA ILE C 340 21.05 -24.38 20.66
C ILE C 340 21.23 -25.85 21.04
N LEU C 341 21.79 -26.64 20.14
CA LEU C 341 22.01 -28.06 20.42
C LEU C 341 22.87 -28.20 21.67
N ARG C 342 23.95 -27.43 21.73
CA ARG C 342 24.85 -27.46 22.86
C ARG C 342 24.06 -27.13 24.12
N GLY C 343 23.04 -26.30 23.97
CA GLY C 343 22.22 -25.96 25.11
C GLY C 343 21.53 -27.20 25.63
N LEU C 344 20.69 -27.80 24.80
CA LEU C 344 19.96 -29.00 25.19
C LEU C 344 20.88 -30.21 25.32
N LYS C 345 22.14 -30.05 24.94
CA LYS C 345 23.11 -31.14 25.01
C LYS C 345 22.88 -31.96 26.27
N GLU C 346 22.83 -31.27 27.40
CA GLU C 346 22.60 -31.90 28.71
C GLU C 346 21.34 -32.76 28.70
N LYS C 347 20.19 -32.10 28.67
CA LYS C 347 18.90 -32.77 28.67
C LYS C 347 18.87 -34.08 27.89
N TYR C 348 19.07 -34.00 26.58
CA TYR C 348 19.04 -35.20 25.75
C TYR C 348 19.88 -36.36 26.25
N GLU C 349 21.19 -36.16 26.35
CA GLU C 349 22.06 -37.23 26.81
C GLU C 349 21.68 -37.72 28.21
N VAL C 350 20.75 -37.01 28.83
CA VAL C 350 20.28 -37.39 30.16
C VAL C 350 19.02 -38.22 30.02
N HIS C 351 18.11 -37.79 29.15
CA HIS C 351 16.86 -38.49 28.93
C HIS C 351 17.05 -39.71 28.05
N HIS C 352 18.26 -39.87 27.52
CA HIS C 352 18.58 -41.01 26.67
C HIS C 352 19.74 -41.79 27.27
N GLY C 353 20.32 -41.22 28.33
CA GLY C 353 21.44 -41.86 29.00
C GLY C 353 22.60 -42.18 28.07
N VAL C 354 23.11 -41.15 27.43
CA VAL C 354 24.23 -41.29 26.50
C VAL C 354 25.17 -40.10 26.61
N ARG C 355 26.09 -40.00 25.67
CA ARG C 355 27.04 -38.89 25.65
C ARG C 355 27.11 -38.38 24.22
N ILE C 356 26.58 -37.18 24.00
CA ILE C 356 26.57 -36.56 22.69
C ILE C 356 27.77 -35.65 22.55
N SER C 357 28.79 -36.12 21.84
CA SER C 357 30.01 -35.34 21.64
C SER C 357 29.71 -34.09 20.84
N ASP C 358 30.42 -33.02 21.15
CA ASP C 358 30.24 -31.75 20.46
C ASP C 358 30.47 -31.95 18.97
N SER C 359 31.36 -32.89 18.65
CA SER C 359 31.66 -33.19 17.27
C SER C 359 30.37 -33.56 16.54
N ALA C 360 29.62 -34.49 17.13
CA ALA C 360 28.35 -34.96 16.56
C ALA C 360 27.35 -33.82 16.44
N ILE C 361 27.35 -32.93 17.42
CA ILE C 361 26.43 -31.80 17.39
C ILE C 361 26.67 -30.99 16.13
N ILE C 362 27.90 -30.55 15.93
CA ILE C 362 28.24 -29.78 14.75
C ILE C 362 27.80 -30.48 13.46
N ALA C 363 27.96 -31.80 13.43
CA ALA C 363 27.57 -32.60 12.27
C ALA C 363 26.06 -32.52 12.06
N ALA C 364 25.31 -32.70 13.14
CA ALA C 364 23.87 -32.66 13.09
C ALA C 364 23.38 -31.34 12.48
N ALA C 365 24.06 -30.25 12.83
CA ALA C 365 23.68 -28.94 12.33
C ALA C 365 24.15 -28.72 10.90
N THR C 366 25.41 -29.04 10.64
CA THR C 366 25.97 -28.88 9.32
C THR C 366 25.29 -29.77 8.28
N LEU C 367 25.47 -31.07 8.44
CA LEU C 367 24.91 -32.05 7.52
C LEU C 367 23.44 -31.86 7.19
N SER C 368 22.63 -31.53 8.20
CA SER C 368 21.19 -31.32 7.98
C SER C 368 20.93 -30.06 7.16
N HIS C 369 21.63 -28.98 7.50
CA HIS C 369 21.46 -27.72 6.80
C HIS C 369 21.95 -27.80 5.35
N ARG C 370 22.80 -28.77 5.06
CA ARG C 370 23.37 -28.89 3.73
C ARG C 370 22.81 -30.04 2.88
N TYR C 371 22.20 -31.05 3.50
CA TYR C 371 21.67 -32.17 2.72
C TYR C 371 20.27 -32.66 3.07
N ILE C 372 19.60 -31.99 4.00
CA ILE C 372 18.25 -32.39 4.38
C ILE C 372 17.26 -31.34 3.89
N THR C 373 16.73 -31.58 2.70
CA THR C 373 15.79 -30.65 2.07
C THR C 373 14.43 -30.48 2.76
N GLU C 374 14.00 -31.48 3.52
CA GLU C 374 12.70 -31.41 4.18
C GLU C 374 12.55 -30.34 5.27
N ARG C 375 12.62 -30.75 6.52
CA ARG C 375 12.47 -29.83 7.65
C ARG C 375 13.49 -28.71 7.70
N ARG C 376 13.31 -27.79 8.65
CA ARG C 376 14.21 -26.67 8.79
C ARG C 376 15.03 -26.68 10.09
N LEU C 377 16.31 -26.40 9.91
CA LEU C 377 17.34 -26.39 10.96
C LEU C 377 17.07 -26.70 12.44
N PRO C 378 16.58 -25.72 13.22
CA PRO C 378 16.35 -26.05 14.63
C PRO C 378 15.89 -27.49 14.83
N ASP C 379 14.76 -27.82 14.22
CA ASP C 379 14.18 -29.15 14.33
C ASP C 379 15.05 -30.29 13.81
N LYS C 380 15.11 -30.45 12.49
CA LYS C 380 15.87 -31.53 11.87
C LYS C 380 17.23 -31.85 12.50
N ALA C 381 17.99 -30.82 12.87
CA ALA C 381 19.28 -31.05 13.49
C ALA C 381 19.07 -31.88 14.76
N ILE C 382 18.11 -31.45 15.57
CA ILE C 382 17.81 -32.14 16.82
C ILE C 382 17.35 -33.56 16.54
N ASP C 383 16.33 -33.68 15.69
CA ASP C 383 15.77 -34.99 15.33
C ASP C 383 16.90 -35.94 14.95
N LEU C 384 17.91 -35.40 14.27
CA LEU C 384 19.04 -36.19 13.83
C LEU C 384 19.76 -36.74 15.06
N ILE C 385 20.10 -35.86 15.99
CA ILE C 385 20.78 -36.27 17.21
C ILE C 385 19.92 -37.27 17.97
N ASP C 386 18.66 -36.91 18.19
CA ASP C 386 17.73 -37.78 18.91
C ASP C 386 17.64 -39.16 18.27
N GLU C 387 17.64 -39.22 16.94
CA GLU C 387 17.56 -40.50 16.25
C GLU C 387 18.86 -41.30 16.36
N ALA C 388 19.96 -40.60 16.64
CA ALA C 388 21.24 -41.26 16.77
C ALA C 388 21.36 -41.76 18.20
N ALA C 389 20.92 -40.93 19.15
CA ALA C 389 20.97 -41.29 20.56
C ALA C 389 19.83 -42.27 20.84
N ALA C 390 19.21 -42.75 19.77
CA ALA C 390 18.13 -43.71 19.87
C ALA C 390 18.73 -45.04 19.44
N ARG C 391 19.08 -45.15 18.15
CA ARG C 391 19.68 -46.36 17.62
C ARG C 391 20.83 -46.79 18.52
N LEU C 392 21.42 -45.84 19.23
CA LEU C 392 22.52 -46.14 20.13
C LEU C 392 22.00 -46.71 21.43
N ARG C 393 20.90 -46.15 21.89
CA ARG C 393 20.28 -46.59 23.14
C ARG C 393 19.50 -47.88 22.94
N MET C 394 19.04 -48.12 21.71
CA MET C 394 18.29 -49.33 21.38
C MET C 394 19.22 -50.54 21.45
N ALA C 395 20.18 -50.58 20.53
CA ALA C 395 21.14 -51.68 20.48
C ALA C 395 22.14 -51.51 21.62
N LEU C 396 21.63 -51.29 22.82
CA LEU C 396 22.45 -51.11 24.00
C LEU C 396 22.05 -52.09 25.10
N GLU C 397 20.75 -52.30 25.24
CA GLU C 397 20.22 -53.22 26.25
C GLU C 397 20.26 -54.66 25.74
N SER C 398 20.14 -54.83 24.42
CA SER C 398 20.16 -56.15 23.80
C SER C 398 21.48 -56.90 24.02
N ALA C 399 21.37 -58.15 24.46
CA ALA C 399 22.53 -59.00 24.74
C ALA C 399 23.59 -58.91 23.63
N PRO C 400 24.87 -59.04 24.01
CA PRO C 400 26.00 -58.98 23.08
C PRO C 400 25.89 -59.93 21.90
N GLU C 401 26.26 -59.44 20.72
CA GLU C 401 26.23 -60.22 19.49
C GLU C 401 27.35 -61.26 19.54
N GLU C 402 28.22 -61.13 20.54
CA GLU C 402 29.34 -62.06 20.69
C GLU C 402 28.99 -63.22 21.61
N ILE C 403 28.37 -62.92 22.75
CA ILE C 403 28.01 -63.96 23.71
C ILE C 403 27.35 -65.17 23.07
N ASP C 404 26.28 -64.95 22.30
CA ASP C 404 25.57 -66.05 21.66
C ASP C 404 26.46 -66.84 20.72
N ALA C 405 27.51 -66.21 20.21
CA ALA C 405 28.44 -66.88 19.30
C ALA C 405 29.04 -68.09 20.02
N LEU C 406 29.32 -67.91 21.29
CA LEU C 406 29.88 -68.98 22.10
C LEU C 406 28.74 -69.78 22.73
N GLU C 407 27.75 -69.06 23.25
CA GLU C 407 26.60 -69.69 23.89
C GLU C 407 26.01 -70.74 22.96
N ARG C 408 25.89 -70.40 21.68
CA ARG C 408 25.35 -71.34 20.71
C ARG C 408 26.36 -72.41 20.33
N LYS C 409 27.63 -72.01 20.21
CA LYS C 409 28.68 -72.96 19.88
C LYS C 409 28.76 -73.99 21.00
N LYS C 410 28.62 -73.51 22.23
CA LYS C 410 28.67 -74.39 23.41
C LYS C 410 27.55 -75.41 23.32
N LEU C 411 26.31 -74.91 23.30
CA LEU C 411 25.15 -75.78 23.24
C LEU C 411 25.25 -76.81 22.10
N GLN C 412 26.00 -76.47 21.06
CA GLN C 412 26.19 -77.37 19.92
C GLN C 412 26.88 -78.67 20.38
N LEU C 413 27.54 -78.58 21.53
CA LEU C 413 28.25 -79.70 22.11
C LEU C 413 27.46 -80.22 23.31
N GLU C 414 26.79 -79.31 24.00
CA GLU C 414 25.97 -79.64 25.16
C GLU C 414 24.80 -80.50 24.72
N ILE C 415 24.79 -80.81 23.42
CA ILE C 415 23.76 -81.64 22.80
C ILE C 415 24.53 -82.78 22.15
N GLU C 416 25.83 -82.56 22.01
CA GLU C 416 26.75 -83.53 21.42
C GLU C 416 27.13 -84.56 22.49
N ARG C 417 27.26 -84.09 23.72
CA ARG C 417 27.61 -84.96 24.84
C ARG C 417 26.48 -85.94 25.10
N GLU C 418 25.28 -85.39 25.29
CA GLU C 418 24.08 -86.17 25.57
C GLU C 418 24.00 -87.48 24.77
N ALA C 419 23.80 -87.36 23.47
CA ALA C 419 23.68 -88.51 22.58
C ALA C 419 24.94 -89.38 22.49
N LEU C 420 26.08 -88.74 22.26
CA LEU C 420 27.35 -89.47 22.12
C LEU C 420 27.71 -90.25 23.38
N LYS C 421 27.39 -89.69 24.54
CA LYS C 421 27.69 -90.34 25.83
C LYS C 421 26.76 -91.52 26.09
N LYS C 422 25.54 -91.44 25.55
CA LYS C 422 24.55 -92.50 25.73
C LYS C 422 25.11 -93.87 25.38
N GLU C 423 24.88 -94.31 24.15
CA GLU C 423 25.38 -95.62 23.71
C GLU C 423 26.89 -95.72 23.93
N LYS C 424 27.28 -96.44 24.98
CA LYS C 424 28.67 -96.63 25.34
C LYS C 424 29.45 -97.33 24.23
N ASP C 425 29.95 -96.56 23.26
CA ASP C 425 30.73 -97.13 22.18
C ASP C 425 32.18 -97.28 22.64
N PRO C 426 32.74 -98.49 22.52
CA PRO C 426 34.12 -98.79 22.92
C PRO C 426 35.07 -97.59 22.78
N ASP C 427 35.30 -97.17 21.54
CA ASP C 427 36.18 -96.03 21.28
C ASP C 427 35.37 -94.74 21.24
N SER C 428 35.10 -94.19 22.42
CA SER C 428 34.33 -92.95 22.53
C SER C 428 34.88 -92.00 23.59
N GLN C 429 35.87 -92.46 24.35
CA GLN C 429 36.49 -91.64 25.38
C GLN C 429 37.22 -90.45 24.75
N GLU C 430 37.88 -90.72 23.62
CA GLU C 430 38.64 -89.72 22.89
C GLU C 430 37.74 -88.60 22.36
N ARG C 431 36.45 -88.69 22.67
CA ARG C 431 35.48 -87.69 22.22
C ARG C 431 34.85 -86.97 23.41
N LEU C 432 33.90 -87.65 24.05
CA LEU C 432 33.18 -87.10 25.20
C LEU C 432 34.04 -86.38 26.22
N LYS C 433 34.98 -87.10 26.81
CA LYS C 433 35.87 -86.53 27.82
C LYS C 433 36.90 -85.59 27.20
N ALA C 434 36.96 -85.57 25.87
CA ALA C 434 37.90 -84.72 25.15
C ALA C 434 37.22 -83.41 24.75
N ILE C 435 35.89 -83.44 24.72
CA ILE C 435 35.11 -82.27 24.34
C ILE C 435 34.53 -81.59 25.57
N GLU C 436 34.23 -82.37 26.61
CA GLU C 436 33.68 -81.84 27.84
C GLU C 436 34.63 -80.78 28.38
N ALA C 437 35.84 -80.77 27.84
CA ALA C 437 36.86 -79.81 28.24
C ALA C 437 36.59 -78.52 27.49
N GLU C 438 36.34 -78.65 26.19
CA GLU C 438 36.05 -77.49 25.35
C GLU C 438 34.84 -76.76 25.90
N ILE C 439 33.74 -77.49 26.09
CA ILE C 439 32.52 -76.91 26.61
C ILE C 439 32.78 -76.21 27.94
N ALA C 440 33.48 -76.90 28.83
CA ALA C 440 33.81 -76.32 30.14
C ALA C 440 34.73 -75.13 29.92
N LYS C 441 35.52 -75.19 28.86
CA LYS C 441 36.45 -74.12 28.52
C LYS C 441 35.69 -72.88 28.07
N LEU C 442 34.85 -73.04 27.05
CA LEU C 442 34.08 -71.92 26.53
C LEU C 442 33.29 -71.31 27.68
N THR C 443 33.00 -72.11 28.71
CA THR C 443 32.27 -71.66 29.88
C THR C 443 33.00 -70.49 30.53
N GLU C 444 34.31 -70.42 30.31
CA GLU C 444 35.14 -69.35 30.86
C GLU C 444 34.75 -68.04 30.20
N GLU C 445 34.64 -68.06 28.88
CA GLU C 445 34.29 -66.87 28.12
C GLU C 445 32.87 -66.41 28.41
N ILE C 446 31.92 -67.35 28.36
CA ILE C 446 30.52 -67.02 28.63
C ILE C 446 30.32 -66.73 30.12
N ALA C 447 31.43 -66.52 30.82
CA ALA C 447 31.39 -66.23 32.24
C ALA C 447 32.32 -65.05 32.50
N LYS C 448 33.22 -64.81 31.55
CA LYS C 448 34.18 -63.72 31.61
C LYS C 448 33.57 -62.52 30.88
N LEU C 449 33.27 -62.74 29.60
CA LEU C 449 32.66 -61.72 28.77
C LEU C 449 31.26 -61.46 29.31
N ARG C 450 30.64 -62.53 29.81
CA ARG C 450 29.29 -62.46 30.37
C ARG C 450 29.34 -61.76 31.72
N ALA C 451 30.53 -61.75 32.33
CA ALA C 451 30.72 -61.12 33.63
C ALA C 451 30.84 -59.61 33.43
N GLU C 452 31.62 -59.22 32.43
CA GLU C 452 31.81 -57.81 32.13
C GLU C 452 30.48 -57.13 31.86
N TRP C 453 29.84 -57.52 30.75
CA TRP C 453 28.55 -56.95 30.37
C TRP C 453 27.54 -56.81 31.51
N GLU C 454 27.67 -57.66 32.53
CA GLU C 454 26.71 -57.60 33.64
C GLU C 454 27.11 -56.62 34.75
N ARG C 455 28.27 -56.86 35.36
CA ARG C 455 28.73 -55.99 36.44
C ARG C 455 29.24 -54.65 35.92
N GLU C 456 29.63 -54.61 34.66
CA GLU C 456 30.12 -53.37 34.06
C GLU C 456 28.99 -52.59 33.40
N ARG C 457 27.81 -53.19 33.35
CA ARG C 457 26.65 -52.52 32.77
C ARG C 457 26.10 -51.60 33.85
N GLU C 458 26.32 -52.00 35.10
CA GLU C 458 25.89 -51.20 36.25
C GLU C 458 26.74 -49.94 36.28
N ILE C 459 27.97 -50.06 35.79
CA ILE C 459 28.88 -48.93 35.73
C ILE C 459 28.19 -47.82 34.93
N LEU C 460 27.42 -48.25 33.94
CA LEU C 460 26.66 -47.34 33.08
C LEU C 460 25.37 -46.92 33.77
N ARG C 461 24.93 -47.72 34.73
CA ARG C 461 23.71 -47.43 35.45
C ARG C 461 23.95 -46.30 36.45
N LYS C 462 25.22 -46.09 36.79
CA LYS C 462 25.60 -45.03 37.72
C LYS C 462 25.99 -43.75 36.98
N LEU C 463 26.51 -43.91 35.77
CA LEU C 463 26.91 -42.78 34.94
C LEU C 463 25.68 -42.10 34.35
N ARG C 464 24.52 -42.69 34.58
CA ARG C 464 23.28 -42.14 34.06
C ARG C 464 22.50 -41.43 35.16
N GLU C 465 22.53 -41.99 36.36
CA GLU C 465 21.81 -41.37 37.47
C GLU C 465 22.45 -40.06 37.89
N ALA C 466 23.78 -40.01 37.84
CA ALA C 466 24.51 -38.80 38.20
C ALA C 466 23.95 -37.65 37.38
N GLN C 467 23.59 -37.96 36.13
CA GLN C 467 23.04 -36.97 35.21
C GLN C 467 21.68 -36.47 35.68
N HIS C 468 20.92 -37.34 36.32
CA HIS C 468 19.61 -36.98 36.83
C HIS C 468 19.74 -36.15 38.10
N ARG C 469 20.79 -36.43 38.87
CA ARG C 469 21.04 -35.72 40.12
C ARG C 469 21.56 -34.31 39.87
N LEU C 470 22.14 -34.09 38.69
CA LEU C 470 22.69 -32.80 38.32
C LEU C 470 21.65 -31.85 37.71
N ASP C 471 20.75 -32.42 36.90
CA ASP C 471 19.71 -31.63 36.26
C ASP C 471 18.73 -31.03 37.26
N GLU C 472 18.29 -31.85 38.22
CA GLU C 472 17.35 -31.38 39.23
C GLU C 472 18.00 -30.27 40.05
N VAL C 473 19.30 -30.40 40.29
CA VAL C 473 20.04 -29.41 41.05
C VAL C 473 20.11 -28.09 40.28
N ARG C 474 20.33 -28.19 38.97
CA ARG C 474 20.39 -27.01 38.12
C ARG C 474 18.99 -26.38 38.10
N ARG C 475 18.01 -27.15 38.57
CA ARG C 475 16.63 -26.71 38.64
C ARG C 475 16.41 -26.03 39.98
N GLU C 476 17.30 -26.30 40.93
CA GLU C 476 17.20 -25.74 42.26
C GLU C 476 18.11 -24.52 42.47
N ILE C 477 19.25 -24.48 41.78
CA ILE C 477 20.15 -23.33 41.93
C ILE C 477 19.41 -22.09 41.43
N GLU C 478 18.56 -22.29 40.42
CA GLU C 478 17.77 -21.20 39.85
C GLU C 478 16.52 -20.99 40.68
N LEU C 479 16.24 -21.94 41.57
CA LEU C 479 15.07 -21.85 42.42
C LEU C 479 15.33 -20.93 43.61
N ALA C 480 16.61 -20.65 43.85
CA ALA C 480 17.00 -19.77 44.95
C ALA C 480 17.38 -18.38 44.44
N GLU C 481 18.27 -18.33 43.46
CA GLU C 481 18.70 -17.04 42.89
C GLU C 481 17.49 -16.34 42.28
N ARG C 482 16.43 -17.12 42.05
CA ARG C 482 15.21 -16.60 41.46
C ARG C 482 14.64 -15.52 42.38
N GLN C 483 14.68 -15.75 43.69
CA GLN C 483 14.18 -14.77 44.66
C GLN C 483 14.43 -15.07 46.13
N TYR C 484 13.98 -16.23 46.60
CA TYR C 484 14.14 -16.57 48.02
C TYR C 484 15.28 -17.49 48.41
N ASP C 485 15.44 -17.67 49.72
CA ASP C 485 16.44 -18.50 50.37
C ASP C 485 17.73 -18.78 49.59
N LEU C 486 18.43 -17.72 49.21
CA LEU C 486 19.69 -17.86 48.48
C LEU C 486 20.79 -18.17 49.50
N ASN C 487 20.49 -17.89 50.76
CA ASN C 487 21.43 -18.10 51.86
C ASN C 487 21.63 -19.57 52.21
N ARG C 488 20.56 -20.35 52.16
CA ARG C 488 20.62 -21.76 52.51
C ARG C 488 21.59 -22.61 51.68
N ALA C 489 21.06 -23.54 50.89
CA ALA C 489 21.90 -24.43 50.09
C ALA C 489 22.22 -23.99 48.67
N ALA C 490 21.19 -23.82 47.86
CA ALA C 490 21.33 -23.44 46.46
C ALA C 490 22.51 -22.54 46.12
N GLU C 491 22.90 -21.66 47.03
CA GLU C 491 24.00 -20.76 46.72
C GLU C 491 25.39 -21.38 46.69
N LEU C 492 26.00 -21.23 45.53
CA LEU C 492 27.36 -21.68 45.21
C LEU C 492 27.86 -23.09 45.54
N ARG C 493 26.99 -24.08 45.42
CA ARG C 493 27.42 -25.46 45.60
C ARG C 493 27.96 -25.67 44.19
N TYR C 494 28.04 -24.53 43.50
CA TYR C 494 28.49 -24.35 42.13
C TYR C 494 29.97 -24.71 42.00
N GLY C 495 30.67 -24.72 43.14
CA GLY C 495 32.08 -25.06 43.13
C GLY C 495 32.34 -26.46 43.65
N GLU C 496 31.32 -27.06 44.26
CA GLU C 496 31.43 -28.41 44.81
C GLU C 496 30.87 -29.45 43.86
N LEU C 497 29.94 -29.04 42.99
CA LEU C 497 29.35 -29.95 42.03
C LEU C 497 30.27 -30.42 40.89
N PRO C 498 31.31 -29.63 40.56
CA PRO C 498 32.19 -30.08 39.48
C PRO C 498 32.64 -31.52 39.73
N LYS C 499 32.48 -31.97 40.98
CA LYS C 499 32.84 -33.33 41.36
C LYS C 499 32.02 -34.27 40.48
N LEU C 500 30.78 -33.88 40.21
CA LEU C 500 29.89 -34.66 39.37
C LEU C 500 30.44 -34.64 37.94
N GLU C 501 30.75 -33.44 37.46
CA GLU C 501 31.30 -33.27 36.12
C GLU C 501 32.69 -33.92 36.05
N ALA C 502 33.22 -34.27 37.22
CA ALA C 502 34.52 -34.92 37.30
C ALA C 502 34.35 -36.43 37.27
N GLU C 503 33.22 -36.89 37.80
CA GLU C 503 32.90 -38.31 37.85
C GLU C 503 32.46 -38.78 36.46
N VAL C 504 31.33 -38.22 36.01
CA VAL C 504 30.76 -38.55 34.71
C VAL C 504 31.82 -38.64 33.61
N GLU C 505 32.95 -37.95 33.80
CA GLU C 505 34.02 -37.97 32.81
C GLU C 505 34.97 -39.13 33.07
N ALA C 506 35.66 -39.10 34.21
CA ALA C 506 36.60 -40.15 34.58
C ALA C 506 35.87 -41.49 34.60
N LEU C 507 34.53 -41.43 34.59
CA LEU C 507 33.70 -42.62 34.61
C LEU C 507 33.43 -43.08 33.18
N SER C 508 32.91 -42.16 32.35
CA SER C 508 32.63 -42.49 30.97
C SER C 508 33.89 -43.06 30.35
N GLU C 509 35.03 -42.50 30.73
CA GLU C 509 36.31 -42.96 30.23
C GLU C 509 36.40 -44.45 30.57
N LYS C 510 36.10 -44.77 31.82
CA LYS C 510 36.12 -46.15 32.29
C LYS C 510 35.17 -46.98 31.45
N LEU C 511 33.98 -46.43 31.21
CA LEU C 511 32.97 -47.12 30.43
C LEU C 511 33.41 -47.36 28.99
N ARG C 512 34.30 -46.50 28.48
CA ARG C 512 34.79 -46.66 27.11
C ARG C 512 35.41 -48.04 26.96
N GLY C 513 34.81 -48.87 26.12
CA GLY C 513 35.33 -50.21 25.91
C GLY C 513 34.60 -50.96 24.82
N ALA C 514 34.31 -52.23 25.09
CA ALA C 514 33.61 -53.08 24.12
C ALA C 514 32.38 -53.72 24.77
N ARG C 515 32.04 -54.92 24.30
CA ARG C 515 30.88 -55.65 24.82
C ARG C 515 29.64 -54.77 24.93
N PHE C 516 29.48 -53.88 23.96
CA PHE C 516 28.33 -52.98 23.89
C PHE C 516 28.25 -51.93 25.00
N VAL C 517 29.36 -51.23 25.23
CA VAL C 517 29.39 -50.18 26.25
C VAL C 517 28.96 -48.90 25.55
N ARG C 518 28.31 -49.07 24.40
CA ARG C 518 27.79 -47.97 23.58
C ARG C 518 27.38 -46.78 24.44
N LEU C 519 27.87 -45.59 24.10
CA LEU C 519 27.52 -44.39 24.85
C LEU C 519 27.67 -43.12 24.03
N GLU C 520 28.87 -42.90 23.50
CA GLU C 520 29.15 -41.73 22.69
C GLU C 520 28.39 -41.74 21.37
N VAL C 521 27.88 -40.58 20.99
CA VAL C 521 27.17 -40.43 19.73
C VAL C 521 28.10 -39.50 18.95
N THR C 522 28.60 -39.96 17.81
CA THR C 522 29.54 -39.16 17.04
C THR C 522 29.10 -38.83 15.62
N GLU C 523 29.98 -38.13 14.91
CA GLU C 523 29.73 -37.73 13.53
C GLU C 523 29.35 -38.93 12.68
N GLU C 524 30.22 -39.94 12.69
CA GLU C 524 29.98 -41.15 11.91
C GLU C 524 28.54 -41.59 12.12
N ASP C 525 28.14 -41.69 13.38
CA ASP C 525 26.78 -42.09 13.71
C ASP C 525 25.80 -41.16 12.99
N ILE C 526 26.02 -39.86 13.12
CA ILE C 526 25.16 -38.88 12.48
C ILE C 526 25.24 -39.05 10.98
N ALA C 527 26.43 -38.85 10.43
CA ALA C 527 26.65 -38.98 8.99
C ALA C 527 25.96 -40.23 8.43
N GLU C 528 25.97 -41.31 9.21
CA GLU C 528 25.36 -42.55 8.78
C GLU C 528 23.85 -42.42 8.59
N ILE C 529 23.15 -42.01 9.63
CA ILE C 529 21.70 -41.85 9.53
C ILE C 529 21.38 -40.83 8.45
N VAL C 530 22.33 -39.91 8.22
CA VAL C 530 22.16 -38.87 7.20
C VAL C 530 22.36 -39.51 5.84
N SER C 531 23.38 -40.36 5.75
CA SER C 531 23.68 -41.07 4.51
C SER C 531 22.50 -41.99 4.20
N ARG C 532 21.86 -42.49 5.25
CA ARG C 532 20.71 -43.37 5.09
C ARG C 532 19.58 -42.65 4.37
N TRP C 533 19.59 -41.33 4.44
CA TRP C 533 18.56 -40.52 3.79
C TRP C 533 19.11 -39.87 2.52
N THR C 534 20.39 -40.08 2.25
CA THR C 534 21.02 -39.49 1.08
C THR C 534 21.99 -40.45 0.40
N GLY C 535 23.29 -40.27 0.67
CA GLY C 535 24.27 -41.15 0.06
C GLY C 535 25.73 -40.93 0.42
N ILE C 536 26.40 -42.04 0.73
CA ILE C 536 27.82 -42.11 1.07
C ILE C 536 28.45 -41.21 2.14
N PRO C 537 28.65 -41.75 3.34
CA PRO C 537 29.25 -40.98 4.45
C PRO C 537 30.68 -40.65 4.09
N VAL C 538 31.26 -41.48 3.23
CA VAL C 538 32.64 -41.30 2.81
C VAL C 538 32.88 -39.86 2.39
N SER C 539 31.86 -39.26 1.79
CA SER C 539 31.97 -37.87 1.36
C SER C 539 31.23 -36.96 2.33
N LYS C 540 29.94 -37.20 2.52
CA LYS C 540 29.14 -36.39 3.45
C LYS C 540 30.03 -36.01 4.61
N LEU C 541 30.63 -37.02 5.21
CA LEU C 541 31.52 -36.82 6.33
C LEU C 541 32.87 -36.35 5.80
N LEU C 542 33.86 -37.24 5.90
CA LEU C 542 35.23 -36.98 5.46
C LEU C 542 35.33 -35.68 4.68
N GLU C 543 35.08 -35.77 3.38
CA GLU C 543 35.15 -34.62 2.51
C GLU C 543 34.84 -33.34 3.25
N GLY C 544 35.84 -32.48 3.33
CA GLY C 544 35.66 -31.21 3.99
C GLY C 544 35.54 -30.21 2.87
N GLU C 545 34.71 -29.20 3.05
CA GLU C 545 34.54 -28.20 2.01
C GLU C 545 35.90 -27.78 1.47
N ARG C 546 36.86 -27.62 2.38
CA ARG C 546 38.22 -27.22 2.03
C ARG C 546 38.86 -28.19 1.05
N GLU C 547 38.95 -29.46 1.43
CA GLU C 547 39.54 -30.49 0.59
C GLU C 547 38.81 -30.51 -0.76
N LYS C 548 37.49 -30.51 -0.70
CA LYS C 548 36.64 -30.54 -1.87
C LYS C 548 36.86 -29.36 -2.82
N LEU C 549 36.92 -28.15 -2.27
CA LEU C 549 37.12 -26.94 -3.08
C LEU C 549 38.49 -26.86 -3.73
N LEU C 550 39.48 -27.51 -3.12
CA LEU C 550 40.82 -27.49 -3.67
C LEU C 550 40.97 -28.47 -4.83
N ARG C 551 40.37 -29.65 -4.69
CA ARG C 551 40.44 -30.65 -5.75
C ARG C 551 39.36 -30.43 -6.80
N LEU C 552 38.58 -29.37 -6.60
CA LEU C 552 37.48 -29.03 -7.50
C LEU C 552 37.78 -29.17 -8.99
N GLU C 553 38.85 -28.54 -9.46
CA GLU C 553 39.19 -28.62 -10.88
C GLU C 553 39.46 -30.05 -11.32
N GLU C 554 40.02 -30.86 -10.42
CA GLU C 554 40.27 -32.26 -10.75
C GLU C 554 38.94 -32.95 -10.99
N GLU C 555 38.16 -33.05 -9.91
CA GLU C 555 36.86 -33.68 -9.92
C GLU C 555 36.07 -33.33 -11.17
N LEU C 556 35.96 -32.03 -11.46
CA LEU C 556 35.24 -31.57 -12.63
C LEU C 556 35.76 -32.19 -13.92
N HIS C 557 37.07 -32.25 -14.05
CA HIS C 557 37.65 -32.81 -15.25
C HIS C 557 37.42 -34.30 -15.39
N LYS C 558 37.16 -35.00 -14.28
CA LYS C 558 36.92 -36.43 -14.36
C LYS C 558 35.68 -36.70 -15.21
N ARG C 559 34.83 -35.68 -15.39
CA ARG C 559 33.62 -35.83 -16.18
C ARG C 559 33.49 -34.84 -17.34
N VAL C 560 34.16 -33.70 -17.23
CA VAL C 560 34.12 -32.71 -18.31
C VAL C 560 35.46 -32.65 -19.01
N VAL C 561 35.47 -33.04 -20.28
CA VAL C 561 36.69 -33.05 -21.05
C VAL C 561 36.99 -31.67 -21.60
N GLY C 562 38.25 -31.26 -21.52
CA GLY C 562 38.63 -29.97 -22.04
C GLY C 562 37.95 -28.79 -21.39
N GLN C 563 37.76 -27.73 -22.17
CA GLN C 563 37.13 -26.51 -21.69
C GLN C 563 37.81 -26.03 -20.41
N ASP C 564 39.13 -26.22 -20.35
CA ASP C 564 39.93 -25.85 -19.20
C ASP C 564 39.67 -24.44 -18.69
N GLU C 565 39.54 -23.48 -19.61
CA GLU C 565 39.29 -22.10 -19.22
C GLU C 565 38.03 -22.00 -18.35
N ALA C 566 36.99 -22.72 -18.75
CA ALA C 566 35.72 -22.73 -18.02
C ALA C 566 35.88 -23.26 -16.60
N ILE C 567 36.50 -24.42 -16.47
CA ILE C 567 36.73 -25.01 -15.15
C ILE C 567 37.53 -24.03 -14.31
N ARG C 568 38.59 -23.49 -14.90
CA ARG C 568 39.43 -22.51 -14.20
C ARG C 568 38.50 -21.51 -13.53
N ALA C 569 37.95 -20.65 -14.39
CA ALA C 569 37.04 -19.58 -13.99
C ALA C 569 36.03 -19.97 -12.92
N VAL C 570 35.24 -20.99 -13.20
CA VAL C 570 34.23 -21.44 -12.25
C VAL C 570 34.84 -21.81 -10.91
N ALA C 571 35.88 -22.63 -10.94
CA ALA C 571 36.53 -23.07 -9.70
C ALA C 571 37.07 -21.88 -8.90
N ASP C 572 37.78 -20.98 -9.58
CA ASP C 572 38.34 -19.80 -8.90
C ASP C 572 37.25 -18.90 -8.34
N ALA C 573 36.15 -18.78 -9.07
CA ALA C 573 35.04 -17.96 -8.60
C ALA C 573 34.50 -18.55 -7.30
N ILE C 574 34.22 -19.84 -7.31
CA ILE C 574 33.71 -20.50 -6.12
C ILE C 574 34.67 -20.35 -4.97
N ARG C 575 35.96 -20.62 -5.22
CA ARG C 575 36.97 -20.52 -4.17
C ARG C 575 37.05 -19.10 -3.64
N ARG C 576 37.01 -18.14 -4.55
CA ARG C 576 37.05 -16.74 -4.21
C ARG C 576 35.79 -16.43 -3.38
N ALA C 577 34.72 -17.18 -3.68
CA ALA C 577 33.42 -17.03 -3.01
C ALA C 577 33.53 -17.40 -1.56
N ARG C 578 33.95 -18.63 -1.29
CA ARG C 578 34.14 -19.07 0.08
C ARG C 578 35.34 -18.20 0.47
N ALA C 579 35.97 -18.48 1.61
CA ALA C 579 37.12 -17.66 2.01
C ALA C 579 36.67 -16.24 2.34
N GLY C 580 35.45 -15.90 1.92
CA GLY C 580 34.87 -14.61 2.22
C GLY C 580 35.47 -13.39 1.57
N LEU C 581 35.62 -13.38 0.25
CA LEU C 581 36.16 -12.21 -0.41
C LEU C 581 35.11 -11.51 -1.26
N LYS C 582 33.86 -11.96 -1.12
CA LYS C 582 32.76 -11.38 -1.88
C LYS C 582 31.59 -11.06 -0.98
N ASP C 583 30.75 -10.12 -1.44
CA ASP C 583 29.57 -9.72 -0.70
C ASP C 583 28.77 -10.97 -0.31
N PRO C 584 28.49 -11.13 0.98
CA PRO C 584 27.73 -12.28 1.47
C PRO C 584 26.34 -12.37 0.84
N ASN C 585 25.82 -11.22 0.43
CA ASN C 585 24.51 -11.17 -0.17
C ASN C 585 24.56 -11.32 -1.67
N ARG C 586 24.99 -12.50 -2.10
CA ARG C 586 25.09 -12.83 -3.52
C ARG C 586 25.17 -14.34 -3.64
N PRO C 587 25.03 -14.87 -4.85
CA PRO C 587 25.11 -16.32 -4.99
C PRO C 587 26.58 -16.71 -4.90
N ILE C 588 26.87 -17.95 -4.51
CA ILE C 588 28.27 -18.39 -4.41
C ILE C 588 29.04 -18.04 -5.68
N GLY C 589 28.36 -18.09 -6.82
CA GLY C 589 29.00 -17.76 -8.07
C GLY C 589 28.00 -17.72 -9.20
N SER C 590 28.15 -16.76 -10.11
CA SER C 590 27.26 -16.60 -11.25
C SER C 590 28.06 -16.62 -12.54
N PHE C 591 27.58 -17.35 -13.54
CA PHE C 591 28.29 -17.45 -14.80
C PHE C 591 27.42 -17.37 -16.03
N LEU C 592 28.06 -17.02 -17.13
CA LEU C 592 27.43 -16.92 -18.43
C LEU C 592 28.27 -17.77 -19.38
N PHE C 593 27.78 -18.98 -19.68
CA PHE C 593 28.49 -19.88 -20.57
C PHE C 593 28.18 -19.54 -22.01
N LEU C 594 29.23 -19.17 -22.76
CA LEU C 594 29.08 -18.84 -24.16
C LEU C 594 29.84 -19.85 -24.98
N GLY C 595 29.55 -19.91 -26.27
CA GLY C 595 30.25 -20.86 -27.13
C GLY C 595 29.33 -21.78 -27.90
N PRO C 596 29.88 -22.81 -28.56
CA PRO C 596 29.13 -23.79 -29.35
C PRO C 596 28.15 -24.61 -28.51
N THR C 597 27.52 -25.59 -29.15
CA THR C 597 26.56 -26.46 -28.48
C THR C 597 27.15 -27.84 -28.22
N GLY C 598 26.59 -28.52 -27.22
CA GLY C 598 27.04 -29.85 -26.86
C GLY C 598 28.54 -30.02 -26.75
N VAL C 599 29.22 -29.10 -26.07
CA VAL C 599 30.66 -29.21 -25.91
C VAL C 599 31.13 -29.06 -24.47
N GLY C 600 30.20 -29.11 -23.52
CA GLY C 600 30.59 -28.99 -22.12
C GLY C 600 29.64 -28.25 -21.17
N LYS C 601 29.07 -27.13 -21.62
CA LYS C 601 28.18 -26.33 -20.79
C LYS C 601 27.28 -27.11 -19.83
N THR C 602 26.20 -27.69 -20.33
CA THR C 602 25.29 -28.44 -19.46
C THR C 602 26.01 -29.53 -18.68
N GLU C 603 26.99 -30.18 -19.30
CA GLU C 603 27.73 -31.21 -18.61
C GLU C 603 28.43 -30.64 -17.38
N LEU C 604 29.17 -29.56 -17.59
CA LEU C 604 29.89 -28.92 -16.51
C LEU C 604 28.90 -28.54 -15.42
N ALA C 605 27.75 -28.01 -15.84
CA ALA C 605 26.67 -27.60 -14.94
C ALA C 605 26.23 -28.80 -14.09
N LYS C 606 26.02 -29.93 -14.75
CA LYS C 606 25.63 -31.16 -14.07
C LYS C 606 26.73 -31.64 -13.15
N THR C 607 27.93 -31.76 -13.69
CA THR C 607 29.06 -32.22 -12.91
C THR C 607 29.30 -31.34 -11.70
N LEU C 608 29.13 -30.04 -11.87
CA LEU C 608 29.35 -29.11 -10.77
C LEU C 608 28.40 -29.43 -9.64
N ALA C 609 27.12 -29.54 -9.98
CA ALA C 609 26.09 -29.85 -8.98
C ALA C 609 26.51 -31.05 -8.17
N ALA C 610 26.92 -32.11 -8.87
CA ALA C 610 27.33 -33.36 -8.24
C ALA C 610 28.57 -33.22 -7.36
N THR C 611 29.69 -32.83 -7.96
CA THR C 611 30.94 -32.66 -7.26
C THR C 611 30.91 -31.65 -6.10
N LEU C 612 30.16 -30.58 -6.28
CA LEU C 612 30.08 -29.55 -5.25
C LEU C 612 29.00 -29.86 -4.20
N PHE C 613 27.90 -30.44 -4.64
CA PHE C 613 26.80 -30.75 -3.75
C PHE C 613 26.47 -32.23 -3.59
N ASP C 614 27.48 -33.06 -3.81
CA ASP C 614 27.36 -34.50 -3.66
C ASP C 614 26.17 -35.16 -4.37
N THR C 615 25.69 -34.56 -5.45
CA THR C 615 24.56 -35.16 -6.16
C THR C 615 24.06 -34.35 -7.34
N GLU C 616 23.70 -35.05 -8.42
CA GLU C 616 23.17 -34.38 -9.60
C GLU C 616 21.76 -33.89 -9.32
N GLU C 617 21.25 -34.27 -8.14
CA GLU C 617 19.92 -33.86 -7.72
C GLU C 617 19.93 -32.41 -7.27
N ALA C 618 21.14 -31.87 -7.09
CA ALA C 618 21.29 -30.49 -6.65
C ALA C 618 21.20 -29.53 -7.82
N MET C 619 20.80 -30.06 -8.97
CA MET C 619 20.65 -29.21 -10.16
C MET C 619 19.20 -28.77 -10.28
N ILE C 620 18.99 -27.65 -10.93
CA ILE C 620 17.66 -27.12 -11.14
C ILE C 620 17.74 -26.42 -12.48
N ARG C 621 17.01 -26.92 -13.45
CA ARG C 621 17.04 -26.35 -14.77
C ARG C 621 15.82 -25.47 -15.06
N ILE C 622 16.04 -24.44 -15.85
CA ILE C 622 14.98 -23.53 -16.26
C ILE C 622 15.16 -23.41 -17.77
N ASP C 623 14.46 -24.25 -18.53
CA ASP C 623 14.58 -24.20 -19.99
C ASP C 623 13.88 -22.96 -20.49
N MET C 624 14.55 -21.83 -20.29
CA MET C 624 14.03 -20.52 -20.68
C MET C 624 13.33 -20.47 -22.03
N THR C 625 13.85 -21.18 -23.02
CA THR C 625 13.27 -21.16 -24.35
C THR C 625 11.80 -21.57 -24.35
N GLU C 626 11.29 -21.98 -23.19
CA GLU C 626 9.88 -22.37 -23.09
C GLU C 626 9.08 -21.33 -22.30
N TYR C 627 9.66 -20.78 -21.24
CA TYR C 627 8.97 -19.74 -20.45
C TYR C 627 8.97 -18.43 -21.25
N MET C 628 8.07 -18.34 -22.22
CA MET C 628 7.97 -17.15 -23.06
C MET C 628 6.58 -16.55 -22.90
N GLU C 629 5.85 -17.01 -21.89
CA GLU C 629 4.50 -16.53 -21.61
C GLU C 629 4.40 -15.80 -20.27
N LYS C 630 3.68 -16.38 -19.31
CA LYS C 630 3.53 -15.77 -18.00
C LYS C 630 4.70 -16.17 -17.09
N HIS C 631 5.89 -16.20 -17.69
CA HIS C 631 7.13 -16.56 -17.02
C HIS C 631 7.21 -16.21 -15.54
N ALA C 632 7.32 -14.92 -15.24
CA ALA C 632 7.41 -14.45 -13.86
C ALA C 632 6.58 -15.32 -12.93
N VAL C 633 5.28 -15.35 -13.17
CA VAL C 633 4.38 -16.13 -12.33
C VAL C 633 4.83 -17.59 -12.14
N SER C 634 5.31 -18.20 -13.22
CA SER C 634 5.75 -19.60 -13.18
C SER C 634 7.02 -19.85 -12.38
N ARG C 635 7.40 -18.91 -11.52
CA ARG C 635 8.62 -19.07 -10.73
C ARG C 635 8.52 -18.49 -9.32
N LEU C 636 7.31 -18.25 -8.85
CA LEU C 636 7.06 -17.72 -7.51
C LEU C 636 5.57 -17.48 -7.28
N GLN C 651 7.77 -21.52 -9.02
CA GLN C 651 8.33 -22.85 -9.21
C GLN C 651 9.80 -22.83 -8.83
N LEU C 652 10.55 -21.91 -9.44
CA LEU C 652 11.98 -21.76 -9.15
C LEU C 652 12.17 -21.63 -7.65
N THR C 653 11.63 -20.55 -7.09
CA THR C 653 11.72 -20.27 -5.66
C THR C 653 11.47 -21.51 -4.81
N GLU C 654 10.52 -22.34 -5.24
CA GLU C 654 10.19 -23.55 -4.51
C GLU C 654 11.32 -24.56 -4.51
N ALA C 655 11.84 -24.85 -5.70
CA ALA C 655 12.96 -25.79 -5.84
C ALA C 655 14.10 -25.32 -4.95
N VAL C 656 14.43 -24.04 -5.05
CA VAL C 656 15.48 -23.41 -4.26
C VAL C 656 15.09 -23.42 -2.78
N ARG C 657 13.81 -23.19 -2.53
CA ARG C 657 13.26 -23.15 -1.19
C ARG C 657 13.50 -24.46 -0.44
N ARG C 658 13.36 -25.57 -1.16
CA ARG C 658 13.55 -26.90 -0.57
C ARG C 658 15.00 -27.36 -0.65
N ARG C 659 15.74 -26.79 -1.61
CA ARG C 659 17.14 -27.16 -1.79
C ARG C 659 18.00 -25.91 -1.94
N PRO C 660 18.39 -25.29 -0.81
CA PRO C 660 19.22 -24.08 -0.80
C PRO C 660 20.51 -24.27 -1.59
N TYR C 661 21.23 -25.35 -1.29
CA TYR C 661 22.47 -25.65 -1.98
C TYR C 661 22.19 -26.37 -3.29
N SER C 662 22.20 -25.61 -4.38
CA SER C 662 21.93 -26.19 -5.66
C SER C 662 22.44 -25.35 -6.79
N VAL C 663 22.58 -25.99 -7.95
CA VAL C 663 23.04 -25.34 -9.17
C VAL C 663 21.79 -25.06 -10.00
N ILE C 664 21.66 -23.82 -10.44
CA ILE C 664 20.52 -23.42 -11.21
C ILE C 664 20.96 -23.06 -12.62
N LEU C 665 20.49 -23.85 -13.58
CA LEU C 665 20.84 -23.66 -14.98
C LEU C 665 19.75 -23.02 -15.83
N PHE C 666 20.06 -21.88 -16.40
CA PHE C 666 19.12 -21.19 -17.26
C PHE C 666 19.61 -21.35 -18.70
N ASP C 667 18.84 -22.09 -19.50
CA ASP C 667 19.18 -22.33 -20.90
C ASP C 667 18.82 -21.12 -21.75
N GLU C 668 19.52 -20.94 -22.87
CA GLU C 668 19.25 -19.84 -23.78
C GLU C 668 18.73 -18.62 -23.05
N ILE C 669 19.61 -17.92 -22.36
CA ILE C 669 19.19 -16.76 -21.59
C ILE C 669 18.68 -15.59 -22.42
N GLU C 670 19.19 -15.45 -23.64
CA GLU C 670 18.76 -14.33 -24.48
C GLU C 670 17.28 -14.40 -24.84
N LYS C 671 16.76 -15.62 -24.95
CA LYS C 671 15.36 -15.82 -25.29
C LYS C 671 14.40 -15.39 -24.19
N ALA C 672 14.92 -15.19 -22.98
CA ALA C 672 14.08 -14.76 -21.88
C ALA C 672 13.65 -13.31 -22.08
N HIS C 673 12.52 -12.93 -21.50
CA HIS C 673 12.01 -11.58 -21.65
C HIS C 673 12.41 -10.73 -20.45
N PRO C 674 12.66 -9.42 -20.70
CA PRO C 674 13.06 -8.46 -19.66
C PRO C 674 12.49 -8.78 -18.28
N ASP C 675 11.24 -9.22 -18.26
CA ASP C 675 10.59 -9.57 -17.01
C ASP C 675 11.45 -10.52 -16.16
N VAL C 676 11.88 -11.62 -16.77
CA VAL C 676 12.70 -12.63 -16.09
C VAL C 676 14.02 -12.05 -15.58
N PHE C 677 14.73 -11.33 -16.45
CA PHE C 677 16.00 -10.71 -16.10
C PHE C 677 15.89 -10.01 -14.76
N ASN C 678 14.73 -9.47 -14.46
CA ASN C 678 14.54 -8.80 -13.20
C ASN C 678 14.64 -9.83 -12.09
N ILE C 679 13.85 -10.89 -12.17
CA ILE C 679 13.91 -11.92 -11.13
C ILE C 679 15.34 -12.40 -11.05
N LEU C 680 15.93 -12.66 -12.22
CA LEU C 680 17.29 -13.13 -12.30
C LEU C 680 18.24 -12.12 -11.67
N LEU C 681 18.22 -10.90 -12.18
CA LEU C 681 19.07 -9.84 -11.68
C LEU C 681 18.94 -9.67 -10.16
N GLN C 682 17.75 -9.93 -9.66
CA GLN C 682 17.48 -9.82 -8.24
C GLN C 682 18.19 -10.95 -7.50
N ILE C 683 18.42 -12.05 -8.20
CA ILE C 683 19.12 -13.19 -7.60
C ILE C 683 20.60 -12.82 -7.53
N LEU C 684 21.13 -12.33 -8.64
CA LEU C 684 22.54 -11.95 -8.72
C LEU C 684 22.90 -10.87 -7.71
N ASP C 685 21.97 -9.98 -7.41
CA ASP C 685 22.20 -8.94 -6.40
C ASP C 685 21.51 -9.44 -5.14
N ASP C 686 21.96 -9.00 -3.97
CA ASP C 686 21.36 -9.41 -2.70
C ASP C 686 21.11 -10.92 -2.51
N GLY C 687 21.41 -11.71 -3.53
CA GLY C 687 21.23 -13.14 -3.43
C GLY C 687 19.97 -13.65 -2.77
N ARG C 688 18.86 -12.96 -2.98
CA ARG C 688 17.59 -13.37 -2.42
C ARG C 688 16.49 -13.13 -3.43
N LEU C 689 15.30 -13.64 -3.16
CA LEU C 689 14.19 -13.45 -4.06
C LEU C 689 12.86 -13.48 -3.30
N THR C 690 12.03 -12.49 -3.56
CA THR C 690 10.72 -12.41 -2.91
C THR C 690 9.75 -13.12 -3.83
N ASP C 691 9.13 -14.19 -3.33
CA ASP C 691 8.19 -14.96 -4.13
C ASP C 691 6.81 -14.31 -4.17
N SER C 692 5.85 -15.05 -4.71
CA SER C 692 4.48 -14.57 -4.81
C SER C 692 3.95 -14.27 -3.41
N HIS C 693 3.81 -15.30 -2.58
CA HIS C 693 3.31 -15.13 -1.22
C HIS C 693 4.03 -14.00 -0.49
N GLY C 694 5.36 -14.00 -0.56
CA GLY C 694 6.13 -12.98 0.12
C GLY C 694 7.42 -13.48 0.74
N ARG C 695 7.33 -14.51 1.58
CA ARG C 695 8.52 -15.05 2.23
C ARG C 695 9.66 -15.30 1.25
N THR C 696 10.67 -14.44 1.30
CA THR C 696 11.82 -14.54 0.42
C THR C 696 12.61 -15.84 0.58
N VAL C 697 13.19 -16.29 -0.53
CA VAL C 697 13.99 -17.52 -0.55
C VAL C 697 15.45 -17.13 -0.60
N ASP C 698 16.31 -17.93 0.03
CA ASP C 698 17.73 -17.63 0.05
C ASP C 698 18.48 -18.30 -1.08
N PHE C 699 19.22 -17.49 -1.86
CA PHE C 699 20.01 -17.98 -2.98
C PHE C 699 21.51 -17.87 -2.73
N ARG C 700 21.88 -17.42 -1.54
CA ARG C 700 23.27 -17.24 -1.18
C ARG C 700 24.09 -18.52 -1.29
N ASN C 701 23.40 -19.66 -1.25
CA ASN C 701 24.08 -20.94 -1.33
C ASN C 701 23.93 -21.62 -2.68
N THR C 702 23.60 -20.85 -3.72
CA THR C 702 23.43 -21.43 -5.05
C THR C 702 24.45 -20.95 -6.06
N VAL C 703 24.61 -21.72 -7.12
CA VAL C 703 25.52 -21.35 -8.19
C VAL C 703 24.63 -21.11 -9.40
N ILE C 704 24.79 -19.94 -10.01
CA ILE C 704 23.96 -19.58 -11.14
C ILE C 704 24.71 -19.63 -12.44
N ILE C 705 24.32 -20.57 -13.30
CA ILE C 705 24.94 -20.71 -14.61
C ILE C 705 23.94 -20.29 -15.66
N LEU C 706 24.37 -19.44 -16.58
CA LEU C 706 23.51 -18.97 -17.66
C LEU C 706 24.20 -19.26 -18.97
N THR C 707 23.47 -19.88 -19.89
CA THR C 707 24.03 -20.20 -21.20
C THR C 707 23.44 -19.35 -22.29
N SER C 708 24.15 -19.23 -23.40
CA SER C 708 23.68 -18.44 -24.51
C SER C 708 24.49 -18.74 -25.76
N ASN C 709 23.87 -18.46 -26.90
CA ASN C 709 24.44 -18.69 -28.21
C ASN C 709 24.82 -17.36 -28.83
N LEU C 710 24.47 -16.29 -28.13
CA LEU C 710 24.70 -14.94 -28.61
C LEU C 710 26.02 -14.65 -29.28
N GLY C 711 27.12 -15.13 -28.70
CA GLY C 711 28.40 -14.87 -29.34
C GLY C 711 28.96 -16.05 -30.10
N SER C 712 28.28 -17.18 -30.02
CA SER C 712 28.74 -18.40 -30.67
C SER C 712 29.34 -18.21 -32.07
N PRO C 713 28.53 -17.73 -33.03
CA PRO C 713 29.00 -17.52 -34.40
C PRO C 713 30.32 -16.76 -34.46
N LEU C 714 30.31 -15.56 -33.88
CA LEU C 714 31.49 -14.72 -33.84
C LEU C 714 32.65 -15.45 -33.15
N ILE C 715 32.37 -16.15 -32.06
CA ILE C 715 33.41 -16.89 -31.35
C ILE C 715 34.04 -17.89 -32.29
N LEU C 716 33.21 -18.64 -33.00
CA LEU C 716 33.72 -19.63 -33.95
C LEU C 716 34.55 -18.91 -35.00
N GLU C 717 33.96 -17.90 -35.64
CA GLU C 717 34.66 -17.13 -36.67
C GLU C 717 36.04 -16.70 -36.17
N GLY C 718 36.10 -16.22 -34.93
CA GLY C 718 37.36 -15.77 -34.37
C GLY C 718 38.37 -16.89 -34.25
N LEU C 719 37.90 -18.12 -34.19
CA LEU C 719 38.79 -19.27 -34.08
C LEU C 719 39.28 -19.71 -35.44
N GLN C 720 38.44 -19.60 -36.46
CA GLN C 720 38.84 -19.97 -37.82
C GLN C 720 39.91 -18.99 -38.28
N LYS C 721 39.54 -17.70 -38.32
CA LYS C 721 40.48 -16.68 -38.73
C LYS C 721 41.61 -16.54 -37.71
N GLY C 722 41.62 -17.42 -36.72
CA GLY C 722 42.65 -17.41 -35.70
C GLY C 722 42.95 -16.08 -35.03
N TRP C 723 41.90 -15.32 -34.70
CA TRP C 723 42.03 -14.02 -34.04
C TRP C 723 42.48 -14.15 -32.59
N PRO C 724 43.31 -13.20 -32.10
CA PRO C 724 43.76 -13.27 -30.71
C PRO C 724 42.54 -13.42 -29.81
N TYR C 725 42.67 -14.22 -28.76
CA TYR C 725 41.55 -14.44 -27.85
C TYR C 725 40.92 -13.13 -27.38
N GLU C 726 41.76 -12.18 -26.99
CA GLU C 726 41.26 -10.90 -26.51
C GLU C 726 40.37 -10.22 -27.56
N ARG C 727 40.74 -10.34 -28.82
CA ARG C 727 39.97 -9.73 -29.91
C ARG C 727 38.59 -10.38 -30.00
N ILE C 728 38.54 -11.67 -29.68
CA ILE C 728 37.28 -12.42 -29.71
C ILE C 728 36.41 -12.01 -28.55
N ARG C 729 36.96 -12.09 -27.34
CA ARG C 729 36.21 -11.73 -26.15
C ARG C 729 35.58 -10.34 -26.28
N ASP C 730 36.38 -9.37 -26.72
CA ASP C 730 35.90 -8.00 -26.88
C ASP C 730 34.83 -7.90 -27.96
N GLU C 731 35.07 -8.54 -29.09
CA GLU C 731 34.11 -8.53 -30.19
C GLU C 731 32.79 -9.16 -29.72
N VAL C 732 32.90 -10.26 -28.99
CA VAL C 732 31.75 -10.97 -28.45
C VAL C 732 31.03 -10.18 -27.38
N PHE C 733 31.80 -9.47 -26.54
CA PHE C 733 31.21 -8.69 -25.48
C PHE C 733 30.27 -7.63 -26.04
N LYS C 734 30.71 -6.95 -27.09
CA LYS C 734 29.91 -5.93 -27.72
C LYS C 734 28.52 -6.49 -28.01
N VAL C 735 28.47 -7.65 -28.65
CA VAL C 735 27.21 -8.30 -28.96
C VAL C 735 26.39 -8.39 -27.68
N LEU C 736 27.00 -8.95 -26.64
CA LEU C 736 26.33 -9.09 -25.37
C LEU C 736 25.72 -7.78 -24.90
N GLN C 737 26.48 -6.70 -25.08
CA GLN C 737 26.04 -5.38 -24.68
C GLN C 737 24.78 -4.94 -25.41
N GLN C 738 24.36 -5.72 -26.40
CA GLN C 738 23.17 -5.38 -27.18
C GLN C 738 21.93 -6.16 -26.78
N HIS C 739 22.09 -7.18 -25.94
CA HIS C 739 20.95 -7.98 -25.51
C HIS C 739 20.86 -8.04 -24.00
N PHE C 740 21.88 -7.54 -23.32
CA PHE C 740 21.89 -7.58 -21.86
C PHE C 740 22.16 -6.26 -21.15
N ARG C 741 21.35 -5.98 -20.13
CA ARG C 741 21.51 -4.76 -19.34
C ARG C 741 22.88 -4.85 -18.68
N PRO C 742 23.66 -3.76 -18.71
CA PRO C 742 24.97 -3.78 -18.08
C PRO C 742 24.92 -4.21 -16.62
N GLU C 743 23.89 -3.79 -15.90
CA GLU C 743 23.77 -4.17 -14.49
C GLU C 743 23.95 -5.67 -14.42
N PHE C 744 23.37 -6.36 -15.38
CA PHE C 744 23.45 -7.82 -15.46
C PHE C 744 24.88 -8.31 -15.75
N LEU C 745 25.39 -7.95 -16.92
CA LEU C 745 26.73 -8.35 -17.33
C LEU C 745 27.79 -7.97 -16.28
N ASN C 746 27.55 -6.88 -15.56
CA ASN C 746 28.48 -6.42 -14.55
C ASN C 746 28.43 -7.23 -13.26
N ARG C 747 27.27 -7.77 -12.91
CA ARG C 747 27.14 -8.57 -11.70
C ARG C 747 27.53 -10.04 -11.93
N LEU C 748 28.05 -10.34 -13.11
CA LEU C 748 28.46 -11.71 -13.43
C LEU C 748 29.89 -11.95 -12.99
N ASP C 749 30.09 -12.99 -12.17
CA ASP C 749 31.42 -13.32 -11.68
C ASP C 749 32.39 -13.60 -12.82
N GLU C 750 31.87 -14.25 -13.86
CA GLU C 750 32.70 -14.58 -15.01
C GLU C 750 31.87 -14.77 -16.28
N ILE C 751 32.47 -14.49 -17.42
CA ILE C 751 31.81 -14.71 -18.70
C ILE C 751 32.68 -15.68 -19.43
N VAL C 752 32.48 -16.95 -19.12
CA VAL C 752 33.21 -18.07 -19.67
C VAL C 752 32.82 -18.39 -21.13
N VAL C 753 33.82 -18.69 -21.95
CA VAL C 753 33.57 -19.01 -23.35
C VAL C 753 34.02 -20.43 -23.68
N PHE C 754 33.06 -21.30 -24.00
CA PHE C 754 33.36 -22.68 -24.36
C PHE C 754 33.76 -22.68 -25.82
N ARG C 755 34.62 -23.62 -26.20
CA ARG C 755 35.07 -23.70 -27.60
C ARG C 755 34.90 -25.10 -28.15
N PRO C 756 34.98 -25.24 -29.48
CA PRO C 756 34.83 -26.53 -30.14
C PRO C 756 35.81 -27.55 -29.59
N LEU C 757 35.47 -28.83 -29.74
CA LEU C 757 36.33 -29.89 -29.23
C LEU C 757 37.29 -30.40 -30.29
N THR C 758 38.42 -30.93 -29.85
CA THR C 758 39.42 -31.47 -30.74
C THR C 758 39.25 -32.98 -30.84
N LYS C 759 39.60 -33.53 -32.00
CA LYS C 759 39.48 -34.96 -32.24
C LYS C 759 39.87 -35.80 -31.02
N GLU C 760 40.97 -35.44 -30.36
CA GLU C 760 41.42 -36.18 -29.19
C GLU C 760 40.34 -36.17 -28.12
N GLN C 761 39.90 -34.96 -27.79
CA GLN C 761 38.87 -34.76 -26.78
C GLN C 761 37.65 -35.62 -27.05
N ILE C 762 37.09 -35.49 -28.25
CA ILE C 762 35.91 -36.27 -28.62
C ILE C 762 36.12 -37.71 -28.20
N ARG C 763 37.18 -38.30 -28.73
CA ARG C 763 37.53 -39.69 -28.43
C ARG C 763 37.48 -39.94 -26.94
N GLN C 764 38.08 -39.04 -26.16
CA GLN C 764 38.09 -39.17 -24.71
C GLN C 764 36.66 -39.30 -24.19
N ILE C 765 35.75 -38.56 -24.80
CA ILE C 765 34.36 -38.61 -24.39
C ILE C 765 33.82 -39.99 -24.78
N VAL C 766 34.16 -40.43 -25.99
CA VAL C 766 33.70 -41.73 -26.45
C VAL C 766 34.09 -42.78 -25.42
N GLU C 767 35.31 -42.67 -24.93
CA GLU C 767 35.80 -43.62 -23.95
C GLU C 767 34.94 -43.56 -22.70
N ILE C 768 34.88 -42.38 -22.08
CA ILE C 768 34.08 -42.20 -20.86
C ILE C 768 32.62 -42.54 -21.13
N GLN C 769 32.21 -42.42 -22.38
CA GLN C 769 30.84 -42.73 -22.75
C GLN C 769 30.67 -44.25 -22.75
N LEU C 770 31.67 -44.94 -23.29
CA LEU C 770 31.66 -46.41 -23.34
C LEU C 770 31.64 -47.03 -21.95
N SER C 771 32.27 -46.34 -20.99
CA SER C 771 32.35 -46.81 -19.60
C SER C 771 31.06 -47.42 -19.07
N TYR C 772 29.95 -46.70 -19.18
CA TYR C 772 28.68 -47.21 -18.68
C TYR C 772 28.28 -48.54 -19.36
N LEU C 773 28.47 -48.60 -20.67
CA LEU C 773 28.14 -49.79 -21.44
C LEU C 773 28.92 -50.98 -20.91
N ARG C 774 30.22 -50.81 -20.71
CA ARG C 774 31.05 -51.89 -20.21
C ARG C 774 30.57 -52.33 -18.84
N ALA C 775 30.31 -51.37 -17.96
CA ALA C 775 29.83 -51.67 -16.62
C ALA C 775 28.71 -52.71 -16.73
N ARG C 776 27.66 -52.33 -17.45
CA ARG C 776 26.52 -53.19 -17.66
C ARG C 776 26.97 -54.52 -18.24
N LEU C 777 27.86 -54.45 -19.22
CA LEU C 777 28.37 -55.64 -19.89
C LEU C 777 29.19 -56.51 -18.94
N ALA C 778 29.89 -55.87 -18.01
CA ALA C 778 30.70 -56.59 -17.03
C ALA C 778 29.80 -57.46 -16.17
N GLU C 779 28.61 -56.94 -15.85
CA GLU C 779 27.65 -57.69 -15.04
C GLU C 779 27.41 -59.06 -15.66
N LYS C 780 27.87 -59.23 -16.90
CA LYS C 780 27.72 -60.51 -17.60
C LYS C 780 29.11 -61.01 -18.01
N ARG C 781 30.12 -60.54 -17.30
CA ARG C 781 31.51 -60.93 -17.56
C ARG C 781 31.93 -60.67 -19.00
N ILE C 782 31.07 -59.98 -19.76
CA ILE C 782 31.37 -59.69 -21.15
C ILE C 782 32.30 -58.50 -21.30
N SER C 783 33.37 -58.71 -22.05
CA SER C 783 34.36 -57.66 -22.28
C SER C 783 34.06 -56.99 -23.61
N LEU C 784 34.50 -55.74 -23.76
CA LEU C 784 34.26 -55.02 -25.00
C LEU C 784 35.49 -54.23 -25.48
N GLU C 785 36.29 -54.87 -26.32
CA GLU C 785 37.50 -54.23 -26.85
C GLU C 785 37.27 -53.70 -28.26
N LEU C 786 37.47 -52.39 -28.45
CA LEU C 786 37.28 -51.75 -29.74
C LEU C 786 38.57 -51.31 -30.43
N THR C 787 38.52 -51.31 -31.75
CA THR C 787 39.64 -50.90 -32.58
C THR C 787 39.76 -49.39 -32.58
N GLU C 788 40.97 -48.86 -32.74
CA GLU C 788 41.14 -47.42 -32.81
C GLU C 788 40.24 -46.93 -33.94
N ALA C 789 40.22 -47.70 -35.02
CA ALA C 789 39.40 -47.36 -36.18
C ALA C 789 37.95 -47.24 -35.73
N ALA C 790 37.48 -48.21 -34.94
CA ALA C 790 36.11 -48.18 -34.45
C ALA C 790 35.89 -46.90 -33.65
N LYS C 791 36.72 -46.68 -32.62
CA LYS C 791 36.63 -45.50 -31.77
C LYS C 791 36.60 -44.26 -32.61
N ASP C 792 37.57 -44.13 -33.52
CA ASP C 792 37.62 -42.97 -34.39
C ASP C 792 36.31 -42.80 -35.15
N PHE C 793 35.72 -43.90 -35.59
CA PHE C 793 34.45 -43.84 -36.31
C PHE C 793 33.41 -43.20 -35.41
N LEU C 794 33.31 -43.70 -34.19
CA LEU C 794 32.35 -43.16 -33.24
C LEU C 794 32.62 -41.69 -33.04
N ALA C 795 33.88 -41.35 -32.82
CA ALA C 795 34.27 -39.96 -32.65
C ALA C 795 33.77 -39.18 -33.87
N GLU C 796 34.10 -39.66 -35.06
CA GLU C 796 33.65 -39.02 -36.30
C GLU C 796 32.14 -38.75 -36.27
N ARG C 797 31.35 -39.81 -36.41
CA ARG C 797 29.89 -39.70 -36.40
C ARG C 797 29.32 -39.02 -35.18
N GLY C 798 29.97 -39.19 -34.04
CA GLY C 798 29.49 -38.60 -32.80
C GLY C 798 29.46 -37.09 -32.73
N TYR C 799 30.59 -36.45 -33.04
CA TYR C 799 30.66 -35.00 -32.99
C TYR C 799 30.09 -34.37 -34.26
N ASP C 800 29.84 -33.08 -34.18
CA ASP C 800 29.26 -32.35 -35.29
C ASP C 800 29.58 -30.88 -35.14
N PRO C 801 29.55 -30.13 -36.25
CA PRO C 801 29.85 -28.71 -36.20
C PRO C 801 28.83 -27.89 -35.40
N VAL C 802 27.57 -27.96 -35.80
CA VAL C 802 26.50 -27.20 -35.15
C VAL C 802 25.88 -27.84 -33.91
N PHE C 803 25.81 -29.16 -33.88
CA PHE C 803 25.21 -29.86 -32.74
C PHE C 803 26.20 -30.29 -31.69
N GLY C 804 27.47 -30.31 -32.06
CA GLY C 804 28.53 -30.68 -31.12
C GLY C 804 28.56 -32.16 -30.88
N ALA C 805 28.88 -32.56 -29.66
CA ALA C 805 28.95 -33.98 -29.31
C ALA C 805 27.61 -34.48 -28.79
N ARG C 806 26.52 -33.87 -29.22
CA ARG C 806 25.23 -34.31 -28.75
C ARG C 806 24.90 -35.66 -29.38
N PRO C 807 25.08 -35.79 -30.71
CA PRO C 807 24.80 -37.03 -31.43
C PRO C 807 25.42 -38.29 -30.82
N LEU C 808 26.66 -38.18 -30.37
CA LEU C 808 27.39 -39.31 -29.83
C LEU C 808 26.59 -40.40 -29.11
N ARG C 809 25.73 -40.02 -28.18
CA ARG C 809 24.95 -41.02 -27.43
C ARG C 809 24.07 -41.85 -28.35
N ARG C 810 23.20 -41.17 -29.10
CA ARG C 810 22.31 -41.84 -30.03
C ARG C 810 23.14 -42.73 -30.95
N VAL C 811 24.25 -42.17 -31.43
CA VAL C 811 25.16 -42.88 -32.33
C VAL C 811 25.68 -44.14 -31.71
N ILE C 812 26.35 -44.00 -30.58
CA ILE C 812 26.89 -45.16 -29.89
C ILE C 812 25.79 -46.19 -29.64
N GLN C 813 24.59 -45.69 -29.41
CA GLN C 813 23.43 -46.53 -29.16
C GLN C 813 23.07 -47.35 -30.39
N ARG C 814 22.90 -46.67 -31.51
CA ARG C 814 22.53 -47.32 -32.76
C ARG C 814 23.67 -48.12 -33.39
N GLU C 815 24.81 -47.48 -33.61
CA GLU C 815 25.94 -48.15 -34.23
C GLU C 815 26.55 -49.29 -33.43
N LEU C 816 26.47 -49.22 -32.11
CA LEU C 816 27.07 -50.25 -31.28
C LEU C 816 26.12 -51.07 -30.42
N GLU C 817 25.37 -50.41 -29.56
CA GLU C 817 24.45 -51.10 -28.65
C GLU C 817 23.34 -51.92 -29.29
N THR C 818 22.67 -51.37 -30.31
CA THR C 818 21.59 -52.12 -30.95
C THR C 818 22.12 -53.43 -31.50
N PRO C 819 23.21 -53.39 -32.29
CA PRO C 819 23.75 -54.64 -32.85
C PRO C 819 24.16 -55.60 -31.73
N LEU C 820 25.02 -55.11 -30.84
CA LEU C 820 25.49 -55.91 -29.72
C LEU C 820 24.34 -56.59 -28.98
N ALA C 821 23.19 -55.92 -28.94
CA ALA C 821 22.01 -56.46 -28.27
C ALA C 821 21.50 -57.74 -28.94
N GLN C 822 21.29 -57.70 -30.24
CA GLN C 822 20.79 -58.90 -30.92
C GLN C 822 21.74 -60.05 -30.70
N LYS C 823 23.03 -59.81 -30.93
CA LYS C 823 24.03 -60.85 -30.73
C LYS C 823 23.81 -61.52 -29.37
N ILE C 824 23.60 -60.71 -28.34
CA ILE C 824 23.37 -61.23 -27.01
C ILE C 824 22.09 -62.05 -26.94
N LEU C 825 20.99 -61.48 -27.44
CA LEU C 825 19.73 -62.21 -27.43
C LEU C 825 19.82 -63.46 -28.30
N ALA C 826 20.44 -63.33 -29.46
CA ALA C 826 20.60 -64.45 -30.38
C ALA C 826 21.54 -65.51 -29.82
N GLY C 827 22.30 -65.16 -28.80
CA GLY C 827 23.20 -66.11 -28.20
C GLY C 827 24.63 -66.01 -28.71
N GLU C 828 24.83 -65.34 -29.85
CA GLU C 828 26.16 -65.18 -30.43
C GLU C 828 27.15 -64.66 -29.40
N VAL C 829 26.65 -63.81 -28.51
CA VAL C 829 27.48 -63.26 -27.45
C VAL C 829 26.98 -63.85 -26.15
N LYS C 830 27.78 -64.76 -25.59
CA LYS C 830 27.43 -65.44 -24.36
C LYS C 830 28.06 -64.75 -23.14
N GLU C 831 28.03 -65.46 -22.02
CA GLU C 831 28.59 -64.97 -20.77
C GLU C 831 30.12 -65.05 -20.80
N GLY C 832 30.78 -64.00 -20.30
CA GLY C 832 32.24 -63.99 -20.25
C GLY C 832 33.00 -63.73 -21.55
N ASP C 833 32.31 -63.82 -22.69
CA ASP C 833 32.94 -63.59 -23.99
C ASP C 833 33.64 -62.24 -24.07
N ARG C 834 34.68 -62.16 -24.86
CA ARG C 834 35.40 -60.91 -25.04
C ARG C 834 35.05 -60.42 -26.44
N VAL C 835 33.99 -59.63 -26.55
CA VAL C 835 33.55 -59.10 -27.83
C VAL C 835 34.53 -58.11 -28.45
N GLN C 836 34.97 -58.42 -29.67
CA GLN C 836 35.92 -57.56 -30.40
C GLN C 836 35.14 -56.74 -31.43
N VAL C 837 35.31 -55.42 -31.38
CA VAL C 837 34.59 -54.54 -32.31
C VAL C 837 35.51 -53.74 -33.24
N ASP C 838 35.20 -53.77 -34.52
CA ASP C 838 36.00 -53.06 -35.51
C ASP C 838 35.12 -52.49 -36.61
N VAL C 839 35.72 -51.75 -37.54
CA VAL C 839 34.97 -51.14 -38.62
C VAL C 839 34.56 -52.14 -39.70
N GLY C 840 33.55 -51.77 -40.47
CA GLY C 840 33.06 -52.60 -41.55
C GLY C 840 32.80 -51.67 -42.71
N PRO C 841 32.30 -52.17 -43.84
CA PRO C 841 32.04 -51.27 -44.97
C PRO C 841 31.11 -50.12 -44.61
N ALA C 842 30.09 -50.39 -43.81
CA ALA C 842 29.12 -49.36 -43.47
C ALA C 842 28.83 -49.17 -42.00
N GLY C 843 29.53 -49.88 -41.13
CA GLY C 843 29.29 -49.74 -39.72
C GLY C 843 30.12 -50.72 -38.93
N LEU C 844 30.11 -50.59 -37.61
CA LEU C 844 30.89 -51.50 -36.77
C LEU C 844 30.52 -52.95 -37.02
N VAL C 845 31.48 -53.83 -36.80
CA VAL C 845 31.28 -55.26 -36.99
C VAL C 845 31.78 -55.97 -35.74
N PHE C 846 31.09 -57.04 -35.35
CA PHE C 846 31.49 -57.77 -34.16
C PHE C 846 32.05 -59.15 -34.48
N ALA C 847 32.84 -59.68 -33.56
CA ALA C 847 33.44 -61.00 -33.73
C ALA C 847 33.78 -61.62 -32.39
N VAL C 848 33.28 -62.82 -32.16
CA VAL C 848 33.55 -63.55 -30.93
C VAL C 848 34.72 -64.48 -31.23
N PRO C 849 35.72 -64.54 -30.34
CA PRO C 849 36.85 -65.45 -30.61
C PRO C 849 36.33 -66.88 -30.62
N ALA C 850 36.68 -67.63 -31.66
CA ALA C 850 36.22 -69.02 -31.77
C ALA C 850 36.67 -69.87 -30.58
PT PT D . 8.11 27.03 -25.14
PT PT E . -48.25 -11.38 -45.93
PT PT F . -61.33 5.35 -35.20
PT PT G . -22.35 -1.77 -25.30
PT PT H . 19.87 18.56 -38.47
PT PT I . -15.69 24.61 -0.74
PT PT J . -19.89 21.58 -4.04
PT PT K . 11.64 18.29 -39.36
PG ANP L . -21.20 12.03 -25.49
O1G ANP L . -20.30 11.83 -26.66
O2G ANP L . -22.36 10.92 -25.43
O3G ANP L . -20.42 12.10 -24.22
PB ANP L . -22.64 14.21 -27.02
O1B ANP L . -23.39 13.07 -27.56
O2B ANP L . -21.77 14.75 -28.06
N3B ANP L . -21.95 13.55 -25.72
PA ANP L . -25.35 15.54 -26.27
O1A ANP L . -26.29 15.94 -27.36
O2A ANP L . -25.77 14.25 -25.59
O3A ANP L . -23.86 15.36 -26.85
O5' ANP L . -25.26 16.74 -25.22
C5' ANP L . -24.40 16.52 -24.12
C4' ANP L . -24.53 17.77 -23.20
O4' ANP L . -24.44 18.99 -23.99
C3' ANP L . -25.88 17.99 -22.53
O3' ANP L . -25.60 18.62 -21.30
C2' ANP L . -26.63 18.96 -23.46
O2' ANP L . -27.56 19.83 -22.86
C1' ANP L . -25.62 19.79 -24.18
N9 ANP L . -25.99 20.15 -25.63
C8 ANP L . -25.29 19.79 -26.73
N7 ANP L . -25.84 20.26 -27.84
C5 ANP L . -26.92 20.95 -27.45
C6 ANP L . -27.88 21.67 -28.27
N6 ANP L . -27.73 21.70 -29.61
N1 ANP L . -28.94 22.32 -27.64
C2 ANP L . -29.00 22.23 -26.27
N3 ANP L . -28.10 21.55 -25.50
C4 ANP L . -27.04 20.89 -26.05
PG ANP M . 20.53 29.32 -28.59
O1G ANP M . 21.96 29.71 -28.57
O2G ANP M . 20.26 28.01 -29.46
O3G ANP M . 20.00 29.17 -27.20
PB ANP M . 18.14 31.10 -29.16
O1B ANP M . 17.51 30.02 -28.37
O2B ANP M . 17.38 31.32 -30.39
N3B ANP M . 19.67 30.60 -29.31
PA ANP M . 16.70 33.09 -27.31
O1A ANP M . 16.24 34.40 -27.91
O2A ANP M . 15.58 32.11 -27.14
O3A ANP M . 17.83 32.46 -28.26
O5' ANP M . 17.43 33.40 -25.94
C5' ANP M . 17.90 32.26 -25.27
C4' ANP M . 18.49 32.74 -23.91
O4' ANP M . 18.99 34.10 -24.05
C3' ANP M . 17.51 32.96 -22.78
O3' ANP M . 18.26 32.74 -21.59
C2' ANP M . 17.12 34.43 -22.86
O2' ANP M . 16.78 35.05 -21.66
C1' ANP M . 18.28 35.18 -23.44
N9 ANP M . 17.89 36.34 -24.37
C8 ANP M . 18.43 36.57 -25.61
N7 ANP M . 17.90 37.65 -26.18
C5 ANP M . 17.00 38.11 -25.30
C6 ANP M . 16.15 39.28 -25.41
N6 ANP M . 16.20 40.02 -26.54
N1 ANP M . 15.28 39.59 -24.36
C2 ANP M . 15.30 38.77 -23.26
N3 ANP M . 16.10 37.68 -23.16
C4 ANP M . 16.98 37.32 -24.15
PT PT N . -44.62 6.64 9.18
PT PT O . 23.04 1.02 -8.81
PT PT P . 14.55 -5.85 28.40
PT PT Q . 14.53 -2.78 25.08
PT PT R . 21.09 -0.12 -28.40
PT PT S . -38.62 14.98 28.67
PT PT T . 15.20 2.47 -23.24
PT PT U . 21.63 18.74 36.52
PG ANP V . -6.83 1.46 7.32
O1G ANP V . -7.03 0.90 5.97
O2G ANP V . -8.20 2.03 7.97
O3G ANP V . -6.19 0.47 8.23
PB ANP V . -5.99 4.29 6.78
O1B ANP V . -7.39 4.27 6.42
O2B ANP V . -5.22 4.88 5.71
N3B ANP V . -5.74 2.76 7.18
PA ANP V . -6.57 5.59 9.46
O1A ANP V . -7.55 6.73 9.50
O2A ANP V . -7.24 4.30 9.83
O3A ANP V . -5.99 5.44 7.99
O5' ANP V . -5.40 5.95 10.45
C5' ANP V . -4.39 4.99 10.54
C4' ANP V . -3.46 5.49 11.67
O4' ANP V . -3.05 6.86 11.47
C3' ANP V . -4.09 5.62 13.05
O3' ANP V . -3.07 5.36 13.99
C2' ANP V . -4.52 7.09 13.14
O2' ANP V . -4.56 7.65 14.42
C1' ANP V . -3.58 7.88 12.33
N9 ANP V . -4.17 9.11 11.66
C8 ANP V . -4.54 9.23 10.37
N7 ANP V . -4.99 10.44 10.09
C5 ANP V . -4.92 11.13 11.24
C6 ANP V . -5.28 12.50 11.51
N6 ANP V . -5.77 13.28 10.51
N1 ANP V . -5.11 13.01 12.80
C2 ANP V . -4.60 12.15 13.75
N3 ANP V . -4.25 10.85 13.50
C4 ANP V . -4.40 10.29 12.24
PG ANP W . 30.05 0.50 -18.23
O1G ANP W . 30.01 0.84 -19.67
O2G ANP W . 28.62 0.74 -17.51
O3G ANP W . 30.53 -0.89 -18.02
PB ANP W . 31.05 3.02 -16.93
O1B ANP W . 29.75 2.97 -16.27
O2B ANP W . 31.04 4.14 -17.87
N3B ANP W . 31.19 1.53 -17.52
PA ANP W . 32.00 3.73 -14.14
O1A ANP W . 32.30 5.17 -13.80
O2A ANP W . 30.66 3.31 -13.60
O3A ANP W . 32.04 3.52 -15.70
O5' ANP W . 33.16 2.81 -13.55
C5' ANP W . 32.97 1.43 -13.82
C4' ANP W . 34.13 0.68 -13.10
O4' ANP W . 35.32 1.52 -13.06
C3' ANP W . 33.94 0.45 -11.61
O3' ANP W . 34.60 -0.78 -11.34
C2' ANP W . 34.68 1.60 -10.92
O2' ANP W . 35.29 1.31 -9.70
C1' ANP W . 35.75 2.10 -11.81
N9 ANP W . 35.88 3.61 -11.83
C8 ANP W . 35.83 4.40 -12.92
N7 ANP W . 35.98 5.68 -12.62
C5 ANP W . 36.14 5.72 -11.30
C6 ANP W . 36.36 6.86 -10.43
N6 ANP W . 36.40 8.11 -10.98
N1 ANP W . 36.49 6.66 -9.06
C2 ANP W . 36.44 5.36 -8.59
N3 ANP W . 36.23 4.28 -9.40
C4 ANP W . 36.09 4.41 -10.76
PT PT X . 20.63 -32.17 -14.09
PT PT Y . 11.75 -19.22 -19.09
PT PT Z . 11.47 -20.01 -27.03
PT PT AA . -9.66 -22.62 17.14
PT PT BA . 18.48 -50.24 15.94
PT PT CA . 11.83 -9.98 58.60
PT PT DA . 14.63 -48.69 19.59
PG ANP EA . 5.70 -25.43 14.63
O1G ANP EA . 5.87 -24.59 13.42
O2G ANP EA . 4.56 -24.87 15.61
O3G ANP EA . 5.45 -26.86 14.26
PB ANP EA . 8.13 -24.18 15.84
O1B ANP EA . 7.19 -23.10 16.13
O2B ANP EA . 9.08 -23.74 14.83
N3B ANP EA . 7.16 -25.39 15.48
PA ANP EA . 8.97 -24.78 18.77
O1A ANP EA . 9.32 -23.64 19.70
O2A ANP EA . 7.61 -25.39 19.04
O3A ANP EA . 9.04 -24.27 17.23
O5' ANP EA . 10.14 -25.88 18.80
C5' ANP EA . 9.86 -26.98 17.93
C4' ANP EA . 11.01 -28.00 18.06
O4' ANP EA . 12.25 -27.31 17.84
C3' ANP EA . 11.28 -28.61 19.43
O3' ANP EA . 11.70 -29.94 19.17
C2' ANP EA . 12.44 -27.81 20.03
O2' ANP EA . 13.38 -28.53 20.78
C1' ANP EA . 13.19 -27.16 18.91
N9 ANP EA . 13.66 -25.73 19.19
C8 ANP EA . 13.45 -24.65 18.40
N7 ANP EA . 14.00 -23.56 18.91
C5 ANP EA . 14.59 -23.94 20.05
C6 ANP EA . 15.33 -23.14 21.00
N6 ANP EA . 15.51 -21.81 20.76
N1 ANP EA . 15.86 -23.75 22.14
C2 ANP EA . 15.63 -25.11 22.30
N3 ANP EA . 14.93 -25.86 21.41
C4 ANP EA . 14.39 -25.31 20.26
PG ANP FA . 22.18 -29.28 -26.60
O1G ANP FA . 21.73 -27.87 -26.56
O2G ANP FA . 21.31 -30.24 -25.64
O3G ANP FA . 22.20 -29.78 -28.01
PB ANP FA . 24.36 -29.16 -24.55
O1B ANP FA . 23.40 -29.95 -23.74
O2B ANP FA . 24.52 -27.80 -23.99
N3B ANP FA . 23.77 -29.30 -26.02
PA ANP FA . 26.58 -30.62 -23.01
O1A ANP FA . 27.89 -29.93 -22.76
O2A ANP FA . 25.72 -30.68 -21.79
O3A ANP FA . 25.80 -29.90 -24.20
O5' ANP FA . 26.86 -32.08 -23.59
C5' ANP FA . 25.68 -32.82 -23.85
C4' ANP FA . 26.12 -34.22 -24.31
O4' ANP FA . 27.41 -34.13 -24.96
C3' ANP FA . 26.44 -35.23 -23.22
O3' ANP FA . 26.01 -36.47 -23.70
C2' ANP FA . 27.96 -35.23 -23.08
O2' ANP FA . 28.57 -36.46 -22.86
C1' ANP FA . 28.57 -34.69 -24.32
N9 ANP FA . 29.72 -33.71 -24.04
C8 ANP FA . 29.89 -32.51 -24.63
N7 ANP FA . 30.97 -31.89 -24.18
C5 ANP FA . 31.50 -32.71 -23.27
C6 ANP FA . 32.68 -32.53 -22.46
N6 ANP FA . 33.40 -31.39 -22.60
N1 ANP FA . 33.07 -33.53 -21.57
C2 ANP FA . 32.26 -34.64 -21.51
N3 ANP FA . 31.15 -34.82 -22.28
C4 ANP FA . 30.72 -33.87 -23.17
#